data_9C1P
#
_entry.id   9C1P
#
_cell.length_a   1.00
_cell.length_b   1.00
_cell.length_c   1.00
_cell.angle_alpha   90.00
_cell.angle_beta   90.00
_cell.angle_gamma   90.00
#
_symmetry.space_group_name_H-M   'P 1'
#
loop_
_entity.id
_entity.type
_entity.pdbx_description
1 polymer 'Extracellular calcium-sensing receptor'
2 polymer 'Extracellular calcium-sensing receptor'
3 non-polymer 2-acetamido-2-deoxy-beta-D-glucopyranose
4 non-polymer 'CALCIUM ION'
5 non-polymer TRYPTOPHAN
6 non-polymer 'PHOSPHATE ION'
7 non-polymer (5R)-N-[2-(1,2-benzothiazol-3-yl)ethyl]-1-methyl-2,3,4,5-tetrahydro-1H-1-benzazepin-5-amine
#
loop_
_entity_poly.entity_id
_entity_poly.type
_entity_poly.pdbx_seq_one_letter_code
_entity_poly.pdbx_strand_id
1 'polypeptide(L)'
;WSHPQFEKGGGSGGGSGGSAWSHPQFEKGSAAAYGPDQRAQKKGDIILGGLFPIHFGVAAKDQDLKSRPESVECIRYNFR
GFRWLQAMIFAIEEINSSPALLPNLTLGYRIFDTCNTVSKALEATLSFVAQNKIDSLNLDEFCNCSEHIPSTIAVVGATG
SGVSTAVANLLGLFYIPQVSYASSSRLLSNKNQFKSFLRTIPNDEHQATAMADIIEYFRWNWVGTIAADDDYGRPGIEKF
REEAEERDICIDFSELISQYSDEEEIQHVVEVIQNSTAKVIVVFSSGPDLEPLIKEIVRRNITGKIWLASEAWASSSLIA
MPQYFHVVGGTIGFALKAGQIPGFREFLKKVHPRKSVHNGFAKEFWEETFNCHLQEGAKGPLPVDTFLRGHEESGDRFSN
SSTAFRPLCTGDENISSVETPYIDYTHLRISYNVYLAVYSIAHALQDIYTCLPGRGLFTNGSCADIKKVEAWQVLKHLRH
LNFTNNMGEQVTFDECGDLVGNYSIINWHLSPEDGSIVFKEVGYYNVYAKKGERLFINEEKILWSGFSREVPFSNCSRDC
LAGTRKGIIEGEPTCCFECVECPDGEYSDETDASACNKCPDDFWSNENHTSCIAKEIEFLSWTEPFGIALTLFAVLGIFL
TAFVLGVFIKFRNTPIVKATNRELSYLLLFSLLCCFSSSLFFIGEPQDWTCRLRQPAFGISFVLCISCILVKTNRVLLVF
EAKIPTSFHRKWWGLNLQFLLVFLCTFMQIVICVIWLYTAPPSSYRNQELEDEIIFITCHEGSLMALGFLIGYTCLLAAI
CFFFAFKSRKLPENFNEAKFITFSMLIFFIVWISFIPAYASTYGKFVSAVEVIAILAASFGLLACIFFNKIYIILFKPSR
NTIEEVRCSTAAHAFKVAARATLRRSNVTGSSTNNNEEEKSRLLEKENRELEKIIAEKEERVSELRHQLQSRQQLKKTN
;
A
2 'polypeptide(L)'
;DYKDDDDKAAAYGPDQRAQKKGDIILGGLFPIHFGVAAKDQDLKSRPESVECIRYNFRGFRWLQAMIFAIEEINSSPALL
PNLTLGYRIFDTCNTVSKALEATLSFVAQNKIDSLNLDEFCNCSEHIPSTIAVVGATGSGVSTAVANLLGLFYIPQVSYA
SSSRLLSNKNQFKSFLRTIPNDEHQATAMADIIEYFRWNWVGTIAADDDYGRPGIEKFREEAEERDICIDFSELISQYSD
EEEIQHVVEVIQNSTAKVIVVFSSGPDLEPLIKEIVRRNITGKIWLASEAWASSSLIAMPQYFHVVGGTIGFALKAGQIP
GFREFLKKVHPRKSVHNGFAKEFWEETFNCHLQEGAKGPLPVDTFLRGHEESGDRFSNSSTAFRPLCTGDENISSVETPY
IDYTHLRISYNVYLAVYSIAHALQDIYTCLPGRGLFTNGSCADIKKVEAWQVLKHLRHLNFTNNMGEQVTFDECGDLVGN
YSIINWHLSPEDGSIVFKEVGYYNVYAKKGERLFINEEKILWSGFSREVPFSNCSRDCLAGTRKGIIEGEPTCCFECVEC
PDGEYSDETDASACNKCPDDFWSNENHTSCIAKEIEFLSWTEPFGIALTLFAVLGIFLTAFVLGVFIKFRNTPIVKATNR
ELSYLLLFSLLCCFSSSLFFIGEPQDWTCRLRQPAFGISFVLCISCILVKTNRVLLVFEAKIPTSFHRKWWGLNLQFLLV
FLCTFMQIVICVIWLYTAPPSSYRNQELEDEIIFITCHEGSLMALGFLIGYTCLLAAICFFFAFKSRKLPENFNEAKFIT
FSMLIFFIVWISFIPAYASTYGKFVSAVEVIAILAASFGLLACIFFNKIYIILFKPSRNTIEEVRCSTAAHAFKVAARAT
LRRSNVTSTSVTSVNQASTSRLEGLQSENHRLRMKITELDKDLEEVTMQLQDTPEKKTN
;
B
#
loop_
_chem_comp.id
_chem_comp.type
_chem_comp.name
_chem_comp.formula
A1ATP non-polymer (5R)-N-[2-(1,2-benzothiazol-3-yl)ethyl]-1-methyl-2,3,4,5-tetrahydro-1H-1-benzazepin-5-amine 'C20 H23 N3 S'
CA non-polymer 'CALCIUM ION' 'Ca 2'
NAG D-saccharide, beta linking 2-acetamido-2-deoxy-beta-D-glucopyranose 'C8 H15 N O6'
PO4 non-polymer 'PHOSPHATE ION' 'O4 P -3'
#
# COMPACT_ATOMS: atom_id res chain seq x y z
N TYR A 34 -53.96 -22.60 -23.35
CA TYR A 34 -52.51 -22.48 -23.34
C TYR A 34 -51.99 -22.20 -21.93
N GLY A 35 -50.86 -22.81 -21.58
CA GLY A 35 -50.25 -22.61 -20.29
C GLY A 35 -50.39 -23.81 -19.39
N PRO A 36 -49.82 -23.73 -18.19
CA PRO A 36 -49.91 -24.84 -17.24
C PRO A 36 -51.32 -25.00 -16.69
N ASP A 37 -51.60 -26.22 -16.22
CA ASP A 37 -52.93 -26.52 -15.68
C ASP A 37 -53.22 -25.73 -14.41
N GLN A 38 -52.22 -25.61 -13.52
CA GLN A 38 -52.42 -24.91 -12.27
C GLN A 38 -52.39 -23.41 -12.49
N ARG A 39 -53.44 -22.72 -12.04
CA ARG A 39 -53.57 -21.29 -12.25
C ARG A 39 -54.67 -20.75 -11.36
N ALA A 40 -54.81 -19.43 -11.34
CA ALA A 40 -55.94 -18.74 -10.74
C ALA A 40 -56.55 -17.85 -11.80
N GLN A 41 -57.86 -18.00 -12.03
CA GLN A 41 -58.52 -17.36 -13.16
C GLN A 41 -59.87 -16.79 -12.76
N LYS A 42 -60.19 -15.64 -13.32
CA LYS A 42 -61.51 -15.02 -13.17
C LYS A 42 -61.80 -14.20 -14.41
N LYS A 43 -63.08 -13.95 -14.66
CA LYS A 43 -63.51 -13.21 -15.84
C LYS A 43 -63.92 -11.80 -15.48
N GLY A 44 -63.80 -10.91 -16.46
CA GLY A 44 -64.14 -9.51 -16.26
C GLY A 44 -63.96 -8.75 -17.56
N ASP A 45 -64.32 -7.47 -17.51
CA ASP A 45 -64.20 -6.63 -18.70
C ASP A 45 -62.73 -6.42 -19.08
N ILE A 46 -61.86 -6.24 -18.08
CA ILE A 46 -60.44 -6.04 -18.32
C ILE A 46 -59.67 -7.07 -17.48
N ILE A 47 -58.71 -7.73 -18.11
CA ILE A 47 -57.97 -8.84 -17.51
C ILE A 47 -56.56 -8.38 -17.17
N LEU A 48 -56.09 -8.76 -15.98
CA LEU A 48 -54.76 -8.43 -15.50
C LEU A 48 -53.95 -9.71 -15.31
N GLY A 49 -52.64 -9.61 -15.53
CA GLY A 49 -51.76 -10.75 -15.36
C GLY A 49 -50.93 -10.69 -14.09
N GLY A 50 -50.36 -11.82 -13.69
CA GLY A 50 -49.52 -11.85 -12.52
C GLY A 50 -48.61 -13.06 -12.53
N LEU A 51 -47.46 -12.94 -11.88
CA LEU A 51 -46.50 -14.02 -11.77
C LEU A 51 -45.96 -14.04 -10.34
N PHE A 52 -46.12 -15.16 -9.66
CA PHE A 52 -45.67 -15.31 -8.28
C PHE A 52 -44.91 -16.61 -8.09
N PRO A 53 -43.88 -16.62 -7.25
CA PRO A 53 -43.08 -17.84 -7.00
C PRO A 53 -43.66 -18.74 -5.91
N ILE A 54 -44.65 -19.55 -6.30
CA ILE A 54 -45.25 -20.49 -5.36
C ILE A 54 -44.27 -21.57 -4.93
N HIS A 55 -43.22 -21.80 -5.72
CA HIS A 55 -42.20 -22.79 -5.41
C HIS A 55 -40.83 -22.13 -5.37
N PHE A 56 -39.90 -22.79 -4.66
CA PHE A 56 -38.57 -22.24 -4.50
C PHE A 56 -37.65 -22.60 -5.66
N GLY A 57 -37.84 -23.75 -6.27
CA GLY A 57 -37.00 -24.15 -7.40
C GLY A 57 -37.43 -25.50 -7.92
N VAL A 58 -36.86 -25.87 -9.05
CA VAL A 58 -37.20 -27.10 -9.75
C VAL A 58 -36.39 -28.26 -9.19
N ALA A 59 -36.84 -29.48 -9.50
CA ALA A 59 -36.13 -30.67 -9.07
C ALA A 59 -34.85 -30.83 -9.90
N ALA A 60 -33.73 -31.05 -9.21
CA ALA A 60 -32.43 -31.16 -9.86
C ALA A 60 -32.18 -32.60 -10.29
N LYS A 61 -31.90 -32.78 -11.59
CA LYS A 61 -31.59 -34.09 -12.13
C LYS A 61 -30.83 -33.91 -13.43
N ASP A 62 -30.14 -34.97 -13.84
CA ASP A 62 -29.38 -34.98 -15.09
C ASP A 62 -30.22 -35.67 -16.15
N GLN A 63 -30.57 -34.94 -17.20
CA GLN A 63 -31.44 -35.44 -18.26
C GLN A 63 -30.57 -35.86 -19.45
N ASP A 64 -30.48 -37.17 -19.66
CA ASP A 64 -29.83 -37.71 -20.83
C ASP A 64 -30.85 -37.91 -21.93
N LEU A 65 -30.58 -37.37 -23.12
CA LEU A 65 -31.55 -37.38 -24.21
C LEU A 65 -31.63 -38.75 -24.87
N LYS A 66 -32.12 -39.71 -24.10
CA LYS A 66 -32.42 -41.06 -24.59
C LYS A 66 -33.91 -41.29 -24.77
N SER A 67 -34.74 -40.68 -23.93
CA SER A 67 -36.18 -40.65 -24.10
C SER A 67 -36.63 -39.21 -24.29
N ARG A 68 -37.83 -39.04 -24.81
CA ARG A 68 -38.35 -37.70 -25.09
C ARG A 68 -38.45 -36.90 -23.79
N PRO A 69 -37.95 -35.66 -23.77
CA PRO A 69 -37.97 -34.89 -22.52
C PRO A 69 -39.39 -34.60 -22.05
N GLU A 70 -39.56 -34.56 -20.74
CA GLU A 70 -40.85 -34.30 -20.12
C GLU A 70 -40.78 -33.00 -19.32
N SER A 71 -41.94 -32.58 -18.83
CA SER A 71 -42.02 -31.36 -18.03
C SER A 71 -41.33 -31.55 -16.69
N VAL A 72 -40.58 -30.54 -16.28
CA VAL A 72 -39.87 -30.55 -15.00
C VAL A 72 -40.80 -29.98 -13.94
N GLU A 73 -40.65 -30.46 -12.71
CA GLU A 73 -41.50 -30.06 -11.59
C GLU A 73 -40.67 -29.34 -10.54
N CYS A 74 -41.27 -28.33 -9.92
CA CYS A 74 -40.66 -27.61 -8.81
C CYS A 74 -41.08 -28.25 -7.49
N ILE A 75 -40.21 -28.17 -6.49
CA ILE A 75 -40.30 -29.06 -5.33
C ILE A 75 -40.88 -28.36 -4.10
N ARG A 76 -40.17 -27.35 -3.59
CA ARG A 76 -40.50 -26.79 -2.28
C ARG A 76 -41.57 -25.71 -2.41
N TYR A 77 -42.27 -25.46 -1.30
CA TYR A 77 -43.42 -24.57 -1.27
C TYR A 77 -43.05 -23.22 -0.69
N ASN A 78 -43.81 -22.19 -1.08
CA ASN A 78 -43.53 -20.80 -0.70
C ASN A 78 -44.81 -20.13 -0.19
N PHE A 79 -45.01 -20.20 1.14
CA PHE A 79 -46.17 -19.56 1.75
C PHE A 79 -46.15 -18.06 1.56
N ARG A 80 -44.96 -17.46 1.55
CA ARG A 80 -44.84 -16.02 1.33
C ARG A 80 -45.29 -15.63 -0.07
N GLY A 81 -44.90 -16.42 -1.08
CA GLY A 81 -45.40 -16.17 -2.42
C GLY A 81 -46.90 -16.35 -2.54
N PHE A 82 -47.43 -17.36 -1.85
CA PHE A 82 -48.89 -17.52 -1.84
C PHE A 82 -49.57 -16.32 -1.21
N ARG A 83 -48.99 -15.77 -0.14
CA ARG A 83 -49.54 -14.57 0.49
C ARG A 83 -49.49 -13.39 -0.46
N TRP A 84 -48.42 -13.26 -1.24
CA TRP A 84 -48.35 -12.21 -2.25
C TRP A 84 -49.47 -12.35 -3.28
N LEU A 85 -49.70 -13.58 -3.74
CA LEU A 85 -50.79 -13.83 -4.69
C LEU A 85 -52.14 -13.45 -4.09
N GLN A 86 -52.36 -13.81 -2.83
CA GLN A 86 -53.61 -13.45 -2.16
C GLN A 86 -53.73 -11.92 -2.03
N ALA A 87 -52.61 -11.23 -1.82
CA ALA A 87 -52.65 -9.77 -1.76
C ALA A 87 -53.12 -9.18 -3.08
N MET A 88 -52.58 -9.70 -4.19
CA MET A 88 -53.03 -9.20 -5.49
C MET A 88 -54.52 -9.47 -5.71
N ILE A 89 -54.97 -10.69 -5.38
CA ILE A 89 -56.38 -11.03 -5.57
C ILE A 89 -57.27 -10.15 -4.71
N PHE A 90 -56.87 -9.91 -3.46
CA PHE A 90 -57.64 -9.05 -2.57
C PHE A 90 -57.71 -7.63 -3.10
N ALA A 91 -56.60 -7.10 -3.62
CA ALA A 91 -56.62 -5.74 -4.16
C ALA A 91 -57.58 -5.65 -5.34
N ILE A 92 -57.55 -6.62 -6.25
CA ILE A 92 -58.45 -6.60 -7.39
C ILE A 92 -59.90 -6.69 -6.94
N GLU A 93 -60.20 -7.59 -6.00
CA GLU A 93 -61.58 -7.75 -5.55
C GLU A 93 -62.09 -6.50 -4.83
N GLU A 94 -61.23 -5.87 -4.01
CA GLU A 94 -61.63 -4.64 -3.34
C GLU A 94 -61.87 -3.52 -4.34
N ILE A 95 -61.04 -3.44 -5.38
CA ILE A 95 -61.25 -2.43 -6.42
C ILE A 95 -62.59 -2.65 -7.11
N ASN A 96 -62.92 -3.92 -7.40
CA ASN A 96 -64.23 -4.21 -8.00
C ASN A 96 -65.36 -3.84 -7.06
N SER A 97 -65.20 -4.10 -5.77
CA SER A 97 -66.28 -3.80 -4.82
C SER A 97 -66.49 -2.31 -4.65
N SER A 98 -65.41 -1.53 -4.65
CA SER A 98 -65.53 -0.09 -4.40
C SER A 98 -66.18 0.61 -5.59
N PRO A 99 -67.28 1.34 -5.39
CA PRO A 99 -67.95 2.01 -6.52
C PRO A 99 -67.39 3.38 -6.87
N ALA A 100 -66.39 3.87 -6.14
CA ALA A 100 -65.81 5.17 -6.43
C ALA A 100 -64.76 5.12 -7.53
N LEU A 101 -64.33 3.92 -7.94
CA LEU A 101 -63.29 3.75 -8.94
C LEU A 101 -63.81 2.86 -10.04
N LEU A 102 -63.77 3.34 -11.29
CA LEU A 102 -64.19 2.62 -12.47
C LEU A 102 -65.61 2.07 -12.33
N PRO A 103 -66.63 2.93 -12.31
CA PRO A 103 -68.01 2.43 -12.23
C PRO A 103 -68.39 1.69 -13.50
N ASN A 104 -69.29 0.70 -13.34
CA ASN A 104 -69.82 -0.09 -14.45
C ASN A 104 -68.70 -0.75 -15.25
N LEU A 105 -67.75 -1.36 -14.53
CA LEU A 105 -66.61 -2.02 -15.16
C LEU A 105 -65.99 -2.97 -14.17
N THR A 106 -65.74 -4.20 -14.60
CA THR A 106 -65.21 -5.25 -13.74
C THR A 106 -63.84 -5.70 -14.24
N LEU A 107 -63.01 -6.16 -13.30
CA LEU A 107 -61.66 -6.62 -13.59
C LEU A 107 -61.53 -8.11 -13.34
N GLY A 108 -60.76 -8.79 -14.19
CA GLY A 108 -60.40 -10.17 -14.00
C GLY A 108 -58.89 -10.32 -13.80
N TYR A 109 -58.47 -11.57 -13.67
CA TYR A 109 -57.06 -11.85 -13.46
C TYR A 109 -56.68 -13.18 -14.08
N ARG A 110 -55.38 -13.35 -14.33
CA ARG A 110 -54.81 -14.58 -14.87
C ARG A 110 -53.41 -14.72 -14.26
N ILE A 111 -53.30 -15.56 -13.23
CA ILE A 111 -52.09 -15.64 -12.43
C ILE A 111 -51.50 -17.04 -12.53
N PHE A 112 -50.18 -17.12 -12.69
CA PHE A 112 -49.48 -18.39 -12.87
C PHE A 112 -48.36 -18.50 -11.84
N ASP A 113 -47.65 -19.62 -11.88
CA ASP A 113 -46.57 -19.93 -10.96
C ASP A 113 -45.24 -19.94 -11.70
N THR A 114 -44.17 -19.54 -11.01
CA THR A 114 -42.84 -19.44 -11.60
C THR A 114 -41.86 -20.48 -11.10
N CYS A 115 -41.98 -20.92 -9.84
CA CYS A 115 -40.97 -21.77 -9.19
C CYS A 115 -39.58 -21.14 -9.25
N ASN A 116 -39.54 -19.81 -9.34
CA ASN A 116 -38.30 -19.03 -9.36
C ASN A 116 -37.40 -19.42 -10.55
N THR A 117 -38.01 -19.81 -11.66
CA THR A 117 -37.28 -20.28 -12.83
C THR A 117 -37.68 -19.48 -14.05
N VAL A 118 -36.71 -19.22 -14.94
CA VAL A 118 -36.99 -18.46 -16.15
C VAL A 118 -37.85 -19.27 -17.12
N SER A 119 -37.59 -20.57 -17.22
CA SER A 119 -38.31 -21.39 -18.19
C SER A 119 -39.80 -21.45 -17.89
N LYS A 120 -40.16 -21.57 -16.61
CA LYS A 120 -41.57 -21.65 -16.25
C LYS A 120 -42.28 -20.33 -16.49
N ALA A 121 -41.59 -19.21 -16.24
CA ALA A 121 -42.22 -17.90 -16.43
C ALA A 121 -42.41 -17.56 -17.90
N LEU A 122 -41.56 -18.09 -18.77
CA LEU A 122 -41.69 -17.80 -20.19
C LEU A 122 -42.88 -18.53 -20.81
N GLU A 123 -43.23 -19.70 -20.27
CA GLU A 123 -44.42 -20.40 -20.75
C GLU A 123 -45.68 -19.59 -20.44
N ALA A 124 -45.76 -19.02 -19.24
CA ALA A 124 -46.92 -18.23 -18.87
C ALA A 124 -46.98 -16.92 -19.64
N THR A 125 -45.83 -16.30 -19.90
CA THR A 125 -45.80 -15.05 -20.64
C THR A 125 -46.24 -15.25 -22.09
N LEU A 126 -45.98 -16.42 -22.66
CA LEU A 126 -46.41 -16.69 -24.04
C LEU A 126 -47.93 -16.72 -24.15
N SER A 127 -48.62 -17.10 -23.08
CA SER A 127 -50.08 -17.06 -23.08
C SER A 127 -50.64 -15.67 -22.80
N PHE A 128 -49.81 -14.76 -22.28
CA PHE A 128 -50.27 -13.40 -22.05
C PHE A 128 -50.37 -12.61 -23.35
N VAL A 129 -49.42 -12.83 -24.27
CA VAL A 129 -49.37 -12.08 -25.51
C VAL A 129 -50.12 -12.75 -26.65
N ALA A 130 -50.69 -13.93 -26.42
CA ALA A 130 -51.44 -14.63 -27.45
C ALA A 130 -52.89 -14.18 -27.47
N PRO A 150 -58.90 -13.94 -24.82
CA PRO A 150 -58.84 -12.63 -24.18
C PRO A 150 -57.42 -12.08 -24.10
N SER A 151 -57.27 -10.76 -24.13
CA SER A 151 -55.98 -10.11 -24.07
C SER A 151 -55.81 -9.39 -22.74
N THR A 152 -54.60 -9.41 -22.21
CA THR A 152 -54.30 -8.75 -20.95
C THR A 152 -53.93 -7.29 -21.18
N ILE A 153 -54.32 -6.44 -20.23
CA ILE A 153 -54.02 -5.01 -20.31
C ILE A 153 -52.66 -4.71 -19.66
N ALA A 154 -52.38 -5.32 -18.52
CA ALA A 154 -51.12 -5.12 -17.83
C ALA A 154 -50.79 -6.36 -17.01
N VAL A 155 -49.52 -6.48 -16.64
CA VAL A 155 -49.02 -7.63 -15.89
C VAL A 155 -48.30 -7.13 -14.65
N VAL A 156 -48.57 -7.77 -13.52
CA VAL A 156 -47.85 -7.50 -12.28
C VAL A 156 -46.57 -8.32 -12.31
N GLY A 157 -45.42 -7.65 -12.21
CA GLY A 157 -44.14 -8.26 -12.50
C GLY A 157 -43.73 -9.43 -11.63
N ALA A 158 -42.53 -9.95 -11.87
CA ALA A 158 -42.04 -11.12 -11.15
C ALA A 158 -41.23 -10.67 -9.93
N THR A 159 -40.54 -11.63 -9.30
CA THR A 159 -39.75 -11.36 -8.10
C THR A 159 -38.26 -11.24 -8.43
N GLY A 160 -37.68 -12.24 -9.07
CA GLY A 160 -36.27 -12.22 -9.39
C GLY A 160 -35.96 -11.26 -10.53
N SER A 161 -34.75 -10.69 -10.48
CA SER A 161 -34.36 -9.70 -11.47
C SER A 161 -34.15 -10.34 -12.84
N GLY A 162 -33.54 -11.52 -12.89
CA GLY A 162 -33.36 -12.20 -14.17
C GLY A 162 -34.68 -12.62 -14.78
N VAL A 163 -35.59 -13.15 -13.96
CA VAL A 163 -36.92 -13.50 -14.46
C VAL A 163 -37.66 -12.27 -14.96
N SER A 164 -37.54 -11.16 -14.22
CA SER A 164 -38.17 -9.91 -14.65
C SER A 164 -37.61 -9.43 -15.98
N THR A 165 -36.29 -9.52 -16.16
CA THR A 165 -35.67 -9.13 -17.42
C THR A 165 -36.17 -10.01 -18.56
N ALA A 166 -36.21 -11.32 -18.34
CA ALA A 166 -36.67 -12.24 -19.38
C ALA A 166 -38.12 -11.98 -19.76
N VAL A 167 -38.98 -11.71 -18.76
CA VAL A 167 -40.38 -11.44 -19.05
C VAL A 167 -40.53 -10.10 -19.75
N ALA A 168 -39.78 -9.08 -19.31
CA ALA A 168 -39.91 -7.74 -19.88
C ALA A 168 -39.41 -7.68 -21.32
N ASN A 169 -38.41 -8.48 -21.66
CA ASN A 169 -37.93 -8.50 -23.04
C ASN A 169 -39.05 -8.91 -23.99
N LEU A 170 -39.86 -9.90 -23.61
CA LEU A 170 -40.99 -10.30 -24.43
C LEU A 170 -42.16 -9.33 -24.31
N LEU A 171 -42.38 -8.76 -23.12
CA LEU A 171 -43.54 -7.90 -22.91
C LEU A 171 -43.40 -6.56 -23.61
N GLY A 172 -42.17 -6.07 -23.78
CA GLY A 172 -41.97 -4.78 -24.41
C GLY A 172 -42.23 -4.75 -25.90
N LEU A 173 -42.34 -5.93 -26.54
CA LEU A 173 -42.64 -5.98 -27.96
C LEU A 173 -44.04 -5.44 -28.26
N PHE A 174 -45.02 -5.77 -27.42
CA PHE A 174 -46.40 -5.38 -27.62
C PHE A 174 -46.81 -4.17 -26.80
N TYR A 175 -45.85 -3.54 -26.10
CA TYR A 175 -46.11 -2.33 -25.31
C TYR A 175 -47.15 -2.58 -24.23
N ILE A 176 -47.09 -3.75 -23.60
CA ILE A 176 -47.94 -4.08 -22.45
C ILE A 176 -47.21 -3.62 -21.19
N PRO A 177 -47.77 -2.70 -20.42
CA PRO A 177 -47.09 -2.23 -19.21
C PRO A 177 -46.90 -3.36 -18.20
N GLN A 178 -45.75 -3.34 -17.52
CA GLN A 178 -45.40 -4.34 -16.52
C GLN A 178 -44.92 -3.63 -15.27
N VAL A 179 -45.57 -3.87 -14.15
CA VAL A 179 -45.23 -3.27 -12.86
C VAL A 179 -44.75 -4.37 -11.93
N SER A 180 -43.49 -4.29 -11.52
CA SER A 180 -42.88 -5.25 -10.61
C SER A 180 -42.92 -4.74 -9.18
N TYR A 181 -42.88 -5.68 -8.23
CA TYR A 181 -42.93 -5.35 -6.82
C TYR A 181 -41.66 -5.67 -6.06
N ALA A 182 -40.78 -6.51 -6.61
CA ALA A 182 -39.61 -6.96 -5.87
C ALA A 182 -38.31 -6.94 -6.66
N SER A 183 -38.32 -6.52 -7.92
CA SER A 183 -37.11 -6.46 -8.72
C SER A 183 -36.46 -5.09 -8.55
N SER A 184 -35.25 -5.07 -8.00
CA SER A 184 -34.57 -3.82 -7.66
C SER A 184 -33.23 -3.67 -8.36
N SER A 185 -32.99 -4.44 -9.42
CA SER A 185 -31.74 -4.31 -10.16
C SER A 185 -31.67 -2.97 -10.89
N ARG A 186 -30.49 -2.37 -10.89
CA ARG A 186 -30.29 -1.11 -11.61
C ARG A 186 -30.29 -1.29 -13.12
N LEU A 187 -30.16 -2.51 -13.62
CA LEU A 187 -30.20 -2.75 -15.06
C LEU A 187 -31.60 -2.56 -15.63
N LEU A 188 -32.63 -2.66 -14.80
CA LEU A 188 -34.01 -2.50 -15.26
C LEU A 188 -34.44 -1.04 -15.35
N SER A 189 -33.57 -0.10 -14.98
CA SER A 189 -33.86 1.32 -15.11
C SER A 189 -33.47 1.89 -16.47
N ASN A 190 -32.92 1.06 -17.35
CA ASN A 190 -32.56 1.51 -18.69
C ASN A 190 -33.80 1.42 -19.59
N LYS A 191 -34.26 2.58 -20.07
CA LYS A 191 -35.48 2.66 -20.85
C LYS A 191 -35.25 2.49 -22.34
N ASN A 192 -34.01 2.34 -22.79
CA ASN A 192 -33.74 2.05 -24.19
C ASN A 192 -34.04 0.61 -24.54
N GLN A 193 -33.91 -0.30 -23.57
CA GLN A 193 -34.19 -1.72 -23.78
C GLN A 193 -35.53 -2.15 -23.19
N PHE A 194 -35.96 -1.53 -22.10
CA PHE A 194 -37.20 -1.89 -21.42
C PHE A 194 -38.16 -0.72 -21.54
N LYS A 195 -39.03 -0.77 -22.55
CA LYS A 195 -39.88 0.36 -22.89
C LYS A 195 -41.06 0.53 -21.95
N SER A 196 -41.53 -0.56 -21.33
CA SER A 196 -42.77 -0.53 -20.55
C SER A 196 -42.59 -1.24 -19.22
N PHE A 197 -41.50 -0.95 -18.52
CA PHE A 197 -41.24 -1.52 -17.20
C PHE A 197 -41.30 -0.44 -16.14
N LEU A 198 -42.09 -0.68 -15.10
CA LEU A 198 -42.15 0.17 -13.91
C LEU A 198 -42.08 -0.72 -12.68
N ARG A 199 -41.78 -0.11 -11.53
CA ARG A 199 -41.70 -0.85 -10.29
C ARG A 199 -42.10 0.05 -9.13
N THR A 200 -42.59 -0.58 -8.07
CA THR A 200 -42.93 0.10 -6.82
C THR A 200 -41.82 -0.01 -5.79
N ILE A 201 -40.67 -0.58 -6.15
CA ILE A 201 -39.56 -0.78 -5.22
C ILE A 201 -38.36 0.03 -5.73
N PRO A 202 -37.59 0.67 -4.86
CA PRO A 202 -36.42 1.42 -5.32
C PRO A 202 -35.28 0.49 -5.71
N ASN A 203 -34.35 1.05 -6.48
CA ASN A 203 -33.18 0.30 -6.91
C ASN A 203 -32.12 0.26 -5.81
N ASP A 204 -31.08 -0.54 -6.05
CA ASP A 204 -30.14 -0.94 -5.00
C ASP A 204 -28.93 -0.03 -4.86
N GLU A 205 -28.84 1.06 -5.64
CA GLU A 205 -27.70 1.95 -5.51
C GLU A 205 -27.66 2.60 -4.13
N HIS A 206 -28.82 3.02 -3.62
CA HIS A 206 -28.87 3.61 -2.29
C HIS A 206 -28.45 2.62 -1.22
N GLN A 207 -28.88 1.36 -1.35
CA GLN A 207 -28.49 0.33 -0.39
C GLN A 207 -26.99 0.05 -0.44
N ALA A 208 -26.41 0.02 -1.64
CA ALA A 208 -24.98 -0.20 -1.76
C ALA A 208 -24.19 0.96 -1.17
N THR A 209 -24.69 2.19 -1.34
CA THR A 209 -24.07 3.34 -0.69
C THR A 209 -24.20 3.26 0.83
N ALA A 210 -25.36 2.80 1.31
CA ALA A 210 -25.60 2.69 2.74
C ALA A 210 -24.68 1.68 3.40
N MET A 211 -24.36 0.60 2.69
CA MET A 211 -23.44 -0.40 3.22
C MET A 211 -22.06 0.23 3.50
N ALA A 212 -21.54 0.98 2.52
CA ALA A 212 -20.27 1.67 2.71
C ALA A 212 -20.37 2.72 3.80
N ASP A 213 -21.52 3.40 3.89
CA ASP A 213 -21.70 4.39 4.95
C ASP A 213 -21.63 3.74 6.32
N ILE A 214 -22.27 2.58 6.49
CA ILE A 214 -22.23 1.86 7.76
C ILE A 214 -20.80 1.42 8.07
N ILE A 215 -20.10 0.87 7.07
CA ILE A 215 -18.74 0.41 7.28
C ILE A 215 -17.85 1.56 7.72
N GLU A 216 -17.97 2.72 7.05
CA GLU A 216 -17.19 3.88 7.44
C GLU A 216 -17.59 4.41 8.81
N TYR A 217 -18.87 4.27 9.18
CA TYR A 217 -19.33 4.74 10.48
C TYR A 217 -18.77 3.88 11.61
N PHE A 218 -18.61 2.58 11.39
CA PHE A 218 -18.08 1.71 12.43
C PHE A 218 -16.57 1.58 12.37
N ARG A 219 -15.90 2.30 11.47
CA ARG A 219 -14.44 2.40 11.42
C ARG A 219 -13.78 1.03 11.20
N TRP A 220 -14.11 0.44 10.05
CA TRP A 220 -13.45 -0.78 9.59
C TRP A 220 -12.78 -0.51 8.25
N ASN A 221 -11.69 -1.24 7.98
CA ASN A 221 -11.01 -1.13 6.70
C ASN A 221 -10.54 -2.49 6.17
N TRP A 222 -11.13 -3.59 6.63
CA TRP A 222 -10.68 -4.92 6.23
C TRP A 222 -11.92 -5.82 6.18
N VAL A 223 -12.51 -5.95 4.99
CA VAL A 223 -13.77 -6.67 4.81
C VAL A 223 -13.66 -7.61 3.62
N GLY A 224 -14.61 -8.55 3.57
CA GLY A 224 -14.75 -9.43 2.43
C GLY A 224 -16.16 -9.36 1.87
N THR A 225 -16.30 -9.83 0.64
CA THR A 225 -17.58 -9.77 -0.07
C THR A 225 -17.95 -11.11 -0.67
N ILE A 226 -19.24 -11.40 -0.68
CA ILE A 226 -19.80 -12.59 -1.32
C ILE A 226 -21.07 -12.18 -2.05
N ALA A 227 -21.26 -12.70 -3.27
CA ALA A 227 -22.41 -12.33 -4.08
C ALA A 227 -22.96 -13.55 -4.80
N ALA A 228 -24.24 -13.48 -5.16
CA ALA A 228 -24.87 -14.50 -5.97
C ALA A 228 -24.64 -14.20 -7.46
N ASP A 229 -24.48 -15.27 -8.24
CA ASP A 229 -24.18 -15.14 -9.66
C ASP A 229 -25.48 -14.99 -10.45
N ASP A 230 -26.00 -13.76 -10.44
CA ASP A 230 -27.22 -13.44 -11.17
C ASP A 230 -27.26 -11.93 -11.38
N ASP A 231 -28.33 -11.46 -12.01
CA ASP A 231 -28.52 -10.04 -12.33
C ASP A 231 -28.86 -9.19 -11.12
N TYR A 232 -28.82 -9.72 -9.91
CA TYR A 232 -29.15 -8.98 -8.70
C TYR A 232 -27.94 -8.68 -7.82
N GLY A 233 -27.01 -9.62 -7.71
CA GLY A 233 -25.88 -9.45 -6.82
C GLY A 233 -24.66 -8.79 -7.45
N ARG A 234 -24.39 -9.08 -8.71
CA ARG A 234 -23.19 -8.56 -9.36
C ARG A 234 -23.19 -7.04 -9.49
N PRO A 235 -24.23 -6.38 -10.02
CA PRO A 235 -24.18 -4.91 -10.07
C PRO A 235 -24.14 -4.27 -8.70
N GLY A 236 -24.83 -4.85 -7.70
CA GLY A 236 -24.77 -4.32 -6.36
C GLY A 236 -23.38 -4.39 -5.77
N ILE A 237 -22.70 -5.52 -5.99
CA ILE A 237 -21.34 -5.68 -5.49
C ILE A 237 -20.40 -4.73 -6.23
N GLU A 238 -20.63 -4.50 -7.52
CA GLU A 238 -19.81 -3.54 -8.25
C GLU A 238 -19.96 -2.13 -7.69
N LYS A 239 -21.20 -1.72 -7.44
CA LYS A 239 -21.45 -0.39 -6.87
C LYS A 239 -20.84 -0.27 -5.48
N PHE A 240 -20.98 -1.31 -4.66
CA PHE A 240 -20.38 -1.28 -3.32
C PHE A 240 -18.86 -1.21 -3.40
N ARG A 241 -18.27 -1.93 -4.37
CA ARG A 241 -16.83 -1.85 -4.56
C ARG A 241 -16.40 -0.45 -4.93
N GLU A 242 -17.15 0.21 -5.82
CA GLU A 242 -16.82 1.58 -6.19
C GLU A 242 -16.88 2.50 -4.96
N GLU A 243 -17.96 2.40 -4.18
CA GLU A 243 -18.10 3.27 -3.01
C GLU A 243 -17.02 2.99 -1.97
N ALA A 244 -16.70 1.72 -1.75
CA ALA A 244 -15.66 1.37 -0.77
C ALA A 244 -14.30 1.86 -1.22
N GLU A 245 -13.98 1.73 -2.51
CA GLU A 245 -12.73 2.27 -3.02
C GLU A 245 -12.68 3.79 -2.90
N GLU A 246 -13.84 4.44 -3.01
CA GLU A 246 -13.88 5.88 -2.77
C GLU A 246 -13.63 6.21 -1.30
N ARG A 247 -14.14 5.39 -0.39
CA ARG A 247 -14.07 5.66 1.04
C ARG A 247 -12.83 5.08 1.71
N ASP A 248 -11.86 4.60 0.93
CA ASP A 248 -10.60 4.08 1.45
C ASP A 248 -10.82 2.87 2.37
N ILE A 249 -11.50 1.86 1.82
CA ILE A 249 -11.76 0.61 2.52
C ILE A 249 -11.16 -0.51 1.69
N CYS A 250 -10.39 -1.39 2.34
CA CYS A 250 -9.71 -2.48 1.65
C CYS A 250 -10.56 -3.74 1.69
N ILE A 251 -10.63 -4.44 0.57
CA ILE A 251 -11.41 -5.65 0.42
C ILE A 251 -10.46 -6.82 0.23
N ASP A 252 -10.63 -7.87 1.05
CA ASP A 252 -9.71 -9.00 1.01
C ASP A 252 -10.08 -9.98 -0.11
N PHE A 253 -11.28 -10.55 -0.05
CA PHE A 253 -11.70 -11.56 -1.01
C PHE A 253 -13.06 -11.22 -1.59
N SER A 254 -13.37 -11.84 -2.72
CA SER A 254 -14.67 -11.70 -3.37
C SER A 254 -15.01 -13.03 -4.04
N GLU A 255 -16.20 -13.55 -3.74
CA GLU A 255 -16.60 -14.87 -4.20
C GLU A 255 -18.01 -14.83 -4.79
N LEU A 256 -18.30 -15.81 -5.63
CA LEU A 256 -19.61 -15.99 -6.23
C LEU A 256 -20.18 -17.35 -5.85
N ILE A 257 -21.49 -17.37 -5.57
CA ILE A 257 -22.18 -18.59 -5.17
C ILE A 257 -23.45 -18.73 -6.01
N SER A 258 -24.06 -19.91 -5.93
CA SER A 258 -25.29 -20.19 -6.66
C SER A 258 -26.02 -21.33 -5.97
N GLN A 259 -27.32 -21.44 -6.28
CA GLN A 259 -28.13 -22.51 -5.73
C GLN A 259 -27.70 -23.88 -6.23
N TYR A 260 -27.07 -23.94 -7.40
CA TYR A 260 -26.64 -25.20 -8.00
C TYR A 260 -25.13 -25.38 -7.98
N SER A 261 -24.44 -24.72 -7.05
CA SER A 261 -23.01 -24.91 -6.90
C SER A 261 -22.70 -26.32 -6.41
N ASP A 262 -21.51 -26.81 -6.75
CA ASP A 262 -21.15 -28.18 -6.43
C ASP A 262 -20.17 -28.23 -5.26
N GLU A 263 -19.79 -29.46 -4.90
CA GLU A 263 -19.01 -29.69 -3.69
C GLU A 263 -17.67 -28.99 -3.74
N GLU A 264 -16.97 -29.07 -4.88
CA GLU A 264 -15.65 -28.47 -4.98
C GLU A 264 -15.72 -26.95 -4.82
N GLU A 265 -16.71 -26.32 -5.46
CA GLU A 265 -16.86 -24.87 -5.34
C GLU A 265 -17.19 -24.46 -3.91
N ILE A 266 -18.11 -25.19 -3.26
CA ILE A 266 -18.47 -24.85 -1.89
C ILE A 266 -17.27 -24.99 -0.96
N GLN A 267 -16.51 -26.09 -1.10
CA GLN A 267 -15.34 -26.29 -0.25
C GLN A 267 -14.27 -25.24 -0.52
N HIS A 268 -14.09 -24.84 -1.79
CA HIS A 268 -13.11 -23.82 -2.10
C HIS A 268 -13.49 -22.48 -1.46
N VAL A 269 -14.77 -22.11 -1.54
CA VAL A 269 -15.22 -20.87 -0.90
C VAL A 269 -15.03 -20.94 0.61
N VAL A 270 -15.35 -22.09 1.20
CA VAL A 270 -15.22 -22.23 2.65
C VAL A 270 -13.75 -22.12 3.06
N GLU A 271 -12.85 -22.75 2.30
CA GLU A 271 -11.43 -22.66 2.61
C GLU A 271 -10.91 -21.24 2.45
N VAL A 272 -11.39 -20.51 1.43
CA VAL A 272 -10.99 -19.12 1.27
C VAL A 272 -11.43 -18.29 2.49
N ILE A 273 -12.68 -18.48 2.92
CA ILE A 273 -13.17 -17.76 4.08
C ILE A 273 -12.36 -18.11 5.33
N GLN A 274 -12.06 -19.41 5.51
CA GLN A 274 -11.31 -19.85 6.68
C GLN A 274 -9.89 -19.28 6.68
N ASN A 275 -9.25 -19.25 5.53
CA ASN A 275 -7.89 -18.74 5.44
C ASN A 275 -7.83 -17.22 5.55
N SER A 276 -8.90 -16.52 5.20
CA SER A 276 -8.91 -15.07 5.33
C SER A 276 -8.88 -14.67 6.80
N THR A 277 -8.42 -13.44 7.04
CA THR A 277 -8.35 -12.90 8.40
C THR A 277 -9.28 -11.73 8.64
N ALA A 278 -9.99 -11.26 7.61
CA ALA A 278 -11.02 -10.25 7.81
C ALA A 278 -12.23 -10.86 8.50
N LYS A 279 -12.95 -10.02 9.26
CA LYS A 279 -14.05 -10.50 10.06
C LYS A 279 -15.42 -10.01 9.60
N VAL A 280 -15.47 -8.97 8.77
CA VAL A 280 -16.74 -8.42 8.27
C VAL A 280 -16.94 -8.89 6.84
N ILE A 281 -18.10 -9.48 6.57
CA ILE A 281 -18.42 -10.01 5.25
C ILE A 281 -19.72 -9.37 4.77
N VAL A 282 -19.71 -8.85 3.55
CA VAL A 282 -20.87 -8.22 2.94
C VAL A 282 -21.44 -9.19 1.92
N VAL A 283 -22.70 -9.57 2.09
CA VAL A 283 -23.36 -10.56 1.25
C VAL A 283 -24.51 -9.88 0.50
N PHE A 284 -24.50 -10.02 -0.83
CA PHE A 284 -25.59 -9.49 -1.68
C PHE A 284 -26.17 -10.69 -2.43
N SER A 285 -27.15 -11.37 -1.85
CA SER A 285 -27.70 -12.59 -2.41
C SER A 285 -29.09 -12.84 -1.83
N SER A 286 -29.64 -14.01 -2.10
CA SER A 286 -30.93 -14.43 -1.58
C SER A 286 -30.77 -15.77 -0.87
N GLY A 287 -31.81 -16.14 -0.13
CA GLY A 287 -31.80 -17.34 0.68
C GLY A 287 -31.57 -18.65 -0.07
N PRO A 288 -32.30 -18.86 -1.17
CA PRO A 288 -32.08 -20.09 -1.96
C PRO A 288 -30.66 -20.23 -2.47
N ASP A 289 -30.00 -19.13 -2.82
CA ASP A 289 -28.62 -19.19 -3.29
C ASP A 289 -27.61 -19.23 -2.15
N LEU A 290 -27.99 -18.75 -0.96
CA LEU A 290 -27.07 -18.70 0.17
C LEU A 290 -27.14 -19.95 1.05
N GLU A 291 -28.19 -20.76 0.91
CA GLU A 291 -28.38 -21.89 1.82
C GLU A 291 -27.23 -22.90 1.82
N PRO A 292 -26.73 -23.40 0.67
CA PRO A 292 -25.68 -24.43 0.73
C PRO A 292 -24.41 -23.99 1.45
N LEU A 293 -23.98 -22.75 1.23
CA LEU A 293 -22.77 -22.26 1.90
C LEU A 293 -22.98 -22.18 3.40
N ILE A 294 -24.16 -21.74 3.83
CA ILE A 294 -24.46 -21.69 5.26
C ILE A 294 -24.47 -23.09 5.86
N LYS A 295 -25.05 -24.05 5.14
CA LYS A 295 -25.06 -25.43 5.63
C LYS A 295 -23.64 -25.96 5.80
N GLU A 296 -22.79 -25.73 4.80
CA GLU A 296 -21.41 -26.23 4.87
C GLU A 296 -20.64 -25.55 5.98
N ILE A 297 -20.83 -24.24 6.16
CA ILE A 297 -20.14 -23.51 7.23
C ILE A 297 -20.60 -24.00 8.59
N VAL A 298 -21.89 -24.31 8.72
CA VAL A 298 -22.40 -24.87 9.97
C VAL A 298 -21.77 -26.24 10.23
N ARG A 299 -21.65 -27.05 9.19
CA ARG A 299 -21.02 -28.36 9.35
C ARG A 299 -19.55 -28.22 9.77
N ARG A 300 -18.85 -27.22 9.22
CA ARG A 300 -17.44 -27.03 9.55
C ARG A 300 -17.22 -26.25 10.84
N ASN A 301 -18.26 -25.67 11.42
CA ASN A 301 -18.19 -24.96 12.71
C ASN A 301 -17.20 -23.80 12.65
N ILE A 302 -17.54 -22.82 11.82
CA ILE A 302 -16.77 -21.57 11.69
C ILE A 302 -17.56 -20.47 12.38
N THR A 303 -16.94 -19.81 13.35
CA THR A 303 -17.58 -18.78 14.15
C THR A 303 -16.76 -17.50 14.13
N GLY A 304 -17.33 -16.44 14.69
CA GLY A 304 -16.62 -15.19 14.83
C GLY A 304 -16.64 -14.28 13.63
N LYS A 305 -17.70 -14.31 12.84
CA LYS A 305 -17.82 -13.48 11.65
C LYS A 305 -19.01 -12.54 11.78
N ILE A 306 -18.92 -11.42 11.06
CA ILE A 306 -19.95 -10.38 11.06
C ILE A 306 -20.56 -10.32 9.67
N TRP A 307 -21.87 -10.44 9.59
CA TRP A 307 -22.60 -10.51 8.33
C TRP A 307 -23.36 -9.21 8.09
N LEU A 308 -23.21 -8.66 6.89
CA LEU A 308 -23.98 -7.50 6.45
C LEU A 308 -24.90 -7.98 5.32
N ALA A 309 -26.19 -8.03 5.60
CA ALA A 309 -27.16 -8.68 4.72
C ALA A 309 -27.90 -7.65 3.86
N SER A 310 -28.18 -8.03 2.63
CA SER A 310 -29.02 -7.22 1.75
C SER A 310 -30.49 -7.51 2.04
N GLU A 311 -31.37 -6.70 1.44
CA GLU A 311 -32.80 -6.79 1.73
C GLU A 311 -33.37 -8.14 1.32
N ALA A 312 -32.79 -8.80 0.33
CA ALA A 312 -33.37 -10.04 -0.18
C ALA A 312 -33.35 -11.15 0.87
N TRP A 313 -32.26 -11.28 1.64
CA TRP A 313 -32.15 -12.33 2.63
C TRP A 313 -32.01 -11.82 4.05
N ALA A 314 -32.24 -10.53 4.29
CA ALA A 314 -32.18 -10.01 5.66
C ALA A 314 -33.34 -10.52 6.52
N SER A 315 -34.43 -10.98 5.90
CA SER A 315 -35.56 -11.53 6.63
C SER A 315 -35.96 -12.91 6.10
N SER A 316 -35.07 -13.59 5.39
CA SER A 316 -35.40 -14.89 4.82
C SER A 316 -35.59 -15.93 5.92
N SER A 317 -36.60 -16.78 5.73
CA SER A 317 -36.87 -17.86 6.67
C SER A 317 -35.98 -19.08 6.45
N LEU A 318 -35.27 -19.14 5.32
CA LEU A 318 -34.39 -20.28 5.05
C LEU A 318 -33.10 -20.21 5.85
N ILE A 319 -32.64 -19.00 6.19
CA ILE A 319 -31.35 -18.81 6.84
C ILE A 319 -31.55 -18.61 8.34
N ALA A 320 -32.62 -17.90 8.71
CA ALA A 320 -32.88 -17.57 10.11
C ALA A 320 -33.40 -18.82 10.83
N MET A 321 -32.47 -19.69 11.21
CA MET A 321 -32.80 -20.93 11.89
C MET A 321 -32.04 -21.04 13.20
N PRO A 322 -32.65 -21.62 14.23
CA PRO A 322 -31.94 -21.77 15.52
C PRO A 322 -30.68 -22.62 15.41
N GLN A 323 -30.68 -23.63 14.54
CA GLN A 323 -29.48 -24.44 14.35
C GLN A 323 -28.33 -23.60 13.79
N TYR A 324 -28.64 -22.71 12.85
CA TYR A 324 -27.62 -21.87 12.24
C TYR A 324 -27.32 -20.62 13.06
N PHE A 325 -28.09 -20.34 14.12
CA PHE A 325 -27.89 -19.13 14.90
C PHE A 325 -26.47 -19.01 15.43
N HIS A 326 -25.84 -20.13 15.79
CA HIS A 326 -24.47 -20.06 16.30
C HIS A 326 -23.45 -19.69 15.23
N VAL A 327 -23.87 -19.42 14.00
CA VAL A 327 -22.96 -19.00 12.95
C VAL A 327 -23.45 -17.69 12.34
N VAL A 328 -24.77 -17.47 12.36
CA VAL A 328 -25.32 -16.26 11.74
C VAL A 328 -26.06 -15.39 12.74
N GLY A 329 -25.68 -15.45 14.01
CA GLY A 329 -26.26 -14.55 15.01
C GLY A 329 -25.66 -13.16 14.91
N GLY A 330 -26.50 -12.15 15.15
CA GLY A 330 -26.04 -10.78 15.12
C GLY A 330 -25.94 -10.16 13.75
N THR A 331 -26.66 -10.70 12.77
CA THR A 331 -26.63 -10.15 11.41
C THR A 331 -27.26 -8.77 11.37
N ILE A 332 -26.67 -7.87 10.60
CA ILE A 332 -27.18 -6.52 10.39
C ILE A 332 -27.57 -6.39 8.93
N GLY A 333 -28.83 -6.03 8.68
CA GLY A 333 -29.36 -5.98 7.33
C GLY A 333 -30.33 -4.84 7.14
N PHE A 334 -30.90 -4.78 5.94
CA PHE A 334 -31.80 -3.72 5.52
C PHE A 334 -33.21 -4.23 5.35
N ALA A 335 -34.18 -3.33 5.55
CA ALA A 335 -35.59 -3.65 5.35
C ALA A 335 -36.29 -2.41 4.79
N LEU A 336 -37.37 -2.65 4.03
CA LEU A 336 -38.13 -1.58 3.42
C LEU A 336 -39.10 -1.01 4.45
N LYS A 337 -40.01 -0.15 3.99
CA LYS A 337 -41.01 0.48 4.84
C LYS A 337 -42.32 -0.30 4.76
N ALA A 338 -42.94 -0.52 5.91
CA ALA A 338 -44.15 -1.31 5.99
C ALA A 338 -45.38 -0.43 5.74
N GLY A 339 -46.42 -1.06 5.21
CA GLY A 339 -47.69 -0.41 4.97
C GLY A 339 -48.83 -1.10 5.71
N GLN A 340 -50.02 -0.52 5.56
CA GLN A 340 -51.22 -1.00 6.26
C GLN A 340 -52.31 -1.33 5.26
N ILE A 341 -52.84 -2.54 5.35
CA ILE A 341 -54.02 -2.96 4.58
C ILE A 341 -55.02 -3.57 5.56
N PRO A 342 -56.19 -2.94 5.75
CA PRO A 342 -57.08 -3.33 6.86
C PRO A 342 -57.54 -4.78 6.87
N GLY A 343 -58.23 -5.22 5.82
CA GLY A 343 -58.88 -6.51 5.83
C GLY A 343 -58.06 -7.64 5.25
N PHE A 344 -56.75 -7.42 5.11
CA PHE A 344 -55.90 -8.39 4.44
C PHE A 344 -55.80 -9.70 5.23
N ARG A 345 -55.66 -9.62 6.56
CA ARG A 345 -55.53 -10.84 7.34
C ARG A 345 -56.82 -11.65 7.34
N GLU A 346 -57.96 -10.97 7.42
CA GLU A 346 -59.25 -11.64 7.32
C GLU A 346 -59.41 -12.30 5.96
N PHE A 347 -58.98 -11.63 4.90
CA PHE A 347 -59.01 -12.24 3.57
C PHE A 347 -58.11 -13.47 3.52
N LEU A 348 -56.94 -13.39 4.14
CA LEU A 348 -56.00 -14.51 4.13
C LEU A 348 -56.55 -15.73 4.85
N LYS A 349 -57.22 -15.51 5.98
CA LYS A 349 -57.67 -16.64 6.81
C LYS A 349 -58.85 -17.40 6.22
N LYS A 350 -59.45 -16.93 5.13
CA LYS A 350 -60.66 -17.53 4.60
C LYS A 350 -60.42 -18.53 3.47
N VAL A 351 -59.16 -18.86 3.16
CA VAL A 351 -58.88 -19.81 2.08
C VAL A 351 -59.37 -21.19 2.47
N HIS A 352 -59.83 -21.95 1.47
CA HIS A 352 -60.33 -23.31 1.66
C HIS A 352 -60.25 -24.05 0.35
N PRO A 353 -59.84 -25.33 0.33
CA PRO A 353 -59.68 -26.04 -0.94
C PRO A 353 -60.98 -26.25 -1.69
N ARG A 354 -62.13 -26.20 -1.04
CA ARG A 354 -63.41 -26.44 -1.70
C ARG A 354 -64.23 -25.18 -1.94
N LYS A 355 -64.05 -24.15 -1.13
CA LYS A 355 -64.79 -22.90 -1.28
C LYS A 355 -64.05 -21.88 -2.14
N SER A 356 -62.88 -22.23 -2.67
CA SER A 356 -62.11 -21.35 -3.55
C SER A 356 -62.04 -22.01 -4.92
N VAL A 357 -63.07 -21.76 -5.74
CA VAL A 357 -63.11 -22.35 -7.07
C VAL A 357 -62.11 -21.68 -8.01
N HIS A 358 -61.91 -20.37 -7.88
CA HIS A 358 -61.04 -19.64 -8.80
C HIS A 358 -59.57 -19.92 -8.56
N ASN A 359 -59.18 -20.34 -7.36
CA ASN A 359 -57.78 -20.52 -7.01
C ASN A 359 -57.42 -22.00 -7.11
N GLY A 360 -56.45 -22.31 -7.97
CA GLY A 360 -56.03 -23.68 -8.18
C GLY A 360 -54.89 -24.14 -7.29
N PHE A 361 -54.18 -23.20 -6.68
CA PHE A 361 -53.06 -23.54 -5.81
C PHE A 361 -53.49 -23.88 -4.39
N ALA A 362 -54.76 -23.67 -4.05
CA ALA A 362 -55.22 -23.92 -2.68
C ALA A 362 -55.16 -25.39 -2.31
N LYS A 363 -55.32 -26.29 -3.29
CA LYS A 363 -55.23 -27.71 -3.00
C LYS A 363 -53.85 -28.09 -2.50
N GLU A 364 -52.81 -27.73 -3.26
CA GLU A 364 -51.44 -28.01 -2.84
C GLU A 364 -51.08 -27.21 -1.60
N PHE A 365 -51.68 -26.03 -1.43
CA PHE A 365 -51.50 -25.28 -0.19
C PHE A 365 -51.95 -26.10 1.01
N TRP A 366 -53.15 -26.69 0.92
CA TRP A 366 -53.66 -27.53 1.99
C TRP A 366 -52.77 -28.76 2.19
N GLU A 367 -52.33 -29.39 1.10
CA GLU A 367 -51.47 -30.57 1.22
C GLU A 367 -50.19 -30.24 1.97
N GLU A 368 -49.50 -29.17 1.55
CA GLU A 368 -48.24 -28.83 2.19
C GLU A 368 -48.43 -28.32 3.61
N THR A 369 -49.58 -27.69 3.90
CA THR A 369 -49.81 -27.15 5.23
C THR A 369 -50.11 -28.25 6.24
N PHE A 370 -50.95 -29.22 5.86
CA PHE A 370 -51.42 -30.22 6.81
C PHE A 370 -50.81 -31.60 6.64
N ASN A 371 -49.89 -31.78 5.68
CA ASN A 371 -49.21 -33.05 5.44
C ASN A 371 -50.22 -34.19 5.29
N CYS A 372 -51.08 -34.05 4.28
CA CYS A 372 -52.19 -34.97 4.09
C CYS A 372 -52.46 -35.14 2.61
N HIS A 373 -53.53 -35.88 2.30
CA HIS A 373 -53.95 -36.13 0.93
C HIS A 373 -55.44 -35.84 0.80
N LEU A 374 -55.82 -35.20 -0.30
CA LEU A 374 -57.21 -34.86 -0.58
C LEU A 374 -57.76 -35.77 -1.67
N GLN A 375 -58.92 -36.35 -1.42
CA GLN A 375 -59.57 -37.22 -2.40
C GLN A 375 -60.01 -36.43 -3.62
N PHE A 405 -47.62 -43.86 4.96
CA PHE A 405 -47.87 -42.87 3.91
C PHE A 405 -48.69 -41.70 4.44
N ARG A 406 -48.87 -40.69 3.59
CA ARG A 406 -49.65 -39.53 4.00
C ARG A 406 -51.11 -39.93 4.18
N PRO A 407 -51.73 -39.57 5.30
CA PRO A 407 -53.12 -39.99 5.55
C PRO A 407 -54.12 -39.20 4.71
N LEU A 408 -55.41 -39.48 4.92
CA LEU A 408 -56.48 -38.78 4.23
C LEU A 408 -57.04 -37.73 5.19
N CYS A 409 -56.98 -36.47 4.77
CA CYS A 409 -57.44 -35.35 5.58
C CYS A 409 -58.73 -34.79 5.00
N THR A 410 -59.66 -34.43 5.88
CA THR A 410 -60.93 -33.84 5.48
C THR A 410 -60.73 -32.35 5.23
N GLY A 411 -61.81 -31.65 4.90
CA GLY A 411 -61.77 -30.22 4.71
C GLY A 411 -62.07 -29.41 5.95
N ASP A 412 -62.14 -30.04 7.12
CA ASP A 412 -62.50 -29.38 8.37
C ASP A 412 -61.27 -29.35 9.27
N GLU A 413 -60.44 -28.32 9.08
CA GLU A 413 -59.27 -28.07 9.91
C GLU A 413 -59.14 -26.58 10.13
N ASN A 414 -58.11 -26.18 10.88
CA ASN A 414 -57.87 -24.78 11.18
C ASN A 414 -56.45 -24.41 10.75
N ILE A 415 -56.34 -23.31 9.99
CA ILE A 415 -55.04 -22.80 9.58
C ILE A 415 -54.44 -21.87 10.62
N SER A 416 -55.10 -21.68 11.76
CA SER A 416 -54.60 -20.85 12.85
C SER A 416 -53.86 -21.65 13.91
N SER A 417 -53.64 -22.95 13.67
CA SER A 417 -52.96 -23.82 14.61
C SER A 417 -51.69 -24.43 14.06
N VAL A 418 -51.22 -23.97 12.89
CA VAL A 418 -50.03 -24.48 12.25
C VAL A 418 -49.03 -23.34 12.10
N GLU A 419 -47.76 -23.63 12.39
CA GLU A 419 -46.70 -22.63 12.36
C GLU A 419 -46.09 -22.58 10.97
N THR A 420 -46.63 -21.70 10.13
CA THR A 420 -46.16 -21.48 8.77
C THR A 420 -46.10 -19.98 8.52
N PRO A 421 -45.20 -19.53 7.63
CA PRO A 421 -45.10 -18.09 7.34
C PRO A 421 -46.29 -17.51 6.61
N TYR A 422 -47.34 -18.29 6.34
CA TYR A 422 -48.48 -17.78 5.59
C TYR A 422 -49.17 -16.63 6.33
N ILE A 423 -49.39 -16.79 7.64
CA ILE A 423 -49.98 -15.75 8.47
C ILE A 423 -49.10 -15.34 9.63
N ASP A 424 -47.92 -15.96 9.78
CA ASP A 424 -47.00 -15.62 10.86
C ASP A 424 -46.03 -14.53 10.37
N TYR A 425 -46.57 -13.33 10.25
CA TYR A 425 -45.83 -12.16 9.78
C TYR A 425 -45.98 -11.03 10.79
N THR A 426 -45.03 -10.10 10.73
CA THR A 426 -45.05 -8.91 11.58
C THR A 426 -45.29 -7.63 10.80
N HIS A 427 -44.66 -7.48 9.64
CA HIS A 427 -44.88 -6.32 8.77
C HIS A 427 -45.15 -6.79 7.35
N LEU A 428 -45.88 -5.98 6.60
CA LEU A 428 -46.17 -6.21 5.19
C LEU A 428 -45.41 -5.19 4.36
N ARG A 429 -44.45 -5.66 3.56
CA ARG A 429 -43.68 -4.78 2.68
C ARG A 429 -43.91 -5.11 1.21
N ILE A 430 -43.63 -6.35 0.80
CA ILE A 430 -43.88 -6.73 -0.59
C ILE A 430 -45.37 -6.87 -0.85
N SER A 431 -46.14 -7.24 0.18
CA SER A 431 -47.60 -7.24 0.03
C SER A 431 -48.11 -5.83 -0.24
N TYR A 432 -47.58 -4.83 0.47
CA TYR A 432 -47.96 -3.45 0.20
C TYR A 432 -47.49 -3.00 -1.18
N ASN A 433 -46.32 -3.47 -1.62
CA ASN A 433 -45.88 -3.16 -2.97
C ASN A 433 -46.84 -3.73 -4.01
N VAL A 434 -47.31 -4.96 -3.80
CA VAL A 434 -48.28 -5.57 -4.71
C VAL A 434 -49.59 -4.78 -4.70
N TYR A 435 -50.04 -4.37 -3.52
CA TYR A 435 -51.24 -3.55 -3.41
C TYR A 435 -51.11 -2.27 -4.23
N LEU A 436 -49.98 -1.57 -4.08
CA LEU A 436 -49.77 -0.32 -4.82
C LEU A 436 -49.70 -0.56 -6.32
N ALA A 437 -49.01 -1.64 -6.74
CA ALA A 437 -48.89 -1.93 -8.15
C ALA A 437 -50.25 -2.28 -8.77
N VAL A 438 -51.13 -2.91 -8.00
CA VAL A 438 -52.48 -3.17 -8.50
C VAL A 438 -53.27 -1.87 -8.60
N TYR A 439 -53.18 -1.01 -7.58
CA TYR A 439 -54.00 0.20 -7.58
C TYR A 439 -53.55 1.22 -8.62
N SER A 440 -52.27 1.18 -9.01
CA SER A 440 -51.79 2.14 -10.01
C SER A 440 -52.51 1.98 -11.35
N ILE A 441 -52.70 0.73 -11.80
CA ILE A 441 -53.36 0.49 -13.07
C ILE A 441 -54.81 0.93 -13.01
N ALA A 442 -55.47 0.68 -11.87
CA ALA A 442 -56.86 1.13 -11.71
C ALA A 442 -56.97 2.64 -11.76
N HIS A 443 -56.02 3.35 -11.13
CA HIS A 443 -56.05 4.81 -11.20
C HIS A 443 -55.80 5.32 -12.61
N ALA A 444 -54.89 4.68 -13.34
CA ALA A 444 -54.68 5.07 -14.74
C ALA A 444 -55.93 4.83 -15.58
N LEU A 445 -56.61 3.70 -15.36
CA LEU A 445 -57.85 3.42 -16.08
C LEU A 445 -58.93 4.45 -15.76
N GLN A 446 -59.04 4.85 -14.49
CA GLN A 446 -59.99 5.88 -14.12
C GLN A 446 -59.66 7.20 -14.79
N ASP A 447 -58.36 7.55 -14.85
CA ASP A 447 -57.95 8.78 -15.53
C ASP A 447 -58.32 8.75 -17.00
N ILE A 448 -58.16 7.58 -17.65
CA ILE A 448 -58.63 7.43 -19.03
C ILE A 448 -60.14 7.63 -19.11
N TYR A 449 -60.87 7.04 -18.16
CA TYR A 449 -62.33 7.05 -18.21
C TYR A 449 -62.89 8.47 -18.04
N THR A 450 -62.29 9.27 -17.17
CA THR A 450 -62.87 10.56 -16.78
C THR A 450 -62.41 11.73 -17.64
N CYS A 451 -61.70 11.46 -18.74
CA CYS A 451 -61.17 12.55 -19.56
C CYS A 451 -62.30 13.39 -20.16
N LEU A 452 -62.04 14.70 -20.27
CA LEU A 452 -62.92 15.67 -20.92
C LEU A 452 -62.44 15.92 -22.33
N PRO A 453 -63.30 15.81 -23.34
CA PRO A 453 -62.86 16.00 -24.72
C PRO A 453 -62.27 17.38 -24.94
N GLY A 454 -61.20 17.43 -25.74
CA GLY A 454 -60.51 18.66 -26.03
C GLY A 454 -59.33 18.96 -25.12
N ARG A 455 -59.18 18.24 -24.02
CA ARG A 455 -58.10 18.47 -23.06
C ARG A 455 -57.47 17.14 -22.68
N GLY A 456 -57.20 16.29 -23.66
CA GLY A 456 -56.62 14.99 -23.44
C GLY A 456 -55.12 14.96 -23.65
N LEU A 457 -54.59 13.77 -23.90
CA LEU A 457 -53.16 13.57 -24.09
C LEU A 457 -52.81 12.92 -25.42
N PHE A 458 -53.77 12.72 -26.31
CA PHE A 458 -53.56 11.98 -27.54
C PHE A 458 -53.81 12.87 -28.76
N THR A 459 -52.84 12.91 -29.67
CA THR A 459 -52.94 13.63 -30.95
C THR A 459 -53.30 15.08 -30.67
N ASN A 460 -54.38 15.61 -31.23
CA ASN A 460 -54.74 17.03 -31.08
C ASN A 460 -55.62 17.24 -29.85
N GLY A 461 -55.11 16.80 -28.70
CA GLY A 461 -55.80 17.01 -27.45
C GLY A 461 -56.94 16.08 -27.15
N SER A 462 -57.15 15.05 -27.97
CA SER A 462 -58.21 14.08 -27.72
C SER A 462 -57.75 13.06 -26.68
N CYS A 463 -58.62 12.13 -26.34
CA CYS A 463 -58.26 11.07 -25.40
C CYS A 463 -58.97 9.78 -25.80
N ALA A 464 -58.61 8.71 -25.09
CA ALA A 464 -59.06 7.37 -25.43
C ALA A 464 -60.51 7.15 -24.97
N ASP A 465 -61.00 5.93 -25.22
CA ASP A 465 -62.33 5.52 -24.80
C ASP A 465 -62.21 4.23 -23.99
N ILE A 466 -62.89 4.21 -22.83
CA ILE A 466 -62.80 3.07 -21.93
C ILE A 466 -63.51 1.84 -22.46
N LYS A 467 -64.27 1.97 -23.54
CA LYS A 467 -64.96 0.82 -24.12
C LYS A 467 -63.97 -0.07 -24.87
N LYS A 468 -63.00 0.53 -25.55
CA LYS A 468 -61.98 -0.22 -26.29
C LYS A 468 -60.60 0.39 -26.03
N VAL A 469 -60.30 0.67 -24.77
CA VAL A 469 -58.98 1.15 -24.39
C VAL A 469 -57.91 0.10 -24.76
N GLU A 470 -56.67 0.56 -24.89
CA GLU A 470 -55.58 -0.27 -25.34
C GLU A 470 -54.38 -0.15 -24.41
N ALA A 471 -53.46 -1.11 -24.56
CA ALA A 471 -52.32 -1.22 -23.67
C ALA A 471 -51.39 -0.03 -23.78
N TRP A 472 -51.17 0.48 -25.00
CA TRP A 472 -50.28 1.63 -25.15
C TRP A 472 -50.88 2.90 -24.54
N GLN A 473 -52.20 3.05 -24.63
CA GLN A 473 -52.86 4.17 -23.97
C GLN A 473 -52.76 4.06 -22.45
N VAL A 474 -52.94 2.84 -21.93
CA VAL A 474 -52.78 2.62 -20.49
C VAL A 474 -51.35 2.92 -20.07
N LEU A 475 -50.38 2.52 -20.89
CA LEU A 475 -48.98 2.80 -20.58
C LEU A 475 -48.70 4.30 -20.55
N LYS A 476 -49.26 5.04 -21.51
CA LYS A 476 -49.08 6.49 -21.54
C LYS A 476 -49.66 7.14 -20.28
N HIS A 477 -50.88 6.72 -19.89
CA HIS A 477 -51.48 7.31 -18.70
C HIS A 477 -50.74 6.90 -17.43
N LEU A 478 -50.16 5.69 -17.40
CA LEU A 478 -49.30 5.32 -16.29
C LEU A 478 -48.05 6.19 -16.24
N ARG A 479 -47.48 6.50 -17.40
CA ARG A 479 -46.35 7.41 -17.48
C ARG A 479 -46.70 8.81 -17.04
N HIS A 480 -47.98 9.19 -17.13
CA HIS A 480 -48.41 10.51 -16.69
C HIS A 480 -49.36 10.42 -15.50
N LEU A 481 -49.02 9.61 -14.51
CA LEU A 481 -49.89 9.34 -13.36
C LEU A 481 -49.35 10.01 -12.10
N ASN A 482 -50.27 10.54 -11.29
CA ASN A 482 -49.91 11.09 -9.99
C ASN A 482 -51.15 11.02 -9.10
N PHE A 483 -51.11 10.14 -8.08
CA PHE A 483 -52.24 9.95 -7.19
C PHE A 483 -51.74 9.74 -5.77
N THR A 484 -52.67 9.80 -4.82
CA THR A 484 -52.38 9.58 -3.41
C THR A 484 -53.03 8.28 -2.97
N ASN A 485 -52.36 7.58 -2.05
CA ASN A 485 -52.78 6.25 -1.63
C ASN A 485 -53.66 6.34 -0.37
N ASN A 486 -53.96 5.17 0.20
CA ASN A 486 -54.85 5.12 1.36
C ASN A 486 -54.19 5.71 2.61
N MET A 487 -52.87 5.56 2.74
CA MET A 487 -52.18 6.11 3.91
C MET A 487 -52.04 7.62 3.82
N GLY A 488 -52.00 8.18 2.62
CA GLY A 488 -51.95 9.62 2.46
C GLY A 488 -50.66 10.14 1.85
N GLU A 489 -50.00 9.31 1.05
CA GLU A 489 -48.76 9.69 0.38
C GLU A 489 -48.96 9.69 -1.13
N GLN A 490 -48.38 10.68 -1.79
CA GLN A 490 -48.47 10.77 -3.24
C GLN A 490 -47.61 9.69 -3.90
N VAL A 491 -48.13 9.10 -4.97
CA VAL A 491 -47.43 8.09 -5.74
C VAL A 491 -47.17 8.63 -7.13
N THR A 492 -45.90 8.68 -7.51
CA THR A 492 -45.49 9.19 -8.81
C THR A 492 -44.29 8.39 -9.31
N PHE A 493 -44.24 8.18 -10.62
CA PHE A 493 -43.14 7.48 -11.26
C PHE A 493 -42.28 8.48 -12.04
N ASP A 494 -40.97 8.40 -11.85
CA ASP A 494 -40.05 9.32 -12.49
C ASP A 494 -39.82 8.93 -13.95
N GLU A 495 -38.84 9.55 -14.59
CA GLU A 495 -38.57 9.27 -15.99
C GLU A 495 -38.15 7.83 -16.22
N CYS A 496 -37.46 7.23 -15.25
CA CYS A 496 -37.02 5.84 -15.36
C CYS A 496 -38.05 4.85 -14.84
N GLY A 497 -39.21 5.33 -14.38
CA GLY A 497 -40.24 4.45 -13.87
C GLY A 497 -39.97 3.84 -12.52
N ASP A 498 -39.13 4.49 -11.70
CA ASP A 498 -38.79 3.98 -10.39
C ASP A 498 -39.32 4.90 -9.29
N LEU A 499 -39.59 4.32 -8.14
CA LEU A 499 -39.99 5.08 -6.97
C LEU A 499 -38.78 5.37 -6.09
N VAL A 500 -38.99 6.14 -5.02
CA VAL A 500 -37.97 6.42 -4.03
C VAL A 500 -38.54 6.06 -2.66
N GLY A 501 -37.68 5.55 -1.77
CA GLY A 501 -38.17 5.09 -0.49
C GLY A 501 -37.08 5.06 0.56
N ASN A 502 -37.52 4.94 1.81
CA ASN A 502 -36.65 4.89 2.97
C ASN A 502 -36.25 3.46 3.28
N TYR A 503 -35.11 3.30 3.95
CA TYR A 503 -34.64 2.02 4.43
C TYR A 503 -34.63 1.99 5.95
N SER A 504 -34.63 0.77 6.49
CA SER A 504 -34.51 0.53 7.92
C SER A 504 -33.42 -0.50 8.15
N ILE A 505 -32.86 -0.49 9.37
CA ILE A 505 -31.75 -1.37 9.73
C ILE A 505 -32.22 -2.26 10.88
N ILE A 506 -31.93 -3.56 10.77
CA ILE A 506 -32.39 -4.55 11.73
C ILE A 506 -31.20 -5.38 12.19
N ASN A 507 -31.38 -6.03 13.34
CA ASN A 507 -30.37 -6.87 13.95
C ASN A 507 -31.00 -8.19 14.39
N TRP A 508 -30.31 -9.29 14.11
CA TRP A 508 -30.81 -10.62 14.46
C TRP A 508 -30.53 -10.93 15.92
N HIS A 509 -31.55 -11.39 16.64
CA HIS A 509 -31.42 -11.77 18.04
C HIS A 509 -31.93 -13.19 18.26
N LEU A 510 -32.04 -13.60 19.53
CA LEU A 510 -32.57 -14.90 19.89
C LEU A 510 -33.74 -14.70 20.84
N SER A 511 -34.86 -15.35 20.56
CA SER A 511 -36.04 -15.24 21.41
C SER A 511 -35.87 -16.09 22.66
N PRO A 512 -36.03 -15.52 23.85
CA PRO A 512 -35.87 -16.31 25.08
C PRO A 512 -37.01 -17.28 25.35
N GLU A 513 -38.13 -17.16 24.63
CA GLU A 513 -39.29 -18.00 24.88
C GLU A 513 -39.30 -19.24 23.98
N ASP A 514 -39.22 -19.04 22.67
CA ASP A 514 -39.31 -20.14 21.71
C ASP A 514 -38.00 -20.42 20.98
N GLY A 515 -36.98 -19.58 21.15
CA GLY A 515 -35.72 -19.77 20.48
C GLY A 515 -35.66 -19.28 19.05
N SER A 516 -36.73 -18.69 18.54
CA SER A 516 -36.73 -18.20 17.17
C SER A 516 -35.91 -16.92 17.06
N ILE A 517 -35.62 -16.54 15.82
CA ILE A 517 -34.85 -15.33 15.53
C ILE A 517 -35.82 -14.17 15.41
N VAL A 518 -35.54 -13.08 16.13
CA VAL A 518 -36.39 -11.90 16.16
C VAL A 518 -35.61 -10.73 15.57
N PHE A 519 -36.22 -10.02 14.64
CA PHE A 519 -35.58 -8.89 13.95
C PHE A 519 -35.87 -7.62 14.73
N LYS A 520 -34.82 -7.01 15.26
CA LYS A 520 -34.93 -5.82 16.11
C LYS A 520 -34.43 -4.60 15.35
N GLU A 521 -35.23 -3.54 15.35
CA GLU A 521 -34.89 -2.32 14.63
C GLU A 521 -33.89 -1.50 15.43
N VAL A 522 -32.84 -1.01 14.75
CA VAL A 522 -31.80 -0.25 15.44
C VAL A 522 -31.49 1.04 14.70
N GLY A 523 -32.00 1.21 13.49
CA GLY A 523 -31.69 2.42 12.75
C GLY A 523 -32.54 2.56 11.50
N TYR A 524 -32.20 3.57 10.70
CA TYR A 524 -32.91 3.87 9.47
C TYR A 524 -31.98 4.62 8.53
N TYR A 525 -32.38 4.68 7.27
CA TYR A 525 -31.62 5.37 6.23
C TYR A 525 -32.56 6.30 5.47
N ASN A 526 -32.32 7.61 5.59
CA ASN A 526 -33.16 8.63 4.98
C ASN A 526 -32.54 9.05 3.65
N VAL A 527 -33.30 8.90 2.55
CA VAL A 527 -32.78 9.20 1.22
C VAL A 527 -33.12 10.60 0.76
N TYR A 528 -33.84 11.39 1.57
CA TYR A 528 -34.19 12.75 1.22
C TYR A 528 -33.27 13.77 1.89
N ALA A 529 -32.20 13.32 2.53
CA ALA A 529 -31.26 14.19 3.21
C ALA A 529 -30.03 14.44 2.33
N LYS A 530 -29.21 15.39 2.76
CA LYS A 530 -27.98 15.69 2.06
C LYS A 530 -26.98 14.55 2.21
N LYS A 531 -26.02 14.52 1.29
CA LYS A 531 -24.97 13.50 1.34
C LYS A 531 -24.19 13.60 2.64
N GLY A 532 -23.95 12.45 3.28
CA GLY A 532 -23.28 12.43 4.56
C GLY A 532 -24.18 12.66 5.76
N GLU A 533 -25.50 12.74 5.57
CA GLU A 533 -26.44 12.94 6.66
C GLU A 533 -27.60 11.97 6.60
N ARG A 534 -27.41 10.81 5.94
CA ARG A 534 -28.50 9.87 5.71
C ARG A 534 -28.59 8.79 6.76
N LEU A 535 -27.47 8.39 7.35
CA LEU A 535 -27.43 7.23 8.24
C LEU A 535 -27.64 7.63 9.69
N PHE A 536 -28.47 6.85 10.39
CA PHE A 536 -28.65 6.98 11.84
C PHE A 536 -28.56 5.58 12.44
N ILE A 537 -27.70 5.43 13.44
CA ILE A 537 -27.43 4.13 14.07
C ILE A 537 -27.59 4.28 15.57
N ASN A 538 -28.35 3.37 16.19
CA ASN A 538 -28.47 3.30 17.65
C ASN A 538 -27.54 2.18 18.11
N GLU A 539 -26.37 2.59 18.61
CA GLU A 539 -25.31 1.62 18.89
C GLU A 539 -25.63 0.76 20.10
N GLU A 540 -26.33 1.30 21.08
CA GLU A 540 -26.59 0.59 22.33
C GLU A 540 -27.59 -0.56 22.17
N LYS A 541 -28.28 -0.65 21.02
CA LYS A 541 -29.29 -1.67 20.81
C LYS A 541 -28.79 -2.84 19.97
N ILE A 542 -27.47 -3.02 19.87
CA ILE A 542 -26.88 -3.99 18.96
C ILE A 542 -26.13 -5.05 19.77
N LEU A 543 -26.42 -6.31 19.49
CA LEU A 543 -25.60 -7.43 19.92
C LEU A 543 -24.79 -7.89 18.71
N TRP A 544 -23.49 -8.12 18.90
CA TRP A 544 -22.59 -8.20 17.77
C TRP A 544 -22.50 -9.62 17.22
N SER A 545 -22.42 -10.61 18.10
CA SER A 545 -22.55 -12.01 17.73
C SER A 545 -23.77 -12.66 18.37
N GLY A 546 -24.75 -11.86 18.76
CA GLY A 546 -25.89 -12.33 19.53
C GLY A 546 -25.68 -12.35 21.02
N PHE A 547 -24.45 -12.17 21.49
CA PHE A 547 -24.16 -12.22 22.92
C PHE A 547 -23.14 -11.19 23.39
N SER A 548 -22.68 -10.28 22.53
CA SER A 548 -21.59 -9.38 22.85
C SER A 548 -22.04 -7.93 22.76
N ARG A 549 -21.49 -7.11 23.65
CA ARG A 549 -21.76 -5.67 23.68
C ARG A 549 -20.54 -4.84 23.30
N GLU A 550 -19.51 -5.46 22.73
CA GLU A 550 -18.27 -4.78 22.38
C GLU A 550 -18.10 -4.77 20.87
N VAL A 551 -17.79 -3.60 20.32
CA VAL A 551 -17.63 -3.46 18.87
C VAL A 551 -16.43 -4.30 18.41
N PRO A 552 -16.57 -5.10 17.36
CA PRO A 552 -15.45 -5.96 16.93
C PRO A 552 -14.30 -5.14 16.35
N PHE A 553 -13.27 -5.88 15.95
CA PHE A 553 -12.04 -5.30 15.41
C PHE A 553 -11.80 -5.90 14.03
N SER A 554 -11.83 -5.05 13.00
CA SER A 554 -11.68 -5.50 11.62
C SER A 554 -10.68 -4.62 10.89
N ASN A 555 -9.54 -4.40 11.52
CA ASN A 555 -8.39 -3.73 10.90
C ASN A 555 -7.39 -4.79 10.46
N CYS A 556 -6.64 -4.49 9.40
CA CYS A 556 -5.61 -5.42 8.96
C CYS A 556 -4.46 -5.48 9.96
N SER A 557 -4.03 -4.33 10.45
CA SER A 557 -2.92 -4.25 11.41
C SER A 557 -3.24 -3.22 12.47
N ARG A 558 -2.55 -3.33 13.61
CA ARG A 558 -2.75 -2.41 14.71
C ARG A 558 -2.11 -1.05 14.39
N ASP A 559 -2.60 -0.02 15.08
CA ASP A 559 -2.13 1.33 14.84
C ASP A 559 -0.73 1.53 15.42
N CYS A 560 0.02 2.43 14.78
CA CYS A 560 1.34 2.81 15.26
C CYS A 560 1.22 3.74 16.46
N LEU A 561 2.31 3.87 17.20
CA LEU A 561 2.35 4.71 18.38
C LEU A 561 2.99 6.06 18.05
N ALA A 562 3.17 6.89 19.07
CA ALA A 562 3.67 8.24 18.87
C ALA A 562 5.12 8.23 18.38
N GLY A 563 5.96 7.38 18.95
CA GLY A 563 7.36 7.35 18.60
C GLY A 563 7.73 6.55 17.38
N THR A 564 6.76 5.95 16.70
CA THR A 564 7.02 5.11 15.55
C THR A 564 6.29 5.65 14.32
N ARG A 565 6.62 5.09 13.16
CA ARG A 565 5.99 5.45 11.90
C ARG A 565 5.61 4.18 11.14
N LYS A 566 4.89 4.36 10.05
CA LYS A 566 4.34 3.23 9.30
C LYS A 566 5.31 2.74 8.23
N GLY A 567 5.36 1.42 8.05
CA GLY A 567 6.19 0.80 7.06
C GLY A 567 5.37 0.22 5.92
N ILE A 568 6.08 -0.46 5.01
CA ILE A 568 5.49 -1.04 3.81
C ILE A 568 5.77 -2.54 3.80
N ILE A 569 4.72 -3.33 3.61
CA ILE A 569 4.83 -4.77 3.43
C ILE A 569 4.54 -5.07 1.95
N GLU A 570 5.52 -5.66 1.27
CA GLU A 570 5.38 -5.90 -0.15
C GLU A 570 4.32 -6.96 -0.43
N GLY A 571 3.57 -6.76 -1.51
CA GLY A 571 2.53 -7.69 -1.89
C GLY A 571 1.23 -7.56 -1.12
N GLU A 572 1.06 -6.51 -0.34
CA GLU A 572 -0.12 -6.29 0.48
C GLU A 572 -0.68 -4.91 0.21
N PRO A 573 -1.99 -4.71 0.43
CA PRO A 573 -2.58 -3.39 0.24
C PRO A 573 -2.09 -2.40 1.29
N THR A 574 -2.51 -1.14 1.11
CA THR A 574 -2.07 -0.07 1.99
C THR A 574 -2.62 -0.20 3.40
N CYS A 575 -3.68 -0.98 3.59
CA CYS A 575 -4.29 -1.13 4.91
C CYS A 575 -3.43 -1.93 5.87
N CYS A 576 -2.38 -2.59 5.40
CA CYS A 576 -1.52 -3.44 6.21
C CYS A 576 -0.10 -2.89 6.19
N PHE A 577 0.49 -2.72 7.36
CA PHE A 577 1.78 -2.05 7.48
C PHE A 577 2.51 -2.57 8.71
N GLU A 578 3.66 -1.96 9.01
CA GLU A 578 4.45 -2.27 10.19
C GLU A 578 4.91 -0.97 10.82
N CYS A 579 5.18 -1.01 12.12
CA CYS A 579 5.60 0.16 12.87
C CYS A 579 7.10 0.13 13.10
N VAL A 580 7.78 1.20 12.71
CA VAL A 580 9.23 1.33 12.84
C VAL A 580 9.51 2.59 13.64
N GLU A 581 10.40 2.48 14.63
CA GLU A 581 10.71 3.59 15.50
C GLU A 581 11.47 4.68 14.75
N CYS A 582 11.24 5.93 15.14
CA CYS A 582 11.93 7.05 14.53
C CYS A 582 13.42 7.03 14.91
N PRO A 583 14.28 7.51 14.01
CA PRO A 583 15.72 7.52 14.30
C PRO A 583 16.06 8.58 15.33
N ASP A 584 17.27 8.45 15.89
CA ASP A 584 17.75 9.39 16.90
C ASP A 584 17.88 10.79 16.29
N GLY A 585 17.50 11.80 17.07
CA GLY A 585 17.51 13.17 16.61
C GLY A 585 16.23 13.64 15.97
N GLU A 586 15.22 12.78 15.86
CA GLU A 586 13.95 13.11 15.26
C GLU A 586 12.83 12.64 16.16
N TYR A 587 11.68 13.28 16.05
CA TYR A 587 10.53 12.95 16.89
C TYR A 587 9.27 12.89 16.04
N SER A 588 8.27 12.17 16.55
CA SER A 588 6.95 12.11 15.96
C SER A 588 5.92 12.13 17.07
N ASP A 589 4.73 12.67 16.77
CA ASP A 589 3.71 12.86 17.79
C ASP A 589 2.32 12.51 17.28
N GLU A 590 2.21 11.53 16.40
CA GLU A 590 0.92 11.10 15.88
C GLU A 590 0.82 9.58 15.91
N THR A 591 -0.41 9.09 15.99
CA THR A 591 -0.68 7.66 16.08
C THR A 591 -0.81 6.99 14.72
N ASP A 592 -0.76 7.76 13.63
CA ASP A 592 -0.79 7.20 12.28
C ASP A 592 0.19 7.91 11.36
N ALA A 593 1.27 8.44 11.91
CA ALA A 593 2.23 9.19 11.12
C ALA A 593 2.97 8.27 10.16
N SER A 594 3.11 8.72 8.92
CA SER A 594 3.88 8.00 7.91
C SER A 594 5.32 8.49 7.81
N ALA A 595 5.72 9.45 8.64
CA ALA A 595 7.07 9.97 8.61
C ALA A 595 7.40 10.59 9.96
N CYS A 596 8.69 10.81 10.18
CA CYS A 596 9.18 11.40 11.42
C CYS A 596 9.55 12.86 11.19
N ASN A 597 9.13 13.72 12.12
CA ASN A 597 9.36 15.15 12.00
C ASN A 597 10.70 15.54 12.62
N LYS A 598 11.02 16.83 12.51
CA LYS A 598 12.27 17.35 13.04
C LYS A 598 12.05 18.84 13.34
N CYS A 599 11.85 19.16 14.62
CA CYS A 599 11.68 20.54 15.05
C CYS A 599 13.02 21.27 14.95
N PRO A 600 13.01 22.60 14.80
CA PRO A 600 14.20 23.29 14.26
C PRO A 600 15.39 23.34 15.20
N ASP A 601 16.42 24.07 14.78
CA ASP A 601 17.72 24.06 15.43
C ASP A 601 17.63 24.48 16.89
N ASP A 602 18.72 24.25 17.62
CA ASP A 602 18.80 24.46 19.06
C ASP A 602 17.80 23.58 19.81
N PHE A 603 17.50 22.41 19.23
CA PHE A 603 16.56 21.47 19.82
C PHE A 603 16.98 20.06 19.47
N TRP A 604 16.62 19.11 20.33
CA TRP A 604 16.95 17.71 20.13
C TRP A 604 15.76 16.87 20.57
N SER A 605 15.64 15.68 19.99
CA SER A 605 14.55 14.78 20.32
C SER A 605 14.82 14.08 21.64
N ASN A 606 13.77 13.93 22.45
CA ASN A 606 13.91 13.33 23.76
C ASN A 606 14.23 11.83 23.62
N GLU A 607 14.31 11.16 24.77
CA GLU A 607 14.83 9.79 24.80
C GLU A 607 14.00 8.84 23.96
N ASN A 608 12.67 8.95 24.03
CA ASN A 608 11.79 8.07 23.27
C ASN A 608 11.23 8.74 22.01
N HIS A 609 11.76 9.91 21.65
CA HIS A 609 11.42 10.58 20.40
C HIS A 609 9.93 10.88 20.28
N THR A 610 9.31 11.27 21.40
CA THR A 610 7.93 11.74 21.38
C THR A 610 7.85 13.25 21.22
N SER A 611 8.69 13.98 21.94
CA SER A 611 8.75 15.43 21.85
C SER A 611 10.22 15.86 21.76
N CYS A 612 10.43 17.05 21.22
CA CYS A 612 11.77 17.60 21.07
C CYS A 612 12.02 18.65 22.15
N ILE A 613 13.18 18.55 22.80
CA ILE A 613 13.53 19.44 23.90
C ILE A 613 14.74 20.27 23.50
N ALA A 614 14.94 21.37 24.22
CA ALA A 614 15.99 22.31 23.88
C ALA A 614 17.36 21.78 24.26
N LYS A 615 18.37 22.22 23.53
CA LYS A 615 19.75 21.89 23.82
C LYS A 615 20.26 22.73 24.99
N GLU A 616 21.35 22.29 25.60
CA GLU A 616 21.94 22.97 26.74
C GLU A 616 23.29 23.56 26.35
N ILE A 617 23.56 24.76 26.86
CA ILE A 617 24.76 25.51 26.53
C ILE A 617 25.76 25.35 27.68
N GLU A 618 26.98 24.95 27.33
CA GLU A 618 28.04 24.69 28.31
C GLU A 618 29.13 25.73 28.18
N PHE A 619 29.46 26.38 29.30
CA PHE A 619 30.49 27.40 29.36
C PHE A 619 30.78 27.72 30.82
N LEU A 620 32.04 28.02 31.13
CA LEU A 620 32.39 28.43 32.52
C LEU A 620 32.04 29.91 32.69
N SER A 621 31.15 30.21 33.66
CA SER A 621 30.78 31.61 33.94
C SER A 621 31.06 31.90 35.43
N TRP A 622 30.85 33.16 35.85
CA TRP A 622 31.11 33.53 37.26
C TRP A 622 30.24 32.68 38.19
N THR A 623 29.03 32.31 37.73
CA THR A 623 28.11 31.49 38.57
C THR A 623 28.74 30.12 38.83
N GLU A 624 29.36 29.50 37.83
CA GLU A 624 29.96 28.15 37.99
C GLU A 624 30.72 28.09 39.31
N PRO A 625 30.43 27.13 40.22
CA PRO A 625 31.14 27.00 41.48
C PRO A 625 32.64 27.30 41.36
N PHE A 626 33.32 26.59 40.46
CA PHE A 626 34.78 26.83 40.27
C PHE A 626 35.03 28.30 39.99
N GLY A 627 34.26 28.87 39.04
CA GLY A 627 34.39 30.31 38.73
C GLY A 627 34.43 31.15 40.00
N ILE A 628 33.54 30.87 40.95
CA ILE A 628 33.48 31.68 42.21
C ILE A 628 34.73 31.39 43.04
N ALA A 629 35.22 30.15 43.08
CA ALA A 629 36.50 29.89 43.79
C ALA A 629 37.63 30.65 43.10
N LEU A 630 37.69 30.61 41.78
CA LEU A 630 38.79 31.25 41.00
C LEU A 630 38.70 32.77 41.12
N THR A 631 37.50 33.32 41.35
CA THR A 631 37.39 34.79 41.56
C THR A 631 37.85 35.12 42.99
N LEU A 632 37.50 34.28 43.97
CA LEU A 632 37.95 34.47 45.38
C LEU A 632 39.47 34.63 45.42
N PHE A 633 40.19 33.90 44.59
CA PHE A 633 41.64 33.84 44.51
C PHE A 633 42.22 35.10 43.88
N ALA A 634 41.59 35.57 42.79
CA ALA A 634 42.08 36.78 42.13
C ALA A 634 41.98 38.00 43.03
N VAL A 635 40.85 38.15 43.74
CA VAL A 635 40.72 39.31 44.62
C VAL A 635 41.68 39.19 45.81
N LEU A 636 41.95 37.98 46.27
CA LEU A 636 42.96 37.79 47.31
C LEU A 636 44.32 38.27 46.84
N GLY A 637 44.69 37.91 45.60
CA GLY A 637 45.94 38.40 45.05
C GLY A 637 45.98 39.91 44.92
N ILE A 638 44.86 40.50 44.47
CA ILE A 638 44.78 41.96 44.33
C ILE A 638 44.98 42.63 45.69
N PHE A 639 44.31 42.11 46.72
N PHE A 639 44.31 42.11 46.72
CA PHE A 639 44.42 42.69 48.05
CA PHE A 639 44.42 42.69 48.05
C PHE A 639 45.84 42.54 48.60
C PHE A 639 45.84 42.54 48.60
N LEU A 640 46.48 41.39 48.38
CA LEU A 640 47.85 41.20 48.84
C LEU A 640 48.79 42.18 48.16
N THR A 641 48.64 42.37 46.85
CA THR A 641 49.47 43.33 46.15
C THR A 641 49.25 44.75 46.67
N ALA A 642 48.00 45.12 46.92
CA ALA A 642 47.71 46.44 47.44
C ALA A 642 48.33 46.65 48.83
N PHE A 643 48.23 45.64 49.69
CA PHE A 643 48.82 45.74 51.02
C PHE A 643 50.34 45.88 50.94
N VAL A 644 50.98 45.10 50.06
CA VAL A 644 52.43 45.22 49.89
C VAL A 644 52.79 46.61 49.40
N LEU A 645 52.02 47.14 48.44
CA LEU A 645 52.31 48.48 47.93
C LEU A 645 52.15 49.54 49.01
N GLY A 646 51.14 49.40 49.87
CA GLY A 646 50.97 50.35 50.95
C GLY A 646 52.11 50.31 51.94
N VAL A 647 52.53 49.09 52.33
CA VAL A 647 53.67 48.97 53.25
C VAL A 647 54.92 49.55 52.62
N PHE A 648 55.10 49.37 51.31
CA PHE A 648 56.28 49.91 50.63
C PHE A 648 56.24 51.44 50.62
N ILE A 649 55.11 52.03 50.21
CA ILE A 649 55.06 53.49 50.08
C ILE A 649 55.18 54.17 51.43
N LYS A 650 54.61 53.58 52.48
CA LYS A 650 54.71 54.21 53.79
C LYS A 650 56.16 54.28 54.29
N PHE A 651 56.96 53.25 53.99
CA PHE A 651 58.33 53.15 54.46
C PHE A 651 59.33 53.46 53.34
N ARG A 652 59.04 54.45 52.50
CA ARG A 652 59.87 54.71 51.32
C ARG A 652 61.28 55.14 51.71
N ASN A 653 61.39 56.09 52.65
CA ASN A 653 62.70 56.62 53.01
C ASN A 653 63.56 55.61 53.77
N THR A 654 62.97 54.52 54.24
CA THR A 654 63.73 53.51 54.96
C THR A 654 64.78 52.90 54.04
N PRO A 655 66.01 52.66 54.53
CA PRO A 655 67.05 52.12 53.65
C PRO A 655 66.72 50.79 53.01
N ILE A 656 65.88 49.96 53.66
CA ILE A 656 65.51 48.68 53.06
C ILE A 656 64.80 48.89 51.74
N VAL A 657 63.83 49.81 51.72
CA VAL A 657 63.15 50.15 50.48
C VAL A 657 64.09 50.91 49.55
N LYS A 658 64.89 51.81 50.11
CA LYS A 658 65.78 52.65 49.30
C LYS A 658 66.84 51.85 48.56
N ALA A 659 67.17 50.65 49.04
CA ALA A 659 68.16 49.82 48.33
C ALA A 659 67.69 49.49 46.93
N THR A 660 66.41 49.15 46.78
CA THR A 660 65.81 48.94 45.48
C THR A 660 65.23 50.24 44.95
N ASN A 661 65.10 50.32 43.63
CA ASN A 661 64.50 51.49 43.00
C ASN A 661 63.02 51.57 43.39
N ARG A 662 62.63 52.67 44.03
CA ARG A 662 61.24 52.82 44.47
C ARG A 662 60.29 52.82 43.29
N GLU A 663 60.64 53.53 42.22
CA GLU A 663 59.79 53.59 41.04
C GLU A 663 59.66 52.21 40.39
N LEU A 664 60.76 51.45 40.36
CA LEU A 664 60.68 50.09 39.84
C LEU A 664 59.76 49.22 40.69
N SER A 665 59.83 49.39 42.01
CA SER A 665 58.93 48.63 42.88
C SER A 665 57.47 49.00 42.64
N TYR A 666 57.18 50.29 42.48
CA TYR A 666 55.82 50.73 42.21
C TYR A 666 55.33 50.18 40.88
N LEU A 667 56.16 50.25 39.84
CA LEU A 667 55.77 49.71 38.54
C LEU A 667 55.56 48.21 38.60
N LEU A 668 56.42 47.49 39.32
CA LEU A 668 56.28 46.05 39.44
C LEU A 668 54.99 45.69 40.17
N LEU A 669 54.64 46.42 41.22
CA LEU A 669 53.41 46.12 41.95
C LEU A 669 52.18 46.48 41.12
N PHE A 670 52.25 47.55 40.34
CA PHE A 670 51.15 47.87 39.44
C PHE A 670 50.98 46.79 38.38
N SER A 671 52.09 46.27 37.86
CA SER A 671 52.02 45.20 36.88
C SER A 671 51.48 43.92 37.51
N LEU A 672 51.81 43.66 38.77
CA LEU A 672 51.22 42.53 39.48
C LEU A 672 49.72 42.70 39.65
N LEU A 673 49.28 43.94 39.94
CA LEU A 673 47.86 44.23 39.98
C LEU A 673 47.20 43.92 38.65
N CYS A 674 47.84 44.35 37.56
CA CYS A 674 47.31 44.07 36.22
C CYS A 674 47.24 42.57 35.95
N CYS A 675 48.28 41.83 36.36
CA CYS A 675 48.28 40.39 36.15
C CYS A 675 47.15 39.70 36.92
N PHE A 676 46.96 40.09 38.18
CA PHE A 676 45.87 39.50 38.96
C PHE A 676 44.50 39.93 38.43
N SER A 677 44.42 41.08 37.77
CA SER A 677 43.15 41.51 37.20
C SER A 677 42.86 40.85 35.86
N SER A 678 43.90 40.47 35.13
CA SER A 678 43.71 39.90 33.79
C SER A 678 43.10 38.51 33.79
N SER A 679 43.05 37.84 34.95
CA SER A 679 42.48 36.50 35.01
C SER A 679 40.97 36.51 35.12
N LEU A 680 40.34 37.67 35.28
CA LEU A 680 38.90 37.77 35.40
C LEU A 680 38.19 37.85 34.06
N PHE A 681 38.92 37.91 32.96
CA PHE A 681 38.30 37.92 31.64
C PHE A 681 38.04 36.53 31.09
N PHE A 682 38.66 35.50 31.65
CA PHE A 682 38.45 34.14 31.16
C PHE A 682 37.15 33.53 31.65
N ILE A 683 36.47 34.17 32.60
CA ILE A 683 35.26 33.62 33.20
C ILE A 683 34.05 34.40 32.69
N GLY A 684 33.01 33.68 32.33
CA GLY A 684 31.75 34.27 31.91
C GLY A 684 31.41 33.93 30.48
N GLU A 685 30.33 34.54 30.01
CA GLU A 685 29.89 34.34 28.63
C GLU A 685 30.91 34.98 27.69
N PRO A 686 31.44 34.23 26.72
CA PRO A 686 32.47 34.78 25.84
C PRO A 686 31.93 35.78 24.83
N GLN A 687 31.77 37.03 25.24
CA GLN A 687 31.38 38.07 24.30
C GLN A 687 32.54 38.38 23.35
N ASP A 688 32.22 39.08 22.26
CA ASP A 688 33.20 39.33 21.21
C ASP A 688 34.35 40.23 21.66
N TRP A 689 34.16 40.99 22.75
CA TRP A 689 35.22 41.85 23.24
C TRP A 689 36.02 41.22 24.38
N THR A 690 35.38 40.36 25.18
CA THR A 690 36.11 39.63 26.22
C THR A 690 37.18 38.74 25.61
N CYS A 691 36.83 37.97 24.58
CA CYS A 691 37.79 37.14 23.88
C CYS A 691 38.74 37.96 23.02
N ARG A 692 38.45 39.25 22.82
CA ARG A 692 39.36 40.12 22.08
C ARG A 692 40.59 40.49 22.90
N LEU A 693 40.45 40.59 24.22
CA LEU A 693 41.52 41.09 25.07
C LEU A 693 41.81 40.18 26.27
N ARG A 694 41.27 38.96 26.29
CA ARG A 694 41.54 38.06 27.42
C ARG A 694 43.02 37.68 27.48
N GLN A 695 43.65 37.42 26.33
CA GLN A 695 45.04 36.98 26.27
C GLN A 695 46.06 38.11 26.47
N PRO A 696 46.00 39.21 25.70
CA PRO A 696 47.03 40.25 25.87
C PRO A 696 46.99 40.92 27.23
N ALA A 697 45.85 40.91 27.92
CA ALA A 697 45.78 41.49 29.26
C ALA A 697 46.76 40.80 30.20
N PHE A 698 47.00 39.50 29.98
CA PHE A 698 48.04 38.81 30.75
C PHE A 698 49.40 38.92 30.07
N GLY A 699 49.43 38.86 28.73
CA GLY A 699 50.72 38.88 28.04
C GLY A 699 51.51 40.15 28.32
N ILE A 700 50.86 41.31 28.15
CA ILE A 700 51.54 42.58 28.36
C ILE A 700 51.94 42.75 29.82
N SER A 701 51.05 42.38 30.74
CA SER A 701 51.34 42.55 32.16
C SER A 701 52.53 41.70 32.59
N PHE A 702 52.58 40.44 32.15
CA PHE A 702 53.70 39.59 32.53
C PHE A 702 54.98 40.01 31.82
N VAL A 703 54.89 40.50 30.59
CA VAL A 703 56.08 41.02 29.91
C VAL A 703 56.64 42.21 30.67
N LEU A 704 55.76 43.11 31.12
CA LEU A 704 56.20 44.26 31.91
C LEU A 704 56.82 43.82 33.23
N CYS A 705 56.21 42.82 33.89
CA CYS A 705 56.76 42.30 35.13
C CYS A 705 58.18 41.78 34.93
N ILE A 706 58.37 40.92 33.92
CA ILE A 706 59.68 40.34 33.69
C ILE A 706 60.70 41.42 33.31
N SER A 707 60.28 42.37 32.46
CA SER A 707 61.18 43.42 32.03
C SER A 707 61.63 44.29 33.19
N CYS A 708 60.70 44.62 34.10
CA CYS A 708 61.09 45.35 35.30
C CYS A 708 61.97 44.51 36.21
N ILE A 709 61.75 43.19 36.24
CA ILE A 709 62.56 42.32 37.10
C ILE A 709 64.00 42.30 36.63
N LEU A 710 64.22 42.12 35.31
CA LEU A 710 65.58 42.09 34.80
C LEU A 710 66.27 43.43 34.90
N VAL A 711 65.49 44.52 35.00
CA VAL A 711 66.07 45.84 35.22
C VAL A 711 66.63 45.95 36.64
N LYS A 712 65.88 45.44 37.62
CA LYS A 712 66.25 45.57 39.03
C LYS A 712 67.40 44.62 39.34
N THR A 713 68.57 44.97 38.80
CA THR A 713 69.79 44.20 39.01
C THR A 713 71.01 45.01 38.59
N ASN A 714 71.98 45.15 39.50
CA ASN A 714 73.22 45.86 39.18
C ASN A 714 74.40 44.90 39.12
N ASN A 736 66.49 58.05 33.08
CA ASN A 736 66.78 56.66 33.39
C ASN A 736 66.77 55.80 32.14
N LEU A 737 67.93 55.18 31.85
CA LEU A 737 68.03 54.28 30.71
C LEU A 737 67.18 53.04 30.92
N GLN A 738 67.12 52.55 32.16
CA GLN A 738 66.37 51.33 32.45
C GLN A 738 64.88 51.50 32.18
N PHE A 739 64.34 52.69 32.48
CA PHE A 739 62.94 52.96 32.16
C PHE A 739 62.68 52.87 30.66
N LEU A 740 63.61 53.38 29.85
CA LEU A 740 63.42 53.32 28.41
C LEU A 740 63.61 51.91 27.88
N LEU A 741 64.48 51.11 28.51
CA LEU A 741 64.57 49.70 28.13
C LEU A 741 63.27 48.96 28.46
N VAL A 742 62.68 49.26 29.61
CA VAL A 742 61.36 48.70 29.96
C VAL A 742 60.32 49.13 28.94
N PHE A 743 60.36 50.40 28.52
CA PHE A 743 59.42 50.89 27.53
C PHE A 743 59.60 50.17 26.19
N LEU A 744 60.85 49.90 25.80
CA LEU A 744 61.10 49.13 24.59
C LEU A 744 60.52 47.72 24.72
N CYS A 745 60.72 47.08 25.87
CA CYS A 745 60.22 45.72 26.06
C CYS A 745 58.70 45.68 25.98
N THR A 746 58.03 46.68 26.54
CA THR A 746 56.57 46.72 26.46
C THR A 746 56.10 47.08 25.05
N PHE A 747 56.82 47.99 24.39
CA PHE A 747 56.43 48.46 23.07
C PHE A 747 56.51 47.35 22.03
N MET A 748 57.52 46.48 22.15
CA MET A 748 57.63 45.37 21.21
C MET A 748 56.41 44.46 21.27
N GLN A 749 55.92 44.16 22.48
CA GLN A 749 54.70 43.37 22.62
C GLN A 749 53.48 44.15 22.16
N ILE A 750 53.46 45.45 22.42
CA ILE A 750 52.32 46.28 22.03
C ILE A 750 52.16 46.26 20.51
N VAL A 751 53.28 46.30 19.78
CA VAL A 751 53.22 46.30 18.32
C VAL A 751 52.51 45.05 17.80
N ILE A 752 52.95 43.87 18.27
CA ILE A 752 52.39 42.63 17.77
C ILE A 752 50.94 42.48 18.23
N CYS A 753 50.62 42.91 19.46
CA CYS A 753 49.23 42.85 19.91
C CYS A 753 48.34 43.71 19.03
N VAL A 754 48.77 44.94 18.71
CA VAL A 754 47.95 45.84 17.91
C VAL A 754 47.78 45.29 16.50
N ILE A 755 48.87 44.81 15.90
CA ILE A 755 48.76 44.30 14.53
C ILE A 755 47.91 43.04 14.49
N TRP A 756 47.98 42.19 15.52
CA TRP A 756 47.11 41.01 15.57
C TRP A 756 45.65 41.42 15.67
N LEU A 757 45.33 42.32 16.60
CA LEU A 757 43.94 42.73 16.79
C LEU A 757 43.41 43.46 15.57
N TYR A 758 44.28 44.10 14.79
CA TYR A 758 43.83 44.84 13.62
C TYR A 758 43.86 44.04 12.33
N THR A 759 44.50 42.87 12.31
CA THR A 759 44.52 42.04 11.11
C THR A 759 43.66 40.79 11.22
N ALA A 760 43.40 40.28 12.42
CA ALA A 760 42.60 39.08 12.57
C ALA A 760 42.02 39.00 13.98
N PRO A 761 41.02 39.81 14.31
CA PRO A 761 40.48 39.82 15.67
C PRO A 761 39.90 38.47 16.04
N PRO A 762 40.10 38.02 17.27
CA PRO A 762 39.38 36.84 17.75
C PRO A 762 37.93 37.17 18.05
N SER A 763 37.08 36.16 17.96
CA SER A 763 35.65 36.37 18.10
C SER A 763 35.00 35.13 18.70
N SER A 764 33.80 35.32 19.23
CA SER A 764 33.05 34.23 19.83
C SER A 764 32.61 33.23 18.77
N TYR A 765 32.15 32.07 19.24
CA TYR A 765 31.78 30.97 18.35
C TYR A 765 30.95 29.97 19.13
N ARG A 766 29.80 29.60 18.57
CA ARG A 766 28.96 28.54 19.11
C ARG A 766 29.19 27.28 18.30
N ASN A 767 29.63 26.21 18.97
CA ASN A 767 30.01 24.97 18.31
C ASN A 767 28.99 23.89 18.67
N GLN A 768 28.48 23.20 17.65
CA GLN A 768 27.51 22.13 17.82
C GLN A 768 28.00 20.83 17.18
N GLU A 769 29.32 20.61 17.18
CA GLU A 769 29.92 19.50 16.47
C GLU A 769 30.46 18.40 17.36
N LEU A 770 31.09 18.74 18.49
CA LEU A 770 31.65 17.71 19.37
C LEU A 770 30.56 16.80 19.90
N GLU A 771 29.43 17.36 20.34
CA GLU A 771 28.30 16.59 20.83
C GLU A 771 27.03 17.12 20.19
N ASP A 772 26.14 16.20 19.80
CA ASP A 772 24.91 16.60 19.13
C ASP A 772 23.89 17.15 20.12
N GLU A 773 23.84 16.61 21.33
CA GLU A 773 22.83 17.01 22.29
C GLU A 773 23.11 18.36 22.92
N ILE A 774 24.37 18.76 23.04
CA ILE A 774 24.75 20.00 23.71
C ILE A 774 25.57 20.86 22.76
N ILE A 775 25.59 22.15 23.05
CA ILE A 775 26.32 23.13 22.25
C ILE A 775 27.26 23.91 23.16
N PHE A 776 28.45 24.21 22.66
CA PHE A 776 29.47 24.94 23.40
C PHE A 776 29.56 26.37 22.90
N ILE A 777 30.11 27.24 23.75
CA ILE A 777 30.41 28.62 23.37
C ILE A 777 31.87 28.85 23.74
N THR A 778 32.76 28.64 22.77
CA THR A 778 34.18 28.89 22.94
C THR A 778 34.66 29.72 21.76
N CYS A 779 35.65 30.56 22.01
CA CYS A 779 36.12 31.54 21.03
C CYS A 779 37.51 31.16 20.54
N HIS A 780 37.67 31.11 19.22
CA HIS A 780 38.98 30.90 18.63
C HIS A 780 39.76 32.21 18.60
N GLU A 781 41.04 32.11 18.27
CA GLU A 781 41.94 33.25 18.28
C GLU A 781 42.11 33.92 16.93
N GLY A 782 41.44 33.43 15.89
CA GLY A 782 41.57 34.01 14.58
C GLY A 782 42.87 33.65 13.90
N SER A 783 43.98 34.17 14.42
CA SER A 783 45.31 33.86 13.91
C SER A 783 46.10 33.16 15.01
N LEU A 784 46.75 32.06 14.67
CA LEU A 784 47.50 31.27 15.63
C LEU A 784 48.96 31.69 15.72
N MET A 785 49.51 32.27 14.64
CA MET A 785 50.90 32.74 14.67
C MET A 785 51.09 33.83 15.71
N ALA A 786 50.11 34.74 15.85
CA ALA A 786 50.23 35.81 16.82
C ALA A 786 50.28 35.27 18.24
N LEU A 787 49.39 34.32 18.57
CA LEU A 787 49.41 33.72 19.90
C LEU A 787 50.71 32.97 20.14
N GLY A 788 51.16 32.21 19.15
CA GLY A 788 52.43 31.50 19.30
C GLY A 788 53.59 32.44 19.54
N PHE A 789 53.63 33.55 18.81
CA PHE A 789 54.72 34.53 18.98
C PHE A 789 54.63 35.23 20.33
N LEU A 790 53.41 35.49 20.81
CA LEU A 790 53.25 36.08 22.12
C LEU A 790 53.84 35.17 23.20
N ILE A 791 53.45 33.88 23.17
CA ILE A 791 53.98 32.92 24.13
C ILE A 791 55.49 32.78 23.98
N GLY A 792 55.98 32.80 22.74
CA GLY A 792 57.40 32.66 22.51
C GLY A 792 58.21 33.82 23.06
N TYR A 793 57.72 35.05 22.87
CA TYR A 793 58.41 36.21 23.42
C TYR A 793 58.39 36.20 24.94
N THR A 794 57.25 35.84 25.53
CA THR A 794 57.19 35.74 26.99
C THR A 794 58.17 34.71 27.52
N CYS A 795 58.23 33.54 26.87
CA CYS A 795 59.16 32.50 27.30
C CYS A 795 60.61 32.89 27.05
N LEU A 796 60.88 33.65 25.99
CA LEU A 796 62.24 34.10 25.72
C LEU A 796 62.72 35.07 26.80
N LEU A 797 61.86 36.02 27.18
CA LEU A 797 62.21 36.92 28.27
C LEU A 797 62.38 36.14 29.58
N ALA A 798 61.52 35.15 29.81
CA ALA A 798 61.64 34.32 31.00
C ALA A 798 62.98 33.59 31.04
N ALA A 799 63.38 33.01 29.90
CA ALA A 799 64.65 32.29 29.85
C ALA A 799 65.84 33.22 30.02
N ILE A 800 65.78 34.42 29.43
CA ILE A 800 66.85 35.39 29.61
C ILE A 800 67.01 35.75 31.08
N CYS A 801 65.89 36.02 31.75
CA CYS A 801 65.93 36.35 33.16
C CYS A 801 66.46 35.17 33.99
N PHE A 802 66.04 33.96 33.65
CA PHE A 802 66.50 32.78 34.38
C PHE A 802 68.01 32.60 34.24
N PHE A 803 68.54 32.74 33.03
CA PHE A 803 69.97 32.59 32.83
C PHE A 803 70.75 33.68 33.55
N PHE A 804 70.28 34.93 33.45
CA PHE A 804 70.99 36.04 34.09
C PHE A 804 71.00 35.91 35.60
N ALA A 805 69.90 35.42 36.19
CA ALA A 805 69.88 35.21 37.63
C ALA A 805 70.57 33.92 38.04
N PHE A 806 70.77 32.98 37.11
CA PHE A 806 71.55 31.79 37.40
C PHE A 806 73.04 32.10 37.46
N LYS A 807 73.53 32.95 36.55
CA LYS A 807 74.96 33.25 36.54
C LYS A 807 75.40 33.90 37.85
N SER A 808 74.60 34.81 38.39
CA SER A 808 74.91 35.52 39.63
C SER A 808 74.18 34.94 40.83
N ARG A 809 73.98 33.62 40.85
CA ARG A 809 73.17 33.01 41.92
C ARG A 809 73.85 33.13 43.27
N LYS A 810 75.17 32.97 43.33
CA LYS A 810 75.89 32.92 44.61
C LYS A 810 76.35 34.33 44.99
N LEU A 811 75.39 35.12 45.47
CA LEU A 811 75.65 36.48 45.92
C LEU A 811 74.62 36.84 46.99
N PRO A 812 75.03 37.52 48.06
CA PRO A 812 74.09 37.86 49.16
C PRO A 812 73.45 39.23 49.07
N GLU A 813 73.62 39.96 47.97
CA GLU A 813 73.07 41.30 47.86
C GLU A 813 71.54 41.25 47.83
N ASN A 814 70.93 42.26 48.46
CA ASN A 814 69.47 42.41 48.49
C ASN A 814 68.78 41.18 49.08
N PHE A 815 69.40 40.61 50.13
CA PHE A 815 68.86 39.43 50.82
C PHE A 815 68.64 38.27 49.86
N ASN A 816 69.66 38.00 49.04
CA ASN A 816 69.66 36.88 48.09
C ASN A 816 68.46 36.95 47.13
N GLU A 817 68.39 38.04 46.36
CA GLU A 817 67.32 38.17 45.38
C GLU A 817 67.58 37.30 44.15
N ALA A 818 68.84 37.15 43.77
CA ALA A 818 69.20 36.47 42.53
C ALA A 818 68.91 34.97 42.55
N LYS A 819 68.60 34.40 43.71
CA LYS A 819 68.21 33.00 43.82
C LYS A 819 66.70 32.83 43.87
N PHE A 820 65.99 33.69 44.61
CA PHE A 820 64.54 33.68 44.58
C PHE A 820 64.00 33.99 43.19
N ILE A 821 64.73 34.81 42.42
CA ILE A 821 64.33 35.08 41.05
C ILE A 821 64.36 33.80 40.22
N THR A 822 65.43 33.01 40.37
CA THR A 822 65.51 31.74 39.66
C THR A 822 64.41 30.78 40.12
N PHE A 823 64.11 30.76 41.42
CA PHE A 823 63.03 29.91 41.89
C PHE A 823 61.69 30.30 41.28
N SER A 824 61.41 31.61 41.20
CA SER A 824 60.17 32.07 40.60
C SER A 824 60.10 31.71 39.13
N MET A 825 61.20 31.89 38.40
CA MET A 825 61.19 31.54 36.98
C MET A 825 60.99 30.04 36.80
N LEU A 826 61.60 29.24 37.69
CA LEU A 826 61.45 27.79 37.61
C LEU A 826 60.01 27.36 37.82
N ILE A 827 59.34 27.93 38.83
CA ILE A 827 57.95 27.52 39.07
C ILE A 827 57.06 27.99 37.93
N PHE A 828 57.35 29.17 37.37
CA PHE A 828 56.59 29.63 36.20
C PHE A 828 56.73 28.64 35.05
N PHE A 829 57.96 28.23 34.74
CA PHE A 829 58.18 27.29 33.64
C PHE A 829 57.51 25.95 33.91
N ILE A 830 57.59 25.47 35.16
CA ILE A 830 56.99 24.19 35.51
C ILE A 830 55.48 24.24 35.31
N VAL A 831 54.83 25.29 35.82
CA VAL A 831 53.38 25.36 35.72
C VAL A 831 52.94 25.62 34.28
N TRP A 832 53.79 26.25 33.46
CA TRP A 832 53.45 26.39 32.05
C TRP A 832 53.58 25.06 31.31
N ILE A 833 54.61 24.28 31.64
CA ILE A 833 54.83 22.99 30.98
C ILE A 833 53.73 22.00 31.35
N SER A 834 53.28 22.04 32.61
CA SER A 834 52.40 21.00 33.13
C SER A 834 51.05 20.92 32.42
N PHE A 835 50.63 21.97 31.71
CA PHE A 835 49.28 22.05 31.18
C PHE A 835 49.22 21.93 29.65
N ILE A 836 50.33 21.59 29.00
CA ILE A 836 50.33 21.49 27.54
C ILE A 836 49.38 20.41 27.02
N PRO A 837 49.36 19.19 27.57
CA PRO A 837 48.35 18.22 27.11
C PRO A 837 46.93 18.68 27.34
N ALA A 838 46.67 19.38 28.44
CA ALA A 838 45.33 19.90 28.69
C ALA A 838 44.94 20.93 27.63
N TYR A 839 45.88 21.81 27.27
CA TYR A 839 45.59 22.78 26.22
C TYR A 839 45.37 22.10 24.87
N ALA A 840 46.15 21.06 24.57
CA ALA A 840 46.15 20.45 23.26
C ALA A 840 45.08 19.37 23.08
N SER A 841 44.44 18.91 24.15
CA SER A 841 43.52 17.77 24.06
C SER A 841 42.07 18.15 24.31
N THR A 842 41.76 18.74 25.46
CA THR A 842 40.36 18.96 25.81
C THR A 842 39.81 20.21 25.13
N TYR A 843 38.48 20.28 25.05
CA TYR A 843 37.82 21.39 24.37
C TYR A 843 36.60 21.90 25.12
N GLY A 844 36.40 21.48 26.36
CA GLY A 844 35.27 21.91 27.16
C GLY A 844 35.57 23.13 27.99
N LYS A 845 34.90 23.24 29.14
CA LYS A 845 35.17 24.35 30.05
C LYS A 845 36.50 24.20 30.76
N PHE A 846 37.10 23.01 30.75
CA PHE A 846 38.35 22.78 31.43
C PHE A 846 39.53 23.47 30.77
N VAL A 847 39.37 23.96 29.54
CA VAL A 847 40.42 24.75 28.91
C VAL A 847 40.54 26.10 29.59
N SER A 848 39.41 26.70 29.98
CA SER A 848 39.45 28.02 30.58
C SER A 848 39.97 27.97 32.02
N ALA A 849 39.56 26.97 32.80
CA ALA A 849 39.93 26.91 34.20
C ALA A 849 41.43 26.75 34.38
N VAL A 850 42.05 25.88 33.58
CA VAL A 850 43.49 25.63 33.72
C VAL A 850 44.29 26.89 33.37
N GLU A 851 43.80 27.69 32.42
CA GLU A 851 44.49 28.94 32.08
C GLU A 851 44.49 29.89 33.27
N VAL A 852 43.34 30.02 33.95
CA VAL A 852 43.27 30.87 35.12
C VAL A 852 44.17 30.34 36.22
N ILE A 853 44.19 29.02 36.40
CA ILE A 853 45.04 28.41 37.44
C ILE A 853 46.51 28.71 37.16
N ALA A 854 46.93 28.56 35.90
CA ALA A 854 48.32 28.85 35.55
C ALA A 854 48.65 30.33 35.76
N ILE A 855 47.74 31.22 35.37
CA ILE A 855 47.96 32.65 35.56
C ILE A 855 48.13 32.97 37.03
N LEU A 856 47.23 32.45 37.87
CA LEU A 856 47.30 32.72 39.30
C LEU A 856 48.58 32.14 39.90
N ALA A 857 48.97 30.93 39.49
CA ALA A 857 50.18 30.33 40.03
C ALA A 857 51.40 31.16 39.68
N ALA A 858 51.53 31.57 38.41
CA ALA A 858 52.68 32.36 38.00
C ALA A 858 52.72 33.69 38.74
N SER A 859 51.57 34.38 38.82
CA SER A 859 51.54 35.68 39.49
C SER A 859 51.88 35.55 40.97
N PHE A 860 51.31 34.55 41.64
CA PHE A 860 51.56 34.37 43.07
C PHE A 860 53.02 34.03 43.34
N GLY A 861 53.60 33.13 42.54
CA GLY A 861 55.01 32.83 42.71
C GLY A 861 55.90 34.03 42.48
N LEU A 862 55.63 34.79 41.41
CA LEU A 862 56.45 35.95 41.10
C LEU A 862 56.36 37.00 42.18
N LEU A 863 55.16 37.19 42.76
CA LEU A 863 55.01 38.15 43.85
C LEU A 863 55.73 37.67 45.12
N ALA A 864 55.48 36.41 45.51
CA ALA A 864 55.99 35.92 46.78
C ALA A 864 57.51 35.84 46.78
N CYS A 865 58.09 35.19 45.77
CA CYS A 865 59.53 34.95 45.76
C CYS A 865 60.32 36.25 45.85
N ILE A 866 59.75 37.36 45.39
CA ILE A 866 60.45 38.63 45.39
C ILE A 866 60.15 39.44 46.64
N PHE A 867 58.89 39.47 47.10
CA PHE A 867 58.55 40.42 48.15
C PHE A 867 58.43 39.82 49.55
N PHE A 868 58.32 38.49 49.68
CA PHE A 868 58.11 37.90 51.00
C PHE A 868 59.31 38.10 51.91
N ASN A 869 60.52 37.93 51.36
CA ASN A 869 61.72 38.07 52.16
C ASN A 869 61.84 39.48 52.74
N LYS A 870 61.59 40.50 51.93
CA LYS A 870 61.68 41.86 52.41
C LYS A 870 60.53 42.20 53.35
N ILE A 871 59.33 41.67 53.08
CA ILE A 871 58.18 41.98 53.93
C ILE A 871 58.35 41.38 55.32
N TYR A 872 58.93 40.18 55.40
CA TYR A 872 59.07 39.51 56.68
C TYR A 872 60.07 40.18 57.61
N ILE A 873 60.86 41.13 57.11
CA ILE A 873 61.90 41.78 57.91
C ILE A 873 61.68 43.28 58.08
N ILE A 874 60.74 43.88 57.35
CA ILE A 874 60.54 45.31 57.42
C ILE A 874 59.51 45.65 58.49
N TYR B 12 -45.93 -15.20 -38.94
CA TYR B 12 -45.51 -14.61 -40.20
C TYR B 12 -44.04 -14.19 -40.15
N GLY B 13 -43.80 -13.00 -39.60
CA GLY B 13 -42.45 -12.49 -39.48
C GLY B 13 -42.20 -11.27 -40.34
N PRO B 14 -40.99 -10.72 -40.26
CA PRO B 14 -40.66 -9.55 -41.09
C PRO B 14 -40.69 -9.89 -42.57
N ASP B 15 -41.04 -8.88 -43.38
CA ASP B 15 -41.12 -9.08 -44.83
C ASP B 15 -39.74 -9.35 -45.44
N GLN B 16 -38.71 -8.63 -44.97
CA GLN B 16 -37.37 -8.81 -45.50
C GLN B 16 -36.74 -10.05 -44.89
N ARG B 17 -36.35 -11.00 -45.74
CA ARG B 17 -35.83 -12.28 -45.27
C ARG B 17 -35.14 -12.98 -46.44
N ALA B 18 -34.53 -14.12 -46.13
CA ALA B 18 -34.01 -15.06 -47.12
C ALA B 18 -34.60 -16.42 -46.82
N GLN B 19 -35.14 -17.09 -47.83
CA GLN B 19 -35.91 -18.30 -47.61
C GLN B 19 -35.67 -19.30 -48.74
N LYS B 20 -35.73 -20.59 -48.38
CA LYS B 20 -35.68 -21.67 -49.35
C LYS B 20 -36.36 -22.88 -48.71
N LYS B 21 -36.74 -23.84 -49.55
CA LYS B 21 -37.47 -25.02 -49.12
C LYS B 21 -36.59 -26.26 -49.20
N GLY B 22 -36.83 -27.18 -48.28
CA GLY B 22 -36.10 -28.43 -48.26
C GLY B 22 -36.74 -29.40 -47.30
N ASP B 23 -36.07 -30.54 -47.11
CA ASP B 23 -36.58 -31.54 -46.18
C ASP B 23 -36.39 -31.11 -44.74
N ILE B 24 -35.24 -30.49 -44.44
CA ILE B 24 -34.93 -29.98 -43.10
C ILE B 24 -34.62 -28.50 -43.22
N ILE B 25 -35.23 -27.69 -42.38
CA ILE B 25 -35.11 -26.24 -42.41
C ILE B 25 -34.23 -25.78 -41.26
N LEU B 26 -33.26 -24.93 -41.56
CA LEU B 26 -32.35 -24.37 -40.57
C LEU B 26 -32.65 -22.89 -40.35
N GLY B 27 -32.30 -22.40 -39.18
CA GLY B 27 -32.50 -21.00 -38.86
C GLY B 27 -31.21 -20.19 -38.87
N GLY B 28 -31.33 -18.87 -39.01
CA GLY B 28 -30.16 -18.01 -39.00
C GLY B 28 -30.52 -16.62 -38.54
N LEU B 29 -29.57 -15.96 -37.88
CA LEU B 29 -29.73 -14.59 -37.39
C LEU B 29 -28.44 -13.84 -37.63
N PHE B 30 -28.51 -12.73 -38.37
CA PHE B 30 -27.32 -11.96 -38.71
C PHE B 30 -27.61 -10.48 -38.56
N PRO B 31 -26.62 -9.68 -38.17
CA PRO B 31 -26.79 -8.21 -38.01
C PRO B 31 -26.55 -7.42 -39.30
N ILE B 32 -27.56 -7.40 -40.16
CA ILE B 32 -27.46 -6.66 -41.42
C ILE B 32 -27.41 -5.16 -41.17
N HIS B 33 -27.86 -4.70 -40.01
CA HIS B 33 -27.82 -3.29 -39.66
C HIS B 33 -27.12 -3.10 -38.32
N PHE B 34 -26.50 -1.93 -38.15
CA PHE B 34 -25.76 -1.65 -36.92
C PHE B 34 -26.68 -1.30 -35.76
N GLY B 35 -27.85 -0.75 -36.03
CA GLY B 35 -28.74 -0.35 -34.96
C GLY B 35 -30.02 0.23 -35.51
N VAL B 36 -30.80 0.83 -34.61
CA VAL B 36 -32.11 1.39 -34.95
C VAL B 36 -32.08 2.88 -34.70
N ALA B 37 -33.07 3.57 -35.27
CA ALA B 37 -33.20 5.00 -35.09
C ALA B 37 -33.58 5.33 -33.65
N ALA B 38 -33.06 6.46 -33.15
CA ALA B 38 -33.25 6.87 -31.78
C ALA B 38 -34.51 7.72 -31.57
N LYS B 39 -35.48 7.61 -32.47
CA LYS B 39 -36.73 8.36 -32.33
C LYS B 39 -37.60 7.70 -31.27
N ASP B 40 -37.72 8.35 -30.13
CA ASP B 40 -38.51 7.82 -29.03
C ASP B 40 -39.93 8.39 -29.09
N GLN B 41 -40.91 7.52 -29.19
CA GLN B 41 -42.30 7.96 -29.31
C GLN B 41 -42.81 8.52 -27.99
N ASP B 42 -43.71 9.49 -28.10
CA ASP B 42 -44.36 10.10 -26.94
C ASP B 42 -45.70 9.45 -26.62
N LEU B 43 -46.07 8.38 -27.33
CA LEU B 43 -47.32 7.65 -27.11
C LEU B 43 -48.54 8.55 -27.33
N LYS B 44 -48.39 9.60 -28.14
CA LYS B 44 -49.55 10.39 -28.53
C LYS B 44 -50.38 9.68 -29.60
N SER B 45 -49.74 8.84 -30.41
CA SER B 45 -50.41 8.03 -31.41
C SER B 45 -49.99 6.58 -31.22
N ARG B 46 -50.65 5.68 -31.93
CA ARG B 46 -50.34 4.27 -31.82
C ARG B 46 -48.90 4.00 -32.27
N PRO B 47 -48.12 3.23 -31.51
CA PRO B 47 -46.73 2.98 -31.91
C PRO B 47 -46.66 2.21 -33.21
N GLU B 48 -45.60 2.48 -33.98
CA GLU B 48 -45.35 1.84 -35.26
C GLU B 48 -44.01 1.11 -35.22
N SER B 49 -43.67 0.47 -36.33
CA SER B 49 -42.42 -0.27 -36.41
C SER B 49 -41.24 0.69 -36.43
N VAL B 50 -40.17 0.30 -35.74
CA VAL B 50 -38.93 1.08 -35.70
C VAL B 50 -38.04 0.62 -36.84
N GLU B 51 -37.27 1.55 -37.40
CA GLU B 51 -36.44 1.28 -38.55
C GLU B 51 -34.96 1.26 -38.17
N CYS B 52 -34.16 0.64 -39.03
CA CYS B 52 -32.73 0.51 -38.83
C CYS B 52 -31.98 1.45 -39.77
N ILE B 53 -30.80 1.88 -39.35
CA ILE B 53 -30.14 3.06 -39.92
C ILE B 53 -28.99 2.66 -40.87
N ARG B 54 -27.96 2.01 -40.33
CA ARG B 54 -26.73 1.78 -41.09
C ARG B 54 -26.64 0.34 -41.58
N TYR B 55 -25.86 0.15 -42.64
CA TYR B 55 -25.72 -1.15 -43.29
C TYR B 55 -24.42 -1.81 -42.87
N ASN B 56 -24.42 -3.14 -42.86
CA ASN B 56 -23.29 -3.94 -42.38
C ASN B 56 -22.88 -4.95 -43.44
N PHE B 57 -21.84 -4.60 -44.22
CA PHE B 57 -21.34 -5.49 -45.25
C PHE B 57 -20.72 -6.75 -44.65
N ARG B 58 -20.07 -6.60 -43.50
CA ARG B 58 -19.51 -7.76 -42.80
C ARG B 58 -20.62 -8.72 -42.38
N GLY B 59 -21.73 -8.17 -41.88
CA GLY B 59 -22.88 -9.01 -41.55
C GLY B 59 -23.46 -9.70 -42.77
N PHE B 60 -23.51 -8.99 -43.90
CA PHE B 60 -24.01 -9.63 -45.13
C PHE B 60 -23.10 -10.77 -45.58
N ARG B 61 -21.79 -10.59 -45.46
CA ARG B 61 -20.85 -11.67 -45.79
C ARG B 61 -21.03 -12.85 -44.85
N TRP B 62 -21.23 -12.59 -43.56
CA TRP B 62 -21.53 -13.66 -42.61
C TRP B 62 -22.79 -14.40 -43.03
N LEU B 63 -23.81 -13.68 -43.49
CA LEU B 63 -25.04 -14.30 -43.97
C LEU B 63 -24.77 -15.18 -45.18
N GLN B 64 -23.95 -14.70 -46.12
CA GLN B 64 -23.67 -15.47 -47.33
C GLN B 64 -22.90 -16.75 -47.03
N ALA B 65 -22.08 -16.74 -45.98
CA ALA B 65 -21.29 -17.93 -45.66
C ALA B 65 -22.18 -19.14 -45.35
N MET B 66 -23.26 -18.93 -44.59
CA MET B 66 -24.14 -20.03 -44.24
C MET B 66 -24.85 -20.59 -45.47
N ILE B 67 -25.29 -19.72 -46.37
CA ILE B 67 -25.94 -20.19 -47.59
C ILE B 67 -24.95 -20.97 -48.45
N PHE B 68 -23.71 -20.50 -48.54
CA PHE B 68 -22.68 -21.26 -49.25
C PHE B 68 -22.51 -22.65 -48.65
N ALA B 69 -22.42 -22.72 -47.33
CA ALA B 69 -22.22 -24.01 -46.67
C ALA B 69 -23.38 -24.96 -46.93
N ILE B 70 -24.62 -24.45 -46.85
CA ILE B 70 -25.78 -25.30 -47.08
C ILE B 70 -25.81 -25.79 -48.53
N GLU B 71 -25.52 -24.91 -49.49
CA GLU B 71 -25.48 -25.33 -50.89
C GLU B 71 -24.42 -26.38 -51.13
N GLU B 72 -23.23 -26.19 -50.56
CA GLU B 72 -22.16 -27.18 -50.72
C GLU B 72 -22.54 -28.52 -50.11
N ILE B 73 -23.20 -28.49 -48.94
CA ILE B 73 -23.63 -29.72 -48.30
C ILE B 73 -24.65 -30.45 -49.18
N ASN B 74 -25.63 -29.71 -49.70
CA ASN B 74 -26.62 -30.33 -50.58
C ASN B 74 -25.99 -30.88 -51.85
N SER B 75 -24.92 -30.23 -52.34
CA SER B 75 -24.24 -30.74 -53.53
C SER B 75 -23.42 -31.98 -53.21
N SER B 76 -22.90 -32.09 -52.00
CA SER B 76 -22.08 -33.24 -51.63
C SER B 76 -22.95 -34.51 -51.64
N PRO B 77 -22.49 -35.60 -52.27
CA PRO B 77 -23.33 -36.80 -52.36
C PRO B 77 -23.04 -37.84 -51.28
N ALA B 78 -21.99 -37.62 -50.48
CA ALA B 78 -21.55 -38.61 -49.50
C ALA B 78 -21.75 -38.14 -48.06
N LEU B 79 -22.58 -37.12 -47.84
CA LEU B 79 -22.85 -36.63 -46.50
C LEU B 79 -24.30 -36.82 -46.08
N LEU B 80 -25.27 -36.57 -46.98
CA LEU B 80 -26.69 -36.77 -46.69
C LEU B 80 -27.42 -37.08 -47.99
N PRO B 81 -27.25 -38.30 -48.50
CA PRO B 81 -27.92 -38.66 -49.76
C PRO B 81 -29.44 -38.67 -49.59
N ASN B 82 -30.13 -38.34 -50.69
CA ASN B 82 -31.59 -38.33 -50.72
C ASN B 82 -32.17 -37.39 -49.65
N LEU B 83 -31.51 -36.26 -49.44
CA LEU B 83 -31.98 -35.28 -48.47
C LEU B 83 -31.63 -33.88 -48.97
N THR B 84 -32.42 -32.91 -48.52
CA THR B 84 -32.22 -31.51 -48.90
C THR B 84 -32.38 -30.64 -47.66
N LEU B 85 -31.65 -29.53 -47.64
CA LEU B 85 -31.64 -28.61 -46.50
C LEU B 85 -32.16 -27.25 -46.94
N GLY B 86 -33.09 -26.69 -46.15
CA GLY B 86 -33.56 -25.34 -46.35
C GLY B 86 -33.04 -24.41 -45.27
N TYR B 87 -33.47 -23.16 -45.36
CA TYR B 87 -33.03 -22.15 -44.40
C TYR B 87 -34.09 -21.07 -44.26
N ARG B 88 -33.98 -20.32 -43.16
CA ARG B 88 -34.90 -19.22 -42.87
C ARG B 88 -34.11 -18.21 -42.03
N ILE B 89 -33.64 -17.14 -42.67
CA ILE B 89 -32.70 -16.20 -42.08
C ILE B 89 -33.37 -14.83 -41.97
N PHE B 90 -33.14 -14.16 -40.84
CA PHE B 90 -33.73 -12.86 -40.55
C PHE B 90 -32.66 -11.88 -40.10
N ASP B 91 -33.04 -10.61 -40.02
CA ASP B 91 -32.16 -9.54 -39.58
C ASP B 91 -32.47 -9.16 -38.14
N THR B 92 -31.42 -8.76 -37.40
CA THR B 92 -31.55 -8.40 -36.00
C THR B 92 -31.28 -6.93 -35.71
N CYS B 93 -30.47 -6.26 -36.54
CA CYS B 93 -30.08 -4.86 -36.31
C CYS B 93 -29.38 -4.68 -34.96
N ASN B 94 -28.74 -5.74 -34.46
CA ASN B 94 -28.05 -5.72 -33.18
C ASN B 94 -28.97 -5.34 -32.02
N THR B 95 -30.26 -5.65 -32.15
CA THR B 95 -31.27 -5.28 -31.17
C THR B 95 -32.01 -6.51 -30.70
N VAL B 96 -32.34 -6.53 -29.41
CA VAL B 96 -33.04 -7.68 -28.84
C VAL B 96 -34.47 -7.75 -29.38
N SER B 97 -35.14 -6.60 -29.50
CA SER B 97 -36.54 -6.59 -29.90
C SER B 97 -36.73 -7.15 -31.30
N LYS B 98 -35.84 -6.79 -32.24
CA LYS B 98 -35.96 -7.27 -33.61
C LYS B 98 -35.66 -8.76 -33.70
N ALA B 99 -34.72 -9.26 -32.90
CA ALA B 99 -34.38 -10.68 -32.94
C ALA B 99 -35.43 -11.54 -32.26
N LEU B 100 -36.16 -10.99 -31.28
CA LEU B 100 -37.21 -11.75 -30.62
C LEU B 100 -38.42 -11.93 -31.52
N GLU B 101 -38.67 -10.98 -32.43
CA GLU B 101 -39.75 -11.14 -33.39
C GLU B 101 -39.48 -12.32 -34.32
N ALA B 102 -38.24 -12.46 -34.79
CA ALA B 102 -37.89 -13.57 -35.66
C ALA B 102 -37.92 -14.90 -34.94
N THR B 103 -37.51 -14.92 -33.66
CA THR B 103 -37.48 -16.17 -32.91
C THR B 103 -38.87 -16.73 -32.67
N LEU B 104 -39.87 -15.85 -32.55
CA LEU B 104 -41.25 -16.32 -32.36
C LEU B 104 -41.76 -17.05 -33.60
N SER B 105 -41.24 -16.70 -34.78
CA SER B 105 -41.61 -17.42 -36.00
C SER B 105 -40.89 -18.77 -36.09
N PHE B 106 -39.75 -18.91 -35.41
CA PHE B 106 -39.01 -20.18 -35.45
C PHE B 106 -39.74 -21.27 -34.66
N VAL B 107 -40.26 -20.92 -33.47
CA VAL B 107 -40.93 -21.92 -32.63
C VAL B 107 -42.38 -22.14 -33.02
N ALA B 108 -42.94 -21.30 -33.88
CA ALA B 108 -44.32 -21.46 -34.31
C ALA B 108 -44.43 -22.49 -35.44
N PRO B 128 -42.41 -26.81 -41.82
CA PRO B 128 -42.42 -25.42 -41.34
C PRO B 128 -41.81 -25.28 -39.95
N SER B 129 -41.14 -26.33 -39.48
CA SER B 129 -40.50 -26.35 -38.17
C SER B 129 -39.00 -26.49 -38.36
N THR B 130 -38.24 -25.60 -37.72
CA THR B 130 -36.79 -25.63 -37.82
C THR B 130 -36.20 -26.69 -36.89
N ILE B 131 -35.09 -27.28 -37.33
CA ILE B 131 -34.39 -28.27 -36.53
C ILE B 131 -33.32 -27.64 -35.65
N ALA B 132 -32.58 -26.68 -36.20
CA ALA B 132 -31.55 -25.99 -35.44
C ALA B 132 -31.42 -24.56 -35.98
N VAL B 133 -30.88 -23.68 -35.14
CA VAL B 133 -30.71 -22.27 -35.46
C VAL B 133 -29.25 -21.91 -35.29
N VAL B 134 -28.68 -21.27 -36.30
CA VAL B 134 -27.31 -20.74 -36.21
C VAL B 134 -27.38 -19.43 -35.43
N GLY B 135 -26.62 -19.35 -34.34
CA GLY B 135 -26.80 -18.33 -33.33
C GLY B 135 -26.59 -16.89 -33.78
N ALA B 136 -26.69 -15.97 -32.82
CA ALA B 136 -26.59 -14.54 -33.09
C ALA B 136 -25.15 -14.08 -32.88
N THR B 137 -24.95 -12.76 -32.85
CA THR B 137 -23.64 -12.16 -32.68
C THR B 137 -23.43 -11.60 -31.27
N GLY B 138 -24.33 -10.74 -30.81
CA GLY B 138 -24.19 -10.15 -29.49
C GLY B 138 -24.55 -11.12 -28.38
N SER B 139 -23.87 -10.97 -27.24
CA SER B 139 -24.09 -11.87 -26.12
C SER B 139 -25.47 -11.70 -25.52
N GLY B 140 -25.94 -10.46 -25.36
CA GLY B 140 -27.27 -10.25 -24.83
C GLY B 140 -28.36 -10.77 -25.75
N VAL B 141 -28.21 -10.53 -27.05
CA VAL B 141 -29.17 -11.06 -28.02
C VAL B 141 -29.15 -12.59 -28.01
N SER B 142 -27.97 -13.19 -27.89
CA SER B 142 -27.87 -14.64 -27.83
C SER B 142 -28.55 -15.20 -26.59
N THR B 143 -28.36 -14.54 -25.44
CA THR B 143 -29.03 -14.99 -24.22
C THR B 143 -30.55 -14.87 -24.35
N ALA B 144 -31.02 -13.75 -24.92
CA ALA B 144 -32.47 -13.56 -25.09
C ALA B 144 -33.05 -14.62 -26.03
N VAL B 145 -32.33 -14.95 -27.10
CA VAL B 145 -32.83 -15.96 -28.03
C VAL B 145 -32.78 -17.34 -27.40
N ALA B 146 -31.73 -17.65 -26.65
CA ALA B 146 -31.59 -18.96 -26.04
C ALA B 146 -32.62 -19.19 -24.95
N ASN B 147 -33.01 -18.14 -24.22
CA ASN B 147 -34.04 -18.30 -23.20
C ASN B 147 -35.33 -18.85 -23.80
N LEU B 148 -35.68 -18.42 -25.00
CA LEU B 148 -36.88 -18.92 -25.66
C LEU B 148 -36.63 -20.22 -26.40
N LEU B 149 -35.42 -20.41 -26.94
CA LEU B 149 -35.13 -21.61 -27.72
C LEU B 149 -34.96 -22.84 -26.84
N GLY B 150 -34.56 -22.67 -25.57
CA GLY B 150 -34.40 -23.80 -24.69
C GLY B 150 -35.71 -24.41 -24.19
N LEU B 151 -36.83 -23.69 -24.36
CA LEU B 151 -38.12 -24.25 -23.97
C LEU B 151 -38.48 -25.46 -24.79
N PHE B 152 -38.20 -25.42 -26.10
CA PHE B 152 -38.56 -26.49 -27.03
C PHE B 152 -37.39 -27.40 -27.37
N TYR B 153 -36.24 -27.21 -26.69
CA TYR B 153 -35.07 -28.07 -26.87
C TYR B 153 -34.56 -28.04 -28.32
N ILE B 154 -34.50 -26.85 -28.90
CA ILE B 154 -33.98 -26.66 -30.25
C ILE B 154 -32.51 -26.30 -30.13
N PRO B 155 -31.59 -27.08 -30.70
CA PRO B 155 -30.17 -26.76 -30.60
C PRO B 155 -29.85 -25.42 -31.26
N GLN B 156 -28.92 -24.68 -30.65
CA GLN B 156 -28.53 -23.36 -31.14
C GLN B 156 -27.01 -23.24 -31.07
N VAL B 157 -26.38 -23.09 -32.23
CA VAL B 157 -24.94 -22.97 -32.33
C VAL B 157 -24.61 -21.53 -32.74
N SER B 158 -23.85 -20.84 -31.89
CA SER B 158 -23.45 -19.46 -32.13
C SER B 158 -22.03 -19.41 -32.67
N TYR B 159 -21.72 -18.31 -33.36
CA TYR B 159 -20.41 -18.12 -33.96
C TYR B 159 -19.64 -16.93 -33.39
N ALA B 160 -20.28 -16.06 -32.62
CA ALA B 160 -19.60 -14.87 -32.12
C ALA B 160 -19.83 -14.58 -30.64
N SER B 161 -20.80 -15.22 -29.98
CA SER B 161 -21.07 -14.94 -28.57
C SER B 161 -20.06 -15.67 -27.71
N SER B 162 -19.20 -14.91 -27.01
CA SER B 162 -18.11 -15.47 -26.23
C SER B 162 -18.24 -15.17 -24.73
N SER B 163 -19.40 -14.71 -24.27
CA SER B 163 -19.58 -14.43 -22.85
C SER B 163 -19.54 -15.72 -22.04
N ARG B 164 -18.95 -15.63 -20.85
CA ARG B 164 -18.85 -16.80 -19.97
C ARG B 164 -20.16 -17.14 -19.27
N LEU B 165 -21.16 -16.25 -19.33
CA LEU B 165 -22.45 -16.55 -18.73
C LEU B 165 -23.22 -17.59 -19.52
N LEU B 166 -22.87 -17.82 -20.78
CA LEU B 166 -23.55 -18.81 -21.61
C LEU B 166 -23.03 -20.23 -21.40
N SER B 167 -22.01 -20.41 -20.56
CA SER B 167 -21.50 -21.74 -20.25
C SER B 167 -22.33 -22.45 -19.20
N ASN B 168 -23.27 -21.77 -18.56
CA ASN B 168 -24.11 -22.37 -17.54
C ASN B 168 -25.14 -23.28 -18.20
N LYS B 169 -25.00 -24.60 -18.00
CA LYS B 169 -25.90 -25.56 -18.60
C LYS B 169 -27.18 -25.76 -17.80
N ASN B 170 -27.27 -25.20 -16.59
CA ASN B 170 -28.51 -25.28 -15.82
C ASN B 170 -29.56 -24.29 -16.30
N GLN B 171 -29.16 -23.31 -17.12
CA GLN B 171 -30.10 -22.32 -17.65
C GLN B 171 -30.13 -22.27 -19.17
N PHE B 172 -29.05 -22.67 -19.85
CA PHE B 172 -29.02 -22.79 -21.30
C PHE B 172 -28.79 -24.26 -21.63
N LYS B 173 -29.88 -24.99 -21.87
CA LYS B 173 -29.81 -26.43 -22.10
C LYS B 173 -29.50 -26.82 -23.53
N SER B 174 -29.55 -25.88 -24.48
CA SER B 174 -29.35 -26.22 -25.89
C SER B 174 -28.47 -25.21 -26.61
N PHE B 175 -27.49 -24.64 -25.91
CA PHE B 175 -26.61 -23.64 -26.49
C PHE B 175 -25.21 -24.23 -26.68
N LEU B 176 -24.69 -24.13 -27.90
CA LEU B 176 -23.32 -24.46 -28.23
C LEU B 176 -22.70 -23.30 -29.00
N ARG B 177 -21.38 -23.30 -29.11
CA ARG B 177 -20.68 -22.25 -29.84
C ARG B 177 -19.39 -22.80 -30.41
N THR B 178 -18.98 -22.23 -31.55
CA THR B 178 -17.72 -22.56 -32.19
C THR B 178 -16.62 -21.56 -31.84
N ILE B 179 -16.87 -20.68 -30.89
CA ILE B 179 -15.91 -19.65 -30.49
C ILE B 179 -15.59 -19.85 -29.01
N PRO B 180 -14.34 -19.67 -28.59
CA PRO B 180 -14.02 -19.81 -27.17
C PRO B 180 -14.53 -18.62 -26.35
N ASN B 181 -14.56 -18.82 -25.03
CA ASN B 181 -14.97 -17.77 -24.11
C ASN B 181 -13.81 -16.84 -23.82
N ASP B 182 -14.08 -15.79 -23.04
CA ASP B 182 -13.16 -14.67 -22.88
C ASP B 182 -12.26 -14.77 -21.66
N GLU B 183 -12.30 -15.88 -20.91
CA GLU B 183 -11.43 -16.04 -19.76
C GLU B 183 -9.96 -16.05 -20.18
N HIS B 184 -9.64 -16.76 -21.27
CA HIS B 184 -8.27 -16.79 -21.76
C HIS B 184 -7.81 -15.42 -22.21
N GLN B 185 -8.69 -14.66 -22.89
CA GLN B 185 -8.32 -13.32 -23.32
C GLN B 185 -8.08 -12.39 -22.14
N ALA B 186 -8.93 -12.48 -21.11
CA ALA B 186 -8.75 -11.64 -19.93
C ALA B 186 -7.45 -12.00 -19.21
N THR B 187 -7.11 -13.29 -19.13
CA THR B 187 -5.83 -13.68 -18.56
C THR B 187 -4.66 -13.17 -19.40
N ALA B 188 -4.80 -13.23 -20.72
CA ALA B 188 -3.73 -12.79 -21.61
C ALA B 188 -3.49 -11.29 -21.51
N MET B 189 -4.54 -10.52 -21.24
CA MET B 189 -4.34 -9.08 -21.04
C MET B 189 -3.41 -8.80 -19.87
N ALA B 190 -3.67 -9.46 -18.73
CA ALA B 190 -2.80 -9.32 -17.57
C ALA B 190 -1.41 -9.88 -17.83
N ASP B 191 -1.31 -10.96 -18.60
CA ASP B 191 -0.01 -11.50 -18.97
C ASP B 191 0.79 -10.48 -19.77
N ILE B 192 0.16 -9.82 -20.73
CA ILE B 192 0.83 -8.79 -21.52
C ILE B 192 1.26 -7.62 -20.64
N ILE B 193 0.36 -7.19 -19.74
CA ILE B 193 0.70 -6.07 -18.87
C ILE B 193 1.89 -6.40 -17.99
N GLU B 194 1.92 -7.61 -17.43
CA GLU B 194 3.06 -8.02 -16.62
C GLU B 194 4.32 -8.15 -17.47
N TYR B 195 4.18 -8.60 -18.72
CA TYR B 195 5.33 -8.73 -19.61
C TYR B 195 5.98 -7.38 -19.90
N PHE B 196 5.17 -6.34 -20.13
CA PHE B 196 5.70 -5.01 -20.40
C PHE B 196 5.94 -4.20 -19.13
N ARG B 197 5.76 -4.81 -17.97
CA ARG B 197 6.22 -4.29 -16.68
C ARG B 197 5.56 -2.94 -16.36
N TRP B 198 4.23 -2.96 -16.31
CA TRP B 198 3.40 -1.79 -16.02
C TRP B 198 2.60 -2.09 -14.74
N ASN B 199 2.31 -1.05 -13.97
CA ASN B 199 1.47 -1.18 -12.78
C ASN B 199 0.46 -0.03 -12.61
N TRP B 200 0.24 0.79 -13.65
CA TRP B 200 -0.64 1.95 -13.54
C TRP B 200 -1.48 2.04 -14.81
N VAL B 201 -2.68 1.46 -14.77
CA VAL B 201 -3.53 1.32 -15.95
C VAL B 201 -4.94 1.80 -15.63
N GLY B 202 -5.73 1.99 -16.69
CA GLY B 202 -7.13 2.28 -16.55
C GLY B 202 -7.96 1.31 -17.37
N THR B 203 -9.25 1.26 -17.06
CA THR B 203 -10.17 0.32 -17.68
C THR B 203 -11.44 1.02 -18.15
N ILE B 204 -11.95 0.58 -19.30
CA ILE B 204 -13.21 1.07 -19.85
C ILE B 204 -13.98 -0.12 -20.41
N ALA B 205 -15.27 -0.19 -20.12
CA ALA B 205 -16.08 -1.33 -20.52
C ALA B 205 -17.42 -0.86 -21.08
N ALA B 206 -18.05 -1.74 -21.85
CA ALA B 206 -19.41 -1.53 -22.33
C ALA B 206 -20.40 -2.09 -21.33
N ASP B 207 -21.57 -1.46 -21.26
CA ASP B 207 -22.61 -1.84 -20.29
C ASP B 207 -23.53 -2.88 -20.92
N ASP B 208 -23.00 -4.10 -21.05
CA ASP B 208 -23.76 -5.22 -21.57
C ASP B 208 -23.18 -6.51 -21.00
N ASP B 209 -23.58 -7.64 -21.57
CA ASP B 209 -23.15 -8.95 -21.09
C ASP B 209 -21.78 -9.37 -21.62
N TYR B 210 -21.15 -8.55 -22.45
CA TYR B 210 -19.85 -8.87 -23.02
C TYR B 210 -18.70 -8.21 -22.30
N GLY B 211 -18.87 -6.97 -21.84
CA GLY B 211 -17.79 -6.22 -21.23
C GLY B 211 -17.64 -6.40 -19.73
N ARG B 212 -18.75 -6.47 -19.01
CA ARG B 212 -18.68 -6.55 -17.56
C ARG B 212 -18.00 -7.81 -17.04
N PRO B 213 -18.37 -9.03 -17.48
CA PRO B 213 -17.64 -10.21 -16.98
C PRO B 213 -16.17 -10.21 -17.36
N GLY B 214 -15.85 -9.75 -18.58
CA GLY B 214 -14.47 -9.69 -18.98
C GLY B 214 -13.65 -8.74 -18.12
N ILE B 215 -14.21 -7.56 -17.82
CA ILE B 215 -13.52 -6.60 -16.98
C ILE B 215 -13.38 -7.13 -15.55
N GLU B 216 -14.39 -7.86 -15.07
CA GLU B 216 -14.31 -8.45 -13.73
C GLU B 216 -13.18 -9.48 -13.66
N LYS B 217 -13.10 -10.37 -14.67
CA LYS B 217 -12.05 -11.37 -14.70
C LYS B 217 -10.67 -10.71 -14.84
N PHE B 218 -10.56 -9.68 -15.67
CA PHE B 218 -9.31 -8.96 -15.81
C PHE B 218 -8.91 -8.28 -14.50
N ARG B 219 -9.87 -7.71 -13.79
CA ARG B 219 -9.58 -7.09 -12.50
C ARG B 219 -9.05 -8.12 -11.51
N GLU B 220 -9.67 -9.31 -11.47
CA GLU B 220 -9.19 -10.37 -10.60
C GLU B 220 -7.75 -10.75 -10.95
N GLU B 221 -7.48 -10.98 -12.24
CA GLU B 221 -6.14 -11.38 -12.66
C GLU B 221 -5.11 -10.30 -12.36
N ALA B 222 -5.44 -9.03 -12.65
CA ALA B 222 -4.51 -7.94 -12.41
C ALA B 222 -4.23 -7.75 -10.94
N GLU B 223 -5.26 -7.86 -10.09
CA GLU B 223 -5.04 -7.77 -8.65
C GLU B 223 -4.16 -8.92 -8.17
N GLU B 224 -4.34 -10.11 -8.73
CA GLU B 224 -3.46 -11.22 -8.39
C GLU B 224 -2.02 -10.97 -8.84
N ARG B 225 -1.83 -10.26 -9.95
CA ARG B 225 -0.52 -10.02 -10.50
C ARG B 225 0.11 -8.70 -10.04
N ASP B 226 -0.45 -8.06 -9.02
CA ASP B 226 0.09 -6.83 -8.44
C ASP B 226 0.15 -5.70 -9.47
N ILE B 227 -1.03 -5.35 -9.99
CA ILE B 227 -1.19 -4.24 -10.92
C ILE B 227 -2.27 -3.32 -10.36
N CYS B 228 -1.98 -2.02 -10.30
CA CYS B 228 -2.88 -1.03 -9.75
C CYS B 228 -3.70 -0.39 -10.87
N ILE B 229 -5.00 -0.28 -10.66
CA ILE B 229 -5.94 0.28 -11.63
C ILE B 229 -6.40 1.64 -11.11
N ASP B 230 -6.31 2.66 -11.97
CA ASP B 230 -6.64 4.03 -11.53
C ASP B 230 -8.14 4.29 -11.61
N PHE B 231 -8.74 4.15 -12.79
CA PHE B 231 -10.15 4.46 -12.99
C PHE B 231 -10.85 3.30 -13.70
N SER B 232 -12.17 3.40 -13.75
CA SER B 232 -13.01 2.37 -14.40
C SER B 232 -14.33 3.01 -14.77
N GLU B 233 -14.65 3.04 -16.07
CA GLU B 233 -15.84 3.72 -16.56
C GLU B 233 -16.61 2.80 -17.50
N LEU B 234 -17.89 3.12 -17.67
CA LEU B 234 -18.77 2.38 -18.55
C LEU B 234 -19.28 3.29 -19.66
N ILE B 235 -19.53 2.70 -20.83
CA ILE B 235 -19.98 3.43 -22.00
C ILE B 235 -21.12 2.66 -22.66
N SER B 236 -21.79 3.31 -23.60
CA SER B 236 -22.88 2.69 -24.34
C SER B 236 -23.07 3.41 -25.66
N GLN B 237 -23.74 2.74 -26.58
CA GLN B 237 -24.01 3.36 -27.89
C GLN B 237 -24.96 4.54 -27.77
N TYR B 238 -25.87 4.50 -26.80
CA TYR B 238 -26.86 5.56 -26.59
C TYR B 238 -26.52 6.42 -25.38
N SER B 239 -25.23 6.64 -25.12
CA SER B 239 -24.81 7.51 -24.03
C SER B 239 -25.00 8.97 -24.41
N ASP B 240 -25.20 9.81 -23.40
CA ASP B 240 -25.52 11.21 -23.62
C ASP B 240 -24.27 12.08 -23.50
N GLU B 241 -24.44 13.35 -23.86
CA GLU B 241 -23.32 14.28 -23.95
C GLU B 241 -22.64 14.45 -22.60
N GLU B 242 -23.43 14.62 -21.53
CA GLU B 242 -22.84 14.86 -20.21
C GLU B 242 -22.06 13.63 -19.73
N GLU B 243 -22.60 12.43 -19.97
CA GLU B 243 -21.88 11.22 -19.60
C GLU B 243 -20.57 11.10 -20.36
N ILE B 244 -20.61 11.40 -21.67
CA ILE B 244 -19.38 11.31 -22.47
C ILE B 244 -18.34 12.31 -21.98
N GLN B 245 -18.76 13.54 -21.69
CA GLN B 245 -17.82 14.54 -21.18
C GLN B 245 -17.27 14.16 -19.82
N HIS B 246 -18.10 13.56 -18.95
CA HIS B 246 -17.61 13.10 -17.67
C HIS B 246 -16.54 12.02 -17.83
N VAL B 247 -16.79 11.06 -18.74
CA VAL B 247 -15.79 10.02 -18.99
C VAL B 247 -14.51 10.64 -19.54
N VAL B 248 -14.65 11.60 -20.45
CA VAL B 248 -13.49 12.26 -21.04
C VAL B 248 -12.67 12.97 -19.97
N GLU B 249 -13.35 13.68 -19.06
CA GLU B 249 -12.64 14.38 -17.99
C GLU B 249 -11.96 13.40 -17.04
N VAL B 250 -12.61 12.27 -16.75
CA VAL B 250 -11.99 11.25 -15.91
C VAL B 250 -10.72 10.73 -16.57
N ILE B 251 -10.77 10.49 -17.88
CA ILE B 251 -9.57 10.05 -18.61
C ILE B 251 -8.49 11.13 -18.57
N GLN B 252 -8.88 12.39 -18.79
CA GLN B 252 -7.92 13.47 -18.93
C GLN B 252 -7.26 13.86 -17.61
N ASN B 253 -7.93 13.65 -16.48
CA ASN B 253 -7.39 14.08 -15.20
C ASN B 253 -6.41 13.08 -14.58
N SER B 254 -6.18 11.95 -15.23
CA SER B 254 -5.32 10.91 -14.67
C SER B 254 -3.96 10.89 -15.37
N THR B 255 -3.01 10.22 -14.73
CA THR B 255 -1.67 10.05 -15.28
C THR B 255 -1.43 8.64 -15.84
N ALA B 256 -2.40 7.75 -15.73
CA ALA B 256 -2.26 6.42 -16.30
C ALA B 256 -2.36 6.49 -17.82
N LYS B 257 -1.42 5.84 -18.50
CA LYS B 257 -1.34 5.92 -19.96
C LYS B 257 -1.92 4.71 -20.67
N VAL B 258 -1.93 3.54 -20.04
CA VAL B 258 -2.42 2.31 -20.65
C VAL B 258 -3.87 2.11 -20.24
N ILE B 259 -4.75 1.96 -21.23
CA ILE B 259 -6.18 1.80 -21.01
C ILE B 259 -6.63 0.48 -21.63
N VAL B 260 -7.31 -0.35 -20.85
CA VAL B 260 -7.83 -1.63 -21.31
C VAL B 260 -9.32 -1.46 -21.60
N VAL B 261 -9.73 -1.80 -22.82
CA VAL B 261 -11.10 -1.61 -23.28
C VAL B 261 -11.69 -2.97 -23.65
N PHE B 262 -12.87 -3.26 -23.10
CA PHE B 262 -13.59 -4.51 -23.42
C PHE B 262 -14.98 -4.10 -23.93
N SER B 263 -15.09 -3.81 -25.23
CA SER B 263 -16.33 -3.31 -25.82
C SER B 263 -16.32 -3.59 -27.31
N SER B 264 -17.25 -2.96 -28.03
CA SER B 264 -17.36 -3.10 -29.47
C SER B 264 -17.38 -1.70 -30.11
N GLY B 265 -17.29 -1.69 -31.43
CA GLY B 265 -17.21 -0.45 -32.19
C GLY B 265 -18.41 0.48 -32.05
N PRO B 266 -19.63 -0.04 -32.20
CA PRO B 266 -20.81 0.81 -32.00
C PRO B 266 -20.89 1.43 -30.62
N ASP B 267 -20.46 0.71 -29.57
CA ASP B 267 -20.47 1.27 -28.23
C ASP B 267 -19.31 2.24 -28.00
N LEU B 268 -18.19 2.03 -28.69
CA LEU B 268 -17.01 2.86 -28.50
C LEU B 268 -17.01 4.14 -29.33
N GLU B 269 -17.78 4.19 -30.41
CA GLU B 269 -17.67 5.30 -31.36
C GLU B 269 -17.88 6.68 -30.74
N PRO B 270 -18.92 6.95 -29.95
CA PRO B 270 -19.11 8.33 -29.44
C PRO B 270 -17.97 8.83 -28.58
N LEU B 271 -17.43 7.98 -27.70
CA LEU B 271 -16.31 8.41 -26.86
C LEU B 271 -15.08 8.72 -27.70
N ILE B 272 -14.81 7.89 -28.71
CA ILE B 272 -13.67 8.14 -29.60
C ILE B 272 -13.87 9.46 -30.34
N LYS B 273 -15.08 9.72 -30.82
CA LYS B 273 -15.33 10.98 -31.52
C LYS B 273 -15.12 12.18 -30.60
N GLU B 274 -15.60 12.10 -29.35
CA GLU B 274 -15.42 13.21 -28.43
C GLU B 274 -13.94 13.41 -28.08
N ILE B 275 -13.21 12.32 -27.89
CA ILE B 275 -11.78 12.43 -27.59
C ILE B 275 -11.03 13.03 -28.76
N VAL B 276 -11.41 12.65 -29.99
CA VAL B 276 -10.79 13.26 -31.17
C VAL B 276 -11.11 14.75 -31.24
N ARG B 277 -12.36 15.13 -30.92
CA ARG B 277 -12.73 16.54 -30.93
C ARG B 277 -11.93 17.33 -29.92
N ARG B 278 -11.67 16.74 -28.74
CA ARG B 278 -10.92 17.44 -27.71
C ARG B 278 -9.41 17.26 -27.83
N ASN B 279 -8.94 16.45 -28.79
CA ASN B 279 -7.52 16.33 -29.13
C ASN B 279 -6.69 15.88 -27.94
N ILE B 280 -6.94 14.65 -27.50
CA ILE B 280 -6.19 14.02 -26.41
C ILE B 280 -5.28 12.95 -27.04
N THR B 281 -3.98 13.05 -26.79
CA THR B 281 -2.99 12.18 -27.39
C THR B 281 -2.10 11.58 -26.31
N GLY B 282 -1.33 10.57 -26.71
CA GLY B 282 -0.34 9.97 -25.83
C GLY B 282 -0.78 8.75 -25.06
N LYS B 283 -1.92 8.16 -25.39
CA LYS B 283 -2.44 7.01 -24.67
C LYS B 283 -2.17 5.71 -25.44
N ILE B 284 -2.13 4.61 -24.69
CA ILE B 284 -1.91 3.28 -25.24
C ILE B 284 -3.16 2.45 -25.00
N TRP B 285 -3.72 1.89 -26.07
CA TRP B 285 -4.98 1.17 -26.02
C TRP B 285 -4.75 -0.33 -26.13
N LEU B 286 -5.43 -1.10 -25.29
CA LEU B 286 -5.42 -2.56 -25.33
C LEU B 286 -6.82 -3.01 -25.71
N ALA B 287 -6.97 -3.51 -26.93
CA ALA B 287 -8.27 -3.78 -27.52
C ALA B 287 -8.65 -5.25 -27.38
N SER B 288 -9.93 -5.50 -27.10
CA SER B 288 -10.47 -6.85 -27.14
C SER B 288 -10.79 -7.25 -28.57
N GLU B 289 -11.08 -8.54 -28.76
CA GLU B 289 -11.28 -9.08 -30.10
C GLU B 289 -12.48 -8.48 -30.81
N ALA B 290 -13.44 -7.91 -30.08
CA ALA B 290 -14.64 -7.41 -30.72
C ALA B 290 -14.37 -6.14 -31.53
N TRP B 291 -13.56 -5.23 -31.00
CA TRP B 291 -13.28 -3.97 -31.67
C TRP B 291 -11.83 -3.83 -32.11
N ALA B 292 -11.03 -4.90 -32.03
CA ALA B 292 -9.66 -4.83 -32.49
C ALA B 292 -9.56 -4.77 -34.01
N SER B 293 -10.64 -5.04 -34.74
CA SER B 293 -10.66 -4.95 -36.19
C SER B 293 -11.87 -4.19 -36.71
N SER B 294 -12.56 -3.45 -35.85
CA SER B 294 -13.76 -2.73 -36.28
C SER B 294 -13.41 -1.62 -37.26
N SER B 295 -14.22 -1.49 -38.31
CA SER B 295 -14.04 -0.43 -39.28
C SER B 295 -14.58 0.91 -38.79
N LEU B 296 -15.36 0.93 -37.72
CA LEU B 296 -15.88 2.18 -37.20
C LEU B 296 -14.82 2.98 -36.47
N ILE B 297 -13.83 2.31 -35.89
CA ILE B 297 -12.78 2.96 -35.13
C ILE B 297 -11.50 3.13 -35.94
N ALA B 298 -11.15 2.12 -36.75
CA ALA B 298 -9.91 2.16 -37.54
C ALA B 298 -10.14 3.04 -38.77
N MET B 299 -10.09 4.35 -38.54
CA MET B 299 -10.29 5.34 -39.58
C MET B 299 -9.14 6.32 -39.59
N PRO B 300 -8.75 6.83 -40.77
CA PRO B 300 -7.55 7.68 -40.84
C PRO B 300 -7.64 8.97 -40.02
N GLN B 301 -8.83 9.56 -39.89
CA GLN B 301 -8.94 10.81 -39.16
C GLN B 301 -8.73 10.64 -37.66
N TYR B 302 -8.90 9.42 -37.13
CA TYR B 302 -8.71 9.16 -35.71
C TYR B 302 -7.36 8.54 -35.40
N PHE B 303 -6.47 8.44 -36.40
CA PHE B 303 -5.19 7.78 -36.19
C PHE B 303 -4.32 8.51 -35.17
N HIS B 304 -4.39 9.84 -35.13
CA HIS B 304 -3.60 10.60 -34.17
C HIS B 304 -4.02 10.35 -32.73
N VAL B 305 -5.16 9.69 -32.51
CA VAL B 305 -5.62 9.33 -31.19
C VAL B 305 -5.48 7.84 -30.93
N VAL B 306 -5.80 6.99 -31.90
CA VAL B 306 -5.85 5.55 -31.69
C VAL B 306 -4.74 4.83 -32.46
N GLY B 307 -3.63 5.51 -32.74
CA GLY B 307 -2.52 4.83 -33.37
C GLY B 307 -1.79 3.90 -32.42
N GLY B 308 -1.21 2.85 -32.98
CA GLY B 308 -0.47 1.89 -32.19
C GLY B 308 -1.30 1.09 -31.22
N THR B 309 -2.47 0.62 -31.64
CA THR B 309 -3.33 -0.18 -30.78
C THR B 309 -2.91 -1.65 -30.85
N ILE B 310 -2.98 -2.32 -29.70
CA ILE B 310 -2.63 -3.73 -29.58
C ILE B 310 -3.88 -4.50 -29.18
N GLY B 311 -4.23 -5.50 -29.98
CA GLY B 311 -5.45 -6.26 -29.74
C GLY B 311 -5.34 -7.74 -30.01
N PHE B 312 -6.47 -8.43 -29.94
CA PHE B 312 -6.53 -9.88 -30.12
C PHE B 312 -7.29 -10.23 -31.40
N ALA B 313 -6.97 -11.41 -31.93
CA ALA B 313 -7.66 -11.93 -33.10
C ALA B 313 -7.68 -13.45 -33.02
N LEU B 314 -8.71 -14.04 -33.63
CA LEU B 314 -8.87 -15.49 -33.61
C LEU B 314 -8.01 -16.11 -34.70
N LYS B 315 -8.21 -17.41 -34.95
CA LYS B 315 -7.46 -18.12 -35.97
C LYS B 315 -8.23 -18.13 -37.28
N ALA B 316 -7.55 -17.81 -38.36
CA ALA B 316 -8.17 -17.75 -39.68
C ALA B 316 -8.35 -19.14 -40.26
N GLY B 317 -9.36 -19.28 -41.12
CA GLY B 317 -9.66 -20.53 -41.78
C GLY B 317 -9.68 -20.39 -43.29
N GLN B 318 -9.85 -21.52 -43.96
CA GLN B 318 -9.83 -21.59 -45.42
C GLN B 318 -11.14 -22.22 -45.90
N ILE B 319 -11.86 -21.50 -46.75
CA ILE B 319 -13.08 -22.01 -47.37
C ILE B 319 -12.93 -21.86 -48.89
N PRO B 320 -12.53 -22.91 -49.60
CA PRO B 320 -12.35 -22.78 -51.06
C PRO B 320 -13.66 -22.47 -51.76
N GLY B 321 -13.56 -21.69 -52.84
CA GLY B 321 -14.71 -21.35 -53.64
C GLY B 321 -15.69 -20.40 -52.99
N PHE B 322 -15.24 -19.60 -52.02
CA PHE B 322 -16.13 -18.72 -51.28
C PHE B 322 -16.16 -17.30 -51.86
N ARG B 323 -15.02 -16.78 -52.31
CA ARG B 323 -15.02 -15.45 -52.91
C ARG B 323 -15.81 -15.43 -54.20
N GLU B 324 -15.74 -16.50 -54.99
CA GLU B 324 -16.54 -16.60 -56.20
C GLU B 324 -18.03 -16.59 -55.87
N PHE B 325 -18.43 -17.31 -54.83
CA PHE B 325 -19.83 -17.27 -54.38
C PHE B 325 -20.22 -15.87 -53.94
N LEU B 326 -19.31 -15.17 -53.24
CA LEU B 326 -19.60 -13.81 -52.78
C LEU B 326 -19.81 -12.85 -53.95
N LYS B 327 -18.99 -12.98 -54.99
CA LYS B 327 -19.01 -12.03 -56.10
C LYS B 327 -20.14 -12.27 -57.09
N LYS B 328 -21.04 -13.22 -56.84
CA LYS B 328 -22.11 -13.55 -57.78
C LYS B 328 -23.45 -12.96 -57.38
N VAL B 329 -23.49 -12.09 -56.36
CA VAL B 329 -24.75 -11.53 -55.91
C VAL B 329 -25.34 -10.61 -56.97
N HIS B 330 -26.67 -10.56 -57.03
CA HIS B 330 -27.39 -9.72 -57.99
C HIS B 330 -28.80 -9.50 -57.47
N PRO B 331 -29.33 -8.27 -57.57
CA PRO B 331 -30.68 -8.03 -57.03
C PRO B 331 -31.78 -8.82 -57.73
N ARG B 332 -31.57 -9.25 -58.97
CA ARG B 332 -32.59 -9.97 -59.73
C ARG B 332 -32.39 -11.48 -59.74
N LYS B 333 -31.16 -11.94 -60.02
CA LYS B 333 -30.91 -13.37 -60.07
C LYS B 333 -31.13 -14.02 -58.71
N SER B 334 -30.68 -13.38 -57.64
CA SER B 334 -30.86 -13.89 -56.28
C SER B 334 -32.30 -13.67 -55.87
N VAL B 335 -33.14 -14.67 -56.09
CA VAL B 335 -34.56 -14.58 -55.75
C VAL B 335 -34.81 -15.01 -54.32
N HIS B 336 -34.09 -16.03 -53.84
CA HIS B 336 -34.26 -16.48 -52.47
C HIS B 336 -33.82 -15.41 -51.47
N ASN B 337 -32.74 -14.71 -51.77
CA ASN B 337 -32.24 -13.67 -50.88
C ASN B 337 -33.05 -12.39 -51.08
N GLY B 338 -33.45 -11.76 -49.97
CA GLY B 338 -34.24 -10.54 -50.04
C GLY B 338 -33.49 -9.29 -49.68
N PHE B 339 -32.30 -9.43 -49.11
CA PHE B 339 -31.47 -8.30 -48.72
C PHE B 339 -30.61 -7.78 -49.87
N ALA B 340 -30.65 -8.44 -51.03
CA ALA B 340 -29.77 -8.06 -52.12
C ALA B 340 -30.13 -6.70 -52.71
N LYS B 341 -31.42 -6.34 -52.71
CA LYS B 341 -31.81 -5.03 -53.25
C LYS B 341 -31.25 -3.90 -52.41
N GLU B 342 -31.39 -4.00 -51.09
CA GLU B 342 -30.80 -2.98 -50.22
C GLU B 342 -29.28 -3.01 -50.27
N PHE B 343 -28.69 -4.20 -50.41
CA PHE B 343 -27.25 -4.30 -50.60
C PHE B 343 -26.81 -3.50 -51.83
N TRP B 344 -27.50 -3.69 -52.94
CA TRP B 344 -27.18 -2.97 -54.17
C TRP B 344 -27.36 -1.47 -54.00
N GLU B 345 -28.46 -1.05 -53.36
CA GLU B 345 -28.74 0.37 -53.21
C GLU B 345 -27.73 1.05 -52.30
N GLU B 346 -27.27 0.36 -51.26
CA GLU B 346 -26.23 0.92 -50.40
C GLU B 346 -24.86 0.88 -51.05
N THR B 347 -24.62 -0.09 -51.95
CA THR B 347 -23.32 -0.16 -52.61
C THR B 347 -23.17 0.92 -53.68
N PHE B 348 -24.22 1.16 -54.46
CA PHE B 348 -24.13 2.08 -55.58
C PHE B 348 -24.88 3.39 -55.37
N ASN B 349 -25.59 3.55 -54.26
CA ASN B 349 -26.24 4.81 -53.88
C ASN B 349 -27.22 5.29 -54.96
N CYS B 350 -28.25 4.47 -55.19
CA CYS B 350 -29.30 4.81 -56.14
C CYS B 350 -30.54 3.97 -55.81
N HIS B 351 -31.56 4.05 -56.65
CA HIS B 351 -32.81 3.35 -56.44
C HIS B 351 -33.00 2.24 -57.48
N LEU B 352 -33.85 1.28 -57.12
CA LEU B 352 -34.27 0.21 -58.01
C LEU B 352 -35.75 0.37 -58.35
N GLN B 353 -36.07 0.21 -59.63
CA GLN B 353 -37.46 0.26 -60.07
C GLN B 353 -38.09 -1.12 -59.96
N GLU B 354 -39.23 -1.19 -59.28
CA GLU B 354 -39.92 -2.45 -59.08
C GLU B 354 -41.25 -2.47 -59.83
N ARG B 384 -30.79 10.94 -55.84
CA ARG B 384 -30.27 9.61 -56.14
C ARG B 384 -30.71 9.13 -57.52
N PRO B 385 -29.76 8.58 -58.28
CA PRO B 385 -30.10 8.09 -59.63
C PRO B 385 -30.81 6.74 -59.59
N LEU B 386 -30.98 6.14 -60.77
CA LEU B 386 -31.56 4.81 -60.88
C LEU B 386 -30.47 3.81 -61.22
N CYS B 387 -30.36 2.75 -60.42
CA CYS B 387 -29.38 1.70 -60.70
C CYS B 387 -29.86 0.85 -61.87
N THR B 388 -29.07 0.84 -62.95
CA THR B 388 -29.43 0.02 -64.10
C THR B 388 -29.39 -1.47 -63.77
N GLY B 389 -28.37 -1.90 -63.02
CA GLY B 389 -28.26 -3.29 -62.63
C GLY B 389 -27.23 -4.06 -63.41
N ASP B 390 -26.14 -3.39 -63.82
CA ASP B 390 -25.08 -4.07 -64.57
C ASP B 390 -23.69 -3.67 -64.12
N GLU B 391 -23.54 -3.00 -62.99
CA GLU B 391 -22.24 -2.53 -62.53
C GLU B 391 -21.44 -3.71 -61.97
N ASN B 392 -20.27 -3.42 -61.40
CA ASN B 392 -19.35 -4.43 -60.91
C ASN B 392 -19.08 -4.19 -59.42
N ILE B 393 -19.17 -5.25 -58.63
CA ILE B 393 -18.92 -5.14 -57.20
C ILE B 393 -17.44 -4.86 -56.92
N SER B 394 -16.55 -5.37 -57.77
CA SER B 394 -15.11 -5.20 -57.56
C SER B 394 -14.63 -3.77 -57.79
N SER B 395 -15.48 -2.90 -58.33
CA SER B 395 -15.11 -1.51 -58.58
C SER B 395 -15.45 -0.59 -57.41
N VAL B 396 -16.03 -1.12 -56.33
CA VAL B 396 -16.39 -0.34 -55.16
C VAL B 396 -15.71 -0.97 -53.95
N GLU B 397 -15.07 -0.14 -53.12
CA GLU B 397 -14.30 -0.60 -51.97
C GLU B 397 -15.19 -0.56 -50.73
N THR B 398 -15.75 -1.71 -50.38
CA THR B 398 -16.55 -1.91 -49.19
C THR B 398 -16.07 -3.15 -48.47
N PRO B 399 -16.31 -3.26 -47.16
CA PRO B 399 -15.83 -4.43 -46.41
C PRO B 399 -16.45 -5.76 -46.85
N TYR B 400 -17.32 -5.73 -47.86
CA TYR B 400 -17.98 -6.94 -48.33
C TYR B 400 -16.97 -7.96 -48.83
N ILE B 401 -16.09 -7.54 -49.75
CA ILE B 401 -15.07 -8.41 -50.31
C ILE B 401 -13.65 -7.92 -50.05
N ASP B 402 -13.50 -6.77 -49.39
CA ASP B 402 -12.17 -6.25 -49.05
C ASP B 402 -11.78 -6.82 -47.68
N TYR B 403 -11.28 -8.05 -47.70
CA TYR B 403 -10.90 -8.75 -46.49
C TYR B 403 -9.59 -9.49 -46.72
N THR B 404 -8.92 -9.83 -45.61
CA THR B 404 -7.68 -10.59 -45.64
C THR B 404 -7.81 -11.97 -45.03
N HIS B 405 -8.56 -12.11 -43.94
CA HIS B 405 -8.73 -13.39 -43.25
C HIS B 405 -10.19 -13.62 -42.94
N LEU B 406 -10.60 -14.90 -42.96
CA LEU B 406 -11.96 -15.31 -42.61
C LEU B 406 -11.92 -16.01 -41.27
N ARG B 407 -12.53 -15.40 -40.26
CA ARG B 407 -12.56 -15.98 -38.92
C ARG B 407 -13.98 -16.30 -38.47
N ILE B 408 -14.88 -15.31 -38.44
CA ILE B 408 -16.26 -15.59 -38.06
C ILE B 408 -17.01 -16.22 -39.22
N SER B 409 -16.60 -15.95 -40.47
CA SER B 409 -17.14 -16.69 -41.61
C SER B 409 -16.79 -18.18 -41.48
N TYR B 410 -15.55 -18.48 -41.10
CA TYR B 410 -15.18 -19.86 -40.85
C TYR B 410 -15.94 -20.44 -39.66
N ASN B 411 -16.24 -19.63 -38.64
CA ASN B 411 -17.06 -20.10 -37.53
C ASN B 411 -18.46 -20.48 -38.00
N VAL B 412 -19.06 -19.67 -38.88
CA VAL B 412 -20.39 -19.99 -39.41
C VAL B 412 -20.35 -21.26 -40.23
N TYR B 413 -19.33 -21.38 -41.10
CA TYR B 413 -19.15 -22.60 -41.87
C TYR B 413 -19.03 -23.83 -40.96
N LEU B 414 -18.25 -23.71 -39.89
CA LEU B 414 -18.06 -24.81 -38.96
C LEU B 414 -19.37 -25.16 -38.26
N ALA B 415 -20.16 -24.15 -37.88
CA ALA B 415 -21.44 -24.41 -37.23
C ALA B 415 -22.40 -25.15 -38.16
N VAL B 416 -22.45 -24.73 -39.43
CA VAL B 416 -23.33 -25.40 -40.39
C VAL B 416 -22.91 -26.86 -40.57
N TYR B 417 -21.60 -27.10 -40.73
CA TYR B 417 -21.16 -28.48 -40.90
C TYR B 417 -21.33 -29.31 -39.64
N SER B 418 -21.18 -28.69 -38.46
CA SER B 418 -21.43 -29.40 -37.21
C SER B 418 -22.88 -29.83 -37.11
N ILE B 419 -23.81 -28.96 -37.50
CA ILE B 419 -25.22 -29.34 -37.53
C ILE B 419 -25.44 -30.47 -38.54
N ALA B 420 -24.79 -30.39 -39.70
CA ALA B 420 -25.02 -31.38 -40.76
C ALA B 420 -24.43 -32.74 -40.45
N HIS B 421 -23.41 -32.82 -39.58
CA HIS B 421 -22.80 -34.12 -39.30
C HIS B 421 -23.64 -34.98 -38.36
N ALA B 422 -24.36 -34.35 -37.42
CA ALA B 422 -25.21 -35.11 -36.50
C ALA B 422 -26.32 -35.83 -37.25
N LEU B 423 -26.84 -35.20 -38.31
CA LEU B 423 -27.88 -35.84 -39.11
C LEU B 423 -27.36 -37.09 -39.79
N GLN B 424 -26.13 -37.02 -40.33
CA GLN B 424 -25.51 -38.22 -40.91
C GLN B 424 -25.27 -39.28 -39.85
N ASP B 425 -24.88 -38.87 -38.65
CA ASP B 425 -24.71 -39.83 -37.56
C ASP B 425 -26.02 -40.55 -37.26
N ILE B 426 -27.13 -39.80 -37.22
CA ILE B 426 -28.44 -40.42 -37.05
C ILE B 426 -28.75 -41.37 -38.20
N TYR B 427 -28.46 -40.95 -39.42
CA TYR B 427 -28.84 -41.72 -40.61
C TYR B 427 -28.06 -43.02 -40.73
N THR B 428 -26.80 -43.05 -40.29
CA THR B 428 -25.92 -44.20 -40.48
C THR B 428 -25.84 -45.10 -39.25
N CYS B 429 -26.81 -45.01 -38.34
CA CYS B 429 -26.79 -45.87 -37.16
C CYS B 429 -27.15 -47.31 -37.52
N LEU B 430 -26.74 -48.23 -36.65
CA LEU B 430 -27.05 -49.65 -36.77
C LEU B 430 -27.95 -50.07 -35.62
N PRO B 431 -29.06 -50.76 -35.89
CA PRO B 431 -29.95 -51.19 -34.81
C PRO B 431 -29.24 -52.15 -33.86
N GLY B 432 -29.54 -52.00 -32.57
CA GLY B 432 -28.92 -52.77 -31.52
C GLY B 432 -27.74 -52.07 -30.87
N ARG B 433 -27.08 -51.17 -31.59
CA ARG B 433 -25.99 -50.35 -31.08
C ARG B 433 -26.35 -48.91 -31.39
N GLY B 434 -27.09 -48.27 -30.49
CA GLY B 434 -27.58 -46.93 -30.72
C GLY B 434 -27.31 -46.03 -29.51
N LEU B 435 -27.58 -44.74 -29.71
CA LEU B 435 -27.38 -43.73 -28.68
C LEU B 435 -28.62 -43.51 -27.84
N PHE B 436 -29.68 -44.27 -28.05
CA PHE B 436 -30.95 -44.10 -27.36
C PHE B 436 -31.26 -45.33 -26.53
N THR B 437 -32.49 -45.38 -26.01
CA THR B 437 -32.89 -46.46 -25.10
C THR B 437 -32.78 -47.82 -25.79
N ASN B 438 -32.31 -48.81 -25.03
CA ASN B 438 -32.17 -50.19 -25.49
C ASN B 438 -31.28 -50.30 -26.72
N GLY B 439 -30.32 -49.39 -26.84
CA GLY B 439 -29.42 -49.40 -27.98
C GLY B 439 -30.08 -49.16 -29.31
N SER B 440 -31.12 -48.32 -29.35
CA SER B 440 -31.81 -48.00 -30.59
C SER B 440 -31.42 -46.61 -31.07
N CYS B 441 -31.86 -46.27 -32.28
CA CYS B 441 -31.64 -44.95 -32.84
C CYS B 441 -32.92 -44.46 -33.51
N ALA B 442 -32.87 -43.24 -34.04
CA ALA B 442 -34.04 -42.55 -34.53
C ALA B 442 -34.31 -42.90 -35.99
N ASP B 443 -35.24 -42.19 -36.60
CA ASP B 443 -35.58 -42.32 -38.01
C ASP B 443 -35.29 -40.99 -38.70
N ILE B 444 -34.59 -41.05 -39.82
CA ILE B 444 -34.24 -39.82 -40.54
C ILE B 444 -35.46 -39.18 -41.18
N LYS B 445 -36.55 -39.94 -41.35
CA LYS B 445 -37.77 -39.37 -41.89
C LYS B 445 -38.60 -38.64 -40.84
N LYS B 446 -38.32 -38.85 -39.55
CA LYS B 446 -39.04 -38.18 -38.48
C LYS B 446 -38.07 -37.68 -37.39
N VAL B 447 -36.86 -37.30 -37.79
CA VAL B 447 -35.88 -36.81 -36.81
C VAL B 447 -36.43 -35.59 -36.08
N GLU B 448 -35.96 -35.39 -34.85
CA GLU B 448 -36.47 -34.34 -33.98
C GLU B 448 -35.31 -33.56 -33.37
N ALA B 449 -35.66 -32.39 -32.83
CA ALA B 449 -34.67 -31.45 -32.33
C ALA B 449 -33.90 -32.01 -31.14
N TRP B 450 -34.57 -32.72 -30.24
CA TRP B 450 -33.88 -33.27 -29.08
C TRP B 450 -32.91 -34.38 -29.48
N GLN B 451 -33.26 -35.19 -30.49
CA GLN B 451 -32.34 -36.21 -30.98
C GLN B 451 -31.14 -35.57 -31.66
N VAL B 452 -31.37 -34.50 -32.44
CA VAL B 452 -30.26 -33.77 -33.05
C VAL B 452 -29.36 -33.17 -31.96
N LEU B 453 -29.97 -32.66 -30.89
CA LEU B 453 -29.20 -32.11 -29.78
C LEU B 453 -28.35 -33.18 -29.10
N LYS B 454 -28.91 -34.37 -28.92
CA LYS B 454 -28.14 -35.48 -28.34
C LYS B 454 -26.94 -35.83 -29.22
N HIS B 455 -27.18 -35.98 -30.53
CA HIS B 455 -26.08 -36.33 -31.42
C HIS B 455 -25.07 -35.20 -31.56
N LEU B 456 -25.47 -33.95 -31.33
CA LEU B 456 -24.51 -32.86 -31.28
C LEU B 456 -23.69 -32.91 -29.99
N ARG B 457 -24.33 -33.31 -28.88
CA ARG B 457 -23.61 -33.48 -27.62
C ARG B 457 -22.64 -34.65 -27.69
N HIS B 458 -22.87 -35.61 -28.58
CA HIS B 458 -21.98 -36.74 -28.77
C HIS B 458 -21.32 -36.71 -30.15
N LEU B 459 -20.83 -35.54 -30.56
CA LEU B 459 -20.28 -35.34 -31.90
C LEU B 459 -18.77 -35.38 -31.88
N ASN B 460 -18.19 -35.97 -32.94
CA ASN B 460 -16.74 -36.04 -33.10
C ASN B 460 -16.46 -36.23 -34.59
N PHE B 461 -15.95 -35.20 -35.25
CA PHE B 461 -15.67 -35.27 -36.68
C PHE B 461 -14.44 -34.45 -37.00
N THR B 462 -13.93 -34.65 -38.22
CA THR B 462 -12.70 -34.03 -38.68
C THR B 462 -13.02 -32.88 -39.63
N ASN B 463 -12.28 -31.78 -39.48
CA ASN B 463 -12.50 -30.59 -40.29
C ASN B 463 -12.05 -30.82 -41.73
N ASN B 464 -12.27 -29.79 -42.56
CA ASN B 464 -11.77 -29.83 -43.93
C ASN B 464 -10.26 -29.61 -43.99
N MET B 465 -9.65 -29.09 -42.92
CA MET B 465 -8.20 -29.02 -42.83
C MET B 465 -7.59 -30.28 -42.23
N GLY B 466 -8.32 -30.96 -41.35
CA GLY B 466 -7.84 -32.14 -40.66
C GLY B 466 -7.82 -32.04 -39.15
N GLU B 467 -8.23 -30.93 -38.54
CA GLU B 467 -8.34 -30.89 -37.09
C GLU B 467 -9.63 -31.58 -36.64
N GLN B 468 -9.72 -31.84 -35.34
CA GLN B 468 -10.86 -32.52 -34.74
C GLN B 468 -11.75 -31.52 -34.03
N VAL B 469 -13.06 -31.68 -34.19
CA VAL B 469 -14.05 -30.78 -33.61
C VAL B 469 -14.89 -31.58 -32.63
N THR B 470 -14.75 -31.27 -31.35
CA THR B 470 -15.60 -31.82 -30.30
C THR B 470 -16.04 -30.70 -29.38
N PHE B 471 -17.26 -30.82 -28.86
CA PHE B 471 -17.79 -29.87 -27.88
C PHE B 471 -17.69 -30.50 -26.49
N ASP B 472 -17.16 -29.74 -25.54
CA ASP B 472 -16.97 -30.24 -24.19
C ASP B 472 -18.30 -30.26 -23.45
N GLU B 473 -18.25 -30.58 -22.15
CA GLU B 473 -19.47 -30.70 -21.36
C GLU B 473 -20.24 -29.39 -21.27
N CYS B 474 -19.60 -28.26 -21.54
CA CYS B 474 -20.24 -26.97 -21.57
C CYS B 474 -20.51 -26.49 -22.99
N GLY B 475 -20.39 -27.37 -23.98
CA GLY B 475 -20.62 -26.99 -25.37
C GLY B 475 -19.67 -25.90 -25.85
N ASP B 476 -18.40 -26.01 -25.50
CA ASP B 476 -17.43 -24.96 -25.76
C ASP B 476 -16.23 -25.52 -26.52
N LEU B 477 -15.55 -24.63 -27.22
CA LEU B 477 -14.31 -24.94 -27.91
C LEU B 477 -13.15 -24.19 -27.26
N VAL B 478 -11.94 -24.58 -27.66
CA VAL B 478 -10.73 -23.87 -27.25
C VAL B 478 -9.91 -23.60 -28.50
N GLY B 479 -9.18 -22.49 -28.50
CA GLY B 479 -8.43 -22.11 -29.68
C GLY B 479 -7.35 -21.11 -29.36
N ASN B 480 -6.40 -21.01 -30.28
CA ASN B 480 -5.27 -20.10 -30.14
C ASN B 480 -5.72 -18.66 -30.38
N TYR B 481 -4.93 -17.71 -29.86
CA TYR B 481 -5.13 -16.30 -30.10
C TYR B 481 -3.98 -15.73 -30.90
N SER B 482 -4.27 -14.64 -31.62
CA SER B 482 -3.27 -13.88 -32.35
C SER B 482 -3.21 -12.46 -31.80
N ILE B 483 -2.03 -11.85 -31.87
CA ILE B 483 -1.81 -10.50 -31.38
C ILE B 483 -1.41 -9.62 -32.55
N ILE B 484 -2.08 -8.47 -32.69
CA ILE B 484 -1.90 -7.60 -33.84
C ILE B 484 -1.61 -6.18 -33.37
N ASN B 485 -1.07 -5.38 -34.27
CA ASN B 485 -0.73 -3.99 -34.02
C ASN B 485 -1.26 -3.13 -35.15
N TRP B 486 -1.66 -1.91 -34.81
CA TRP B 486 -2.25 -0.98 -35.77
C TRP B 486 -1.18 -0.07 -36.34
N HIS B 487 -1.11 0.01 -37.67
CA HIS B 487 -0.12 0.85 -38.34
C HIS B 487 -0.79 1.78 -39.34
N LEU B 488 0.01 2.51 -40.10
CA LEU B 488 -0.48 3.38 -41.17
C LEU B 488 0.13 2.94 -42.49
N SER B 489 -0.72 2.69 -43.48
CA SER B 489 -0.23 2.27 -44.79
C SER B 489 0.29 3.48 -45.55
N PRO B 490 1.57 3.49 -45.96
CA PRO B 490 2.08 4.62 -46.74
C PRO B 490 1.52 4.68 -48.14
N GLU B 491 0.97 3.59 -48.66
CA GLU B 491 0.45 3.58 -50.03
C GLU B 491 -0.85 4.36 -50.13
N ASP B 492 -1.77 4.14 -49.19
CA ASP B 492 -3.11 4.72 -49.31
C ASP B 492 -3.50 5.52 -48.07
N GLY B 493 -2.96 5.14 -46.91
CA GLY B 493 -3.31 5.78 -45.66
C GLY B 493 -4.27 5.00 -44.79
N SER B 494 -4.62 3.78 -45.17
CA SER B 494 -5.51 2.96 -44.37
C SER B 494 -4.76 2.35 -43.19
N ILE B 495 -5.51 1.73 -42.29
CA ILE B 495 -4.95 1.11 -41.10
C ILE B 495 -4.64 -0.35 -41.40
N VAL B 496 -3.42 -0.77 -41.06
CA VAL B 496 -2.95 -2.13 -41.30
C VAL B 496 -2.78 -2.83 -39.97
N PHE B 497 -3.25 -4.08 -39.91
CA PHE B 497 -3.14 -4.91 -38.72
C PHE B 497 -1.96 -5.87 -38.90
N LYS B 498 -0.86 -5.58 -38.22
CA LYS B 498 0.38 -6.35 -38.35
C LYS B 498 0.49 -7.33 -37.20
N GLU B 499 0.72 -8.60 -37.53
CA GLU B 499 0.85 -9.63 -36.50
C GLU B 499 2.20 -9.50 -35.80
N VAL B 500 2.17 -9.50 -34.47
CA VAL B 500 3.38 -9.31 -33.68
C VAL B 500 3.51 -10.39 -32.61
N GLY B 501 2.62 -11.37 -32.62
CA GLY B 501 2.71 -12.44 -31.65
C GLY B 501 1.46 -13.31 -31.66
N TYR B 502 1.36 -14.14 -30.64
CA TYR B 502 0.24 -15.06 -30.49
C TYR B 502 0.09 -15.41 -29.01
N TYR B 503 -0.87 -16.29 -28.71
CA TYR B 503 -1.13 -16.70 -27.33
C TYR B 503 -1.54 -18.17 -27.35
N ASN B 504 -0.62 -19.06 -26.99
CA ASN B 504 -0.91 -20.48 -26.95
C ASN B 504 -1.81 -20.81 -25.77
N VAL B 505 -2.73 -21.76 -25.96
CA VAL B 505 -3.62 -22.21 -24.91
C VAL B 505 -3.38 -23.65 -24.51
N TYR B 506 -2.65 -24.43 -25.29
CA TYR B 506 -2.30 -25.80 -24.93
C TYR B 506 -0.94 -25.86 -24.23
N ALA B 507 -0.80 -25.06 -23.17
CA ALA B 507 0.43 -24.99 -22.41
C ALA B 507 0.10 -24.65 -20.97
N LYS B 508 1.05 -24.93 -20.08
CA LYS B 508 0.87 -24.64 -18.67
C LYS B 508 1.03 -23.14 -18.39
N LYS B 509 0.54 -22.72 -17.24
CA LYS B 509 0.57 -21.31 -16.87
C LYS B 509 1.99 -20.81 -16.83
N GLY B 510 2.23 -19.66 -17.47
CA GLY B 510 3.54 -19.04 -17.51
C GLY B 510 4.29 -19.23 -18.80
N GLU B 511 3.83 -20.12 -19.68
CA GLU B 511 4.49 -20.40 -20.96
C GLU B 511 3.49 -20.32 -22.11
N ARG B 512 2.62 -19.31 -22.08
CA ARG B 512 1.54 -19.18 -23.06
C ARG B 512 1.71 -18.02 -24.01
N LEU B 513 2.42 -16.96 -23.63
CA LEU B 513 2.49 -15.73 -24.41
C LEU B 513 3.84 -15.59 -25.09
N PHE B 514 3.83 -15.26 -26.37
CA PHE B 514 5.02 -14.90 -27.12
C PHE B 514 4.79 -13.57 -27.80
N ILE B 515 5.73 -12.64 -27.63
CA ILE B 515 5.61 -11.29 -28.16
C ILE B 515 6.93 -10.89 -28.80
N ASN B 516 6.85 -10.29 -29.98
CA ASN B 516 8.01 -9.73 -30.68
C ASN B 516 7.99 -8.22 -30.52
N GLU B 517 8.88 -7.68 -29.69
CA GLU B 517 8.86 -6.26 -29.39
C GLU B 517 9.39 -5.42 -30.55
N GLU B 518 10.28 -5.98 -31.36
CA GLU B 518 10.88 -5.23 -32.45
C GLU B 518 9.90 -4.93 -33.59
N LYS B 519 8.72 -5.53 -33.58
CA LYS B 519 7.72 -5.30 -34.62
C LYS B 519 6.60 -4.37 -34.16
N ILE B 520 6.79 -3.68 -33.03
CA ILE B 520 5.75 -2.84 -32.43
C ILE B 520 6.14 -1.38 -32.58
N LEU B 521 5.20 -0.56 -33.02
CA LEU B 521 5.35 0.89 -33.03
C LEU B 521 4.42 1.47 -31.96
N TRP B 522 5.00 2.23 -31.04
CA TRP B 522 4.25 2.79 -29.92
C TRP B 522 3.65 4.12 -30.33
N SER B 523 2.33 4.26 -30.15
CA SER B 523 1.55 5.40 -30.64
C SER B 523 1.65 5.55 -32.15
N GLY B 524 2.13 4.51 -32.85
CA GLY B 524 2.22 4.50 -34.28
C GLY B 524 3.50 5.05 -34.86
N PHE B 525 4.37 5.67 -34.05
CA PHE B 525 5.56 6.31 -34.59
C PHE B 525 6.83 6.10 -33.77
N SER B 526 6.79 5.42 -32.64
CA SER B 526 7.92 5.35 -31.74
C SER B 526 8.35 3.91 -31.50
N ARG B 527 9.63 3.74 -31.15
CA ARG B 527 10.23 2.44 -30.90
C ARG B 527 10.73 2.31 -29.46
N GLU B 528 10.20 3.11 -28.54
CA GLU B 528 10.59 3.06 -27.14
C GLU B 528 9.38 2.66 -26.31
N VAL B 529 9.58 1.69 -25.42
CA VAL B 529 8.48 1.20 -24.58
C VAL B 529 8.00 2.32 -23.66
N PRO B 530 6.69 2.59 -23.59
CA PRO B 530 6.22 3.73 -22.80
C PRO B 530 6.38 3.53 -21.29
N PHE B 531 5.92 4.51 -20.52
CA PHE B 531 6.12 4.56 -19.07
C PHE B 531 4.80 4.82 -18.38
N SER B 532 4.42 3.92 -17.45
CA SER B 532 3.18 4.08 -16.68
C SER B 532 3.40 3.44 -15.31
N ASN B 533 3.79 4.26 -14.33
CA ASN B 533 4.15 3.74 -13.02
C ASN B 533 3.34 4.32 -11.87
N CYS B 534 3.13 5.64 -11.84
CA CYS B 534 2.69 6.46 -10.70
C CYS B 534 3.83 6.78 -9.75
N SER B 535 5.04 6.27 -9.99
CA SER B 535 6.18 6.57 -9.12
C SER B 535 7.46 6.14 -9.81
N ARG B 536 8.50 6.96 -9.68
CA ARG B 536 9.82 6.60 -10.17
C ARG B 536 10.52 5.71 -9.14
N ASP B 537 11.45 4.89 -9.63
CA ASP B 537 12.09 3.90 -8.79
C ASP B 537 13.00 4.55 -7.76
N CYS B 538 12.93 4.06 -6.52
CA CYS B 538 13.85 4.50 -5.47
C CYS B 538 15.22 3.88 -5.70
N LEU B 539 16.26 4.67 -5.47
CA LEU B 539 17.62 4.25 -5.76
C LEU B 539 18.28 3.62 -4.52
N ALA B 540 19.50 3.14 -4.69
CA ALA B 540 20.23 2.54 -3.58
C ALA B 540 20.55 3.59 -2.52
N GLY B 541 20.54 3.16 -1.26
CA GLY B 541 20.69 4.09 -0.16
C GLY B 541 19.45 4.88 0.17
N THR B 542 18.30 4.50 -0.39
CA THR B 542 17.07 5.25 -0.23
C THR B 542 15.93 4.26 0.01
N ARG B 543 14.94 4.70 0.79
CA ARG B 543 13.86 3.83 1.25
C ARG B 543 12.52 4.32 0.71
N LYS B 544 11.57 3.40 0.64
CA LYS B 544 10.21 3.74 0.20
C LYS B 544 9.46 4.50 1.30
N GLY B 545 8.49 5.30 0.88
CA GLY B 545 7.68 6.05 1.81
C GLY B 545 6.19 6.01 1.49
N ILE B 546 5.35 5.95 2.51
CA ILE B 546 3.91 5.87 2.32
C ILE B 546 3.35 7.24 2.02
N ILE B 547 2.46 7.32 1.03
CA ILE B 547 1.68 8.51 0.73
C ILE B 547 0.24 8.22 1.14
N GLU B 548 -0.31 9.05 2.03
CA GLU B 548 -1.63 8.78 2.59
C GLU B 548 -2.72 8.97 1.54
N GLY B 549 -3.68 8.04 1.53
CA GLY B 549 -4.81 8.12 0.64
C GLY B 549 -4.56 7.66 -0.78
N GLU B 550 -3.39 7.10 -1.06
CA GLU B 550 -3.01 6.66 -2.39
C GLU B 550 -2.75 5.16 -2.41
N PRO B 551 -2.88 4.52 -3.57
CA PRO B 551 -2.59 3.08 -3.66
C PRO B 551 -1.14 2.78 -3.36
N THR B 552 -0.86 1.49 -3.18
CA THR B 552 0.48 1.03 -2.83
C THR B 552 1.48 1.18 -3.98
N CYS B 553 1.00 1.44 -5.19
CA CYS B 553 1.88 1.62 -6.34
C CYS B 553 2.51 3.01 -6.40
N CYS B 554 2.01 3.96 -5.63
CA CYS B 554 2.53 5.32 -5.60
C CYS B 554 3.16 5.58 -4.23
N PHE B 555 4.41 6.02 -4.22
CA PHE B 555 5.16 6.18 -2.98
C PHE B 555 6.12 7.34 -3.12
N GLU B 556 7.05 7.46 -2.17
CA GLU B 556 8.08 8.47 -2.20
C GLU B 556 9.38 7.88 -1.68
N CYS B 557 10.49 8.54 -1.99
CA CYS B 557 11.82 8.05 -1.66
C CYS B 557 12.38 8.81 -0.46
N VAL B 558 12.89 8.06 0.53
CA VAL B 558 13.45 8.62 1.74
C VAL B 558 14.82 8.01 2.00
N GLU B 559 15.78 8.84 2.35
CA GLU B 559 17.15 8.37 2.55
C GLU B 559 17.29 7.58 3.85
N CYS B 560 18.17 6.59 3.82
CA CYS B 560 18.45 5.79 5.01
C CYS B 560 19.22 6.62 6.03
N PRO B 561 19.06 6.32 7.33
CA PRO B 561 19.75 7.08 8.37
C PRO B 561 21.20 6.61 8.54
N ASP B 562 21.91 7.30 9.43
CA ASP B 562 23.30 6.97 9.69
C ASP B 562 23.41 5.62 10.39
N GLY B 563 24.35 4.80 9.91
CA GLY B 563 24.54 3.48 10.45
C GLY B 563 23.83 2.37 9.71
N GLU B 564 23.08 2.69 8.65
CA GLU B 564 22.33 1.70 7.89
C GLU B 564 22.66 1.85 6.42
N TYR B 565 22.23 0.87 5.62
CA TYR B 565 22.54 0.89 4.19
C TYR B 565 21.46 0.11 3.45
N SER B 566 21.41 0.34 2.13
CA SER B 566 20.55 -0.42 1.25
C SER B 566 21.24 -0.56 -0.10
N ASP B 567 21.24 -1.78 -0.63
CA ASP B 567 21.94 -2.09 -1.88
C ASP B 567 21.01 -2.12 -3.09
N GLU B 568 19.98 -2.95 -3.03
CA GLU B 568 19.08 -3.09 -4.17
C GLU B 568 18.11 -1.92 -4.26
N THR B 569 17.48 -1.77 -5.41
CA THR B 569 16.51 -0.73 -5.63
C THR B 569 15.13 -1.20 -5.16
N ASP B 570 14.22 -0.24 -5.02
CA ASP B 570 12.85 -0.51 -4.55
C ASP B 570 12.86 -1.24 -3.21
N ALA B 571 13.73 -0.81 -2.30
CA ALA B 571 13.78 -1.41 -0.98
C ALA B 571 12.75 -0.77 -0.06
N SER B 572 12.03 -1.60 0.68
CA SER B 572 11.02 -1.12 1.62
C SER B 572 11.59 -0.81 2.99
N ALA B 573 12.86 -1.14 3.24
CA ALA B 573 13.49 -0.86 4.53
C ALA B 573 14.99 -0.78 4.34
N CYS B 574 15.65 -0.18 5.31
CA CYS B 574 17.11 -0.05 5.33
C CYS B 574 17.69 -1.07 6.30
N ASN B 575 18.72 -1.79 5.86
CA ASN B 575 19.36 -2.80 6.68
C ASN B 575 20.44 -2.18 7.55
N LYS B 576 20.57 -2.70 8.77
CA LYS B 576 21.59 -2.24 9.69
C LYS B 576 22.91 -2.96 9.42
N CYS B 577 24.00 -2.37 9.89
CA CYS B 577 25.33 -2.89 9.62
C CYS B 577 25.83 -3.70 10.81
N PRO B 578 26.78 -4.61 10.57
CA PRO B 578 27.33 -5.42 11.67
C PRO B 578 27.96 -4.57 12.75
N ASP B 579 28.32 -5.23 13.85
CA ASP B 579 28.75 -4.55 15.07
C ASP B 579 30.10 -3.87 14.94
N ASP B 580 30.86 -4.13 13.87
CA ASP B 580 32.16 -3.49 13.67
C ASP B 580 32.24 -2.73 12.36
N PHE B 581 31.12 -2.49 11.70
CA PHE B 581 31.07 -1.74 10.45
C PHE B 581 30.24 -0.48 10.63
N TRP B 582 30.47 0.50 9.77
CA TRP B 582 29.71 1.74 9.79
C TRP B 582 29.45 2.22 8.37
N SER B 583 28.24 2.73 8.15
CA SER B 583 27.83 3.14 6.81
C SER B 583 28.69 4.29 6.30
N ASN B 584 28.92 4.28 4.99
CA ASN B 584 29.70 5.34 4.36
C ASN B 584 28.83 6.58 4.16
N GLU B 585 29.33 7.53 3.37
CA GLU B 585 28.58 8.75 3.12
C GLU B 585 27.37 8.49 2.24
N ASN B 586 27.49 7.62 1.24
CA ASN B 586 26.41 7.36 0.31
C ASN B 586 25.44 6.28 0.75
N HIS B 587 25.72 5.60 1.87
CA HIS B 587 24.78 4.67 2.51
C HIS B 587 24.37 3.51 1.61
N THR B 588 25.23 3.10 0.67
CA THR B 588 24.93 1.92 -0.14
C THR B 588 25.51 0.65 0.46
N SER B 589 26.69 0.75 1.08
CA SER B 589 27.28 -0.35 1.84
C SER B 589 28.20 0.25 2.88
N CYS B 590 28.47 -0.52 3.94
CA CYS B 590 29.25 0.00 5.04
C CYS B 590 30.67 -0.54 5.03
N ILE B 591 31.54 0.16 5.75
CA ILE B 591 32.98 -0.06 5.74
C ILE B 591 33.44 -0.32 7.16
N ALA B 592 34.68 -0.80 7.29
CA ALA B 592 35.22 -1.16 8.59
C ALA B 592 35.51 0.08 9.43
N LYS B 593 35.29 -0.04 10.74
CA LYS B 593 35.64 1.03 11.65
C LYS B 593 37.15 1.07 11.86
N GLU B 594 37.64 2.24 12.27
CA GLU B 594 39.06 2.43 12.51
C GLU B 594 39.39 2.12 13.97
N ILE B 595 40.51 1.44 14.19
CA ILE B 595 40.97 1.06 15.52
C ILE B 595 42.19 1.91 15.88
N GLU B 596 42.15 2.53 17.05
CA GLU B 596 43.16 3.49 17.47
C GLU B 596 43.86 2.99 18.72
N PHE B 597 45.20 2.95 18.67
CA PHE B 597 46.04 2.61 19.81
C PHE B 597 47.48 2.92 19.43
N LEU B 598 48.31 3.09 20.45
CA LEU B 598 49.74 3.30 20.23
C LEU B 598 50.37 2.03 19.65
N SER B 599 51.24 2.20 18.66
CA SER B 599 51.80 1.07 17.93
C SER B 599 53.30 1.26 17.73
N TRP B 600 53.98 0.14 17.50
CA TRP B 600 55.41 0.17 17.21
C TRP B 600 55.70 0.94 15.92
N THR B 601 54.89 0.72 14.89
CA THR B 601 55.14 1.36 13.60
C THR B 601 54.94 2.88 13.67
N GLU B 602 54.09 3.34 14.57
CA GLU B 602 53.88 4.77 14.72
C GLU B 602 55.17 5.45 15.18
N PRO B 603 55.51 6.62 14.62
CA PRO B 603 56.80 7.25 14.98
C PRO B 603 56.94 7.58 16.45
N PHE B 604 55.84 7.90 17.13
CA PHE B 604 55.91 8.19 18.57
C PHE B 604 56.41 6.97 19.34
N GLY B 605 55.86 5.80 19.01
CA GLY B 605 56.31 4.57 19.64
C GLY B 605 57.76 4.26 19.34
N ILE B 606 58.21 4.55 18.11
CA ILE B 606 59.60 4.28 17.75
C ILE B 606 60.52 5.21 18.52
N ALA B 607 60.11 6.46 18.74
CA ALA B 607 60.90 7.38 19.54
C ALA B 607 61.02 6.91 20.99
N LEU B 608 59.89 6.47 21.56
CA LEU B 608 59.93 5.98 22.93
C LEU B 608 60.79 4.73 23.05
N THR B 609 60.69 3.82 22.07
CA THR B 609 61.51 2.62 22.07
C THR B 609 62.98 2.95 21.98
N LEU B 610 63.34 3.92 21.12
CA LEU B 610 64.73 4.34 21.01
C LEU B 610 65.24 4.91 22.32
N PHE B 611 64.44 5.73 22.99
CA PHE B 611 64.84 6.27 24.28
C PHE B 611 65.05 5.15 25.30
N ALA B 612 64.14 4.16 25.30
CA ALA B 612 64.27 3.06 26.26
C ALA B 612 65.53 2.25 26.03
N VAL B 613 65.84 1.92 24.77
CA VAL B 613 67.03 1.12 24.53
C VAL B 613 68.28 1.94 24.83
N LEU B 614 68.26 3.25 24.57
CA LEU B 614 69.39 4.09 24.94
C LEU B 614 69.62 4.07 26.45
N GLY B 615 68.54 4.18 27.23
CA GLY B 615 68.69 4.09 28.68
C GLY B 615 69.23 2.76 29.14
N ILE B 616 68.74 1.67 28.55
CA ILE B 616 69.22 0.34 28.91
C ILE B 616 70.71 0.21 28.62
N PHE B 617 71.13 0.68 27.44
CA PHE B 617 72.54 0.61 27.08
C PHE B 617 73.40 1.46 28.02
N LEU B 618 72.91 2.65 28.40
CA LEU B 618 73.66 3.48 29.33
C LEU B 618 73.82 2.79 30.68
N THR B 619 72.76 2.16 31.18
CA THR B 619 72.87 1.42 32.44
C THR B 619 73.86 0.27 32.32
N ALA B 620 73.83 -0.45 31.20
CA ALA B 620 74.76 -1.53 30.98
C ALA B 620 76.20 -1.02 30.96
N PHE B 621 76.43 0.12 30.31
CA PHE B 621 77.77 0.72 30.29
C PHE B 621 78.22 1.11 31.68
N VAL B 622 77.31 1.66 32.49
CA VAL B 622 77.68 2.06 33.85
C VAL B 622 78.09 0.84 34.65
N LEU B 623 77.32 -0.25 34.55
CA LEU B 623 77.67 -1.46 35.29
C LEU B 623 78.98 -2.06 34.78
N GLY B 624 79.20 -2.02 33.46
CA GLY B 624 80.45 -2.53 32.91
C GLY B 624 81.67 -1.75 33.39
N VAL B 625 81.55 -0.43 33.46
CA VAL B 625 82.65 0.37 33.96
C VAL B 625 82.86 0.12 35.45
N PHE B 626 81.76 -0.12 36.17
CA PHE B 626 81.85 -0.43 37.62
C PHE B 626 82.63 -1.73 37.81
N ILE B 627 82.34 -2.76 37.01
CA ILE B 627 82.99 -4.05 37.19
C ILE B 627 84.41 -4.04 36.62
N LYS B 628 84.69 -3.17 35.65
CA LYS B 628 86.03 -3.07 35.09
C LYS B 628 87.01 -2.34 36.00
N PHE B 629 86.54 -1.74 37.07
CA PHE B 629 87.37 -1.03 38.04
C PHE B 629 87.06 -1.50 39.45
N ARG B 630 86.99 -2.83 39.62
CA ARG B 630 86.57 -3.44 40.88
C ARG B 630 87.60 -3.31 41.99
N ASN B 631 88.81 -2.84 41.70
CA ASN B 631 89.86 -2.77 42.71
C ASN B 631 90.16 -1.37 43.21
N THR B 632 89.77 -0.33 42.46
CA THR B 632 89.94 1.03 42.93
C THR B 632 89.05 1.27 44.14
N PRO B 633 89.47 2.16 45.06
CA PRO B 633 88.69 2.36 46.29
C PRO B 633 87.48 3.26 46.12
N ILE B 634 87.31 3.91 44.98
CA ILE B 634 86.16 4.80 44.78
C ILE B 634 84.86 4.00 44.80
N VAL B 635 84.84 2.86 44.09
CA VAL B 635 83.65 2.01 44.11
C VAL B 635 83.48 1.37 45.49
N LYS B 636 84.59 1.04 46.15
CA LYS B 636 84.52 0.38 47.45
C LYS B 636 84.08 1.32 48.56
N ALA B 637 84.18 2.64 48.35
CA ALA B 637 83.71 3.59 49.35
C ALA B 637 82.21 3.42 49.59
N THR B 638 81.44 3.29 48.53
CA THR B 638 80.04 2.93 48.65
C THR B 638 79.90 1.40 48.70
N ASN B 639 78.68 0.95 49.00
CA ASN B 639 78.42 -0.49 49.08
C ASN B 639 78.58 -1.13 47.71
N ARG B 640 79.54 -2.04 47.59
CA ARG B 640 79.83 -2.66 46.30
C ARG B 640 78.68 -3.55 45.84
N GLU B 641 78.20 -4.42 46.71
CA GLU B 641 77.16 -5.37 46.32
C GLU B 641 75.79 -4.73 46.18
N LEU B 642 75.46 -3.74 47.01
CA LEU B 642 74.16 -3.08 46.92
C LEU B 642 74.02 -2.28 45.63
N SER B 643 75.11 -1.73 45.11
CA SER B 643 75.04 -1.01 43.85
C SER B 643 74.66 -1.94 42.70
N TYR B 644 75.04 -3.21 42.79
CA TYR B 644 74.63 -4.17 41.76
C TYR B 644 73.11 -4.35 41.76
N LEU B 645 72.52 -4.48 42.95
CA LEU B 645 71.07 -4.56 43.04
C LEU B 645 70.41 -3.27 42.53
N LEU B 646 71.00 -2.13 42.86
CA LEU B 646 70.45 -0.85 42.38
C LEU B 646 70.45 -0.80 40.85
N LEU B 647 71.56 -1.19 40.23
CA LEU B 647 71.64 -1.16 38.77
C LEU B 647 70.73 -2.20 38.13
N PHE B 648 70.57 -3.37 38.74
CA PHE B 648 69.63 -4.36 38.23
C PHE B 648 68.21 -3.83 38.28
N SER B 649 67.83 -3.18 39.38
CA SER B 649 66.51 -2.58 39.47
C SER B 649 66.36 -1.46 38.46
N LEU B 650 67.43 -0.71 38.19
CA LEU B 650 67.37 0.33 37.16
C LEU B 650 67.12 -0.28 35.78
N LEU B 651 67.79 -1.38 35.48
CA LEU B 651 67.56 -2.06 34.21
C LEU B 651 66.13 -2.56 34.11
N CYS B 652 65.60 -3.12 35.19
CA CYS B 652 64.21 -3.57 35.19
C CYS B 652 63.24 -2.41 34.97
N CYS B 653 63.50 -1.27 35.62
CA CYS B 653 62.63 -0.11 35.46
C CYS B 653 62.68 0.43 34.04
N PHE B 654 63.87 0.46 33.44
CA PHE B 654 63.97 0.88 32.04
C PHE B 654 63.23 -0.08 31.11
N SER B 655 63.36 -1.38 31.36
CA SER B 655 62.73 -2.37 30.47
C SER B 655 61.21 -2.43 30.65
N SER B 656 60.71 -2.00 31.81
CA SER B 656 59.25 -2.11 32.10
C SER B 656 58.43 -1.09 31.30
N SER B 657 59.07 -0.28 30.46
CA SER B 657 58.36 0.77 29.73
C SER B 657 57.93 0.32 28.34
N LEU B 658 58.18 -0.93 27.96
CA LEU B 658 57.78 -1.44 26.66
C LEU B 658 56.43 -2.14 26.68
N PHE B 659 55.77 -2.20 27.84
CA PHE B 659 54.45 -2.79 27.93
C PHE B 659 53.34 -1.78 27.68
N PHE B 660 53.65 -0.51 27.54
CA PHE B 660 52.67 0.52 27.25
C PHE B 660 52.57 0.84 25.76
N ILE B 661 53.29 0.10 24.91
CA ILE B 661 53.33 0.36 23.48
C ILE B 661 52.85 -0.90 22.76
N GLY B 662 51.88 -0.74 21.88
CA GLY B 662 51.29 -1.83 21.13
C GLY B 662 49.81 -2.01 21.47
N GLU B 663 49.19 -2.93 20.75
CA GLU B 663 47.79 -3.23 21.01
C GLU B 663 47.66 -3.95 22.35
N PRO B 664 46.82 -3.46 23.26
CA PRO B 664 46.73 -4.06 24.60
C PRO B 664 46.10 -5.44 24.53
N GLN B 665 46.93 -6.47 24.74
CA GLN B 665 46.45 -7.84 24.91
C GLN B 665 46.19 -8.10 26.38
N ASP B 666 45.64 -9.28 26.67
CA ASP B 666 45.27 -9.61 28.04
C ASP B 666 46.49 -9.67 28.96
N TRP B 667 47.52 -10.40 28.54
CA TRP B 667 48.67 -10.62 29.40
C TRP B 667 49.50 -9.37 29.64
N THR B 668 49.47 -8.40 28.73
CA THR B 668 50.25 -7.18 28.91
C THR B 668 49.67 -6.31 30.02
N CYS B 669 48.35 -6.11 30.00
CA CYS B 669 47.72 -5.22 30.98
C CYS B 669 47.74 -5.79 32.39
N ARG B 670 47.94 -7.10 32.53
CA ARG B 670 48.01 -7.69 33.86
C ARG B 670 49.29 -7.29 34.58
N LEU B 671 50.40 -7.21 33.83
CA LEU B 671 51.71 -6.86 34.40
C LEU B 671 52.22 -5.51 33.91
N ARG B 672 51.34 -4.64 33.43
CA ARG B 672 51.74 -3.28 33.09
C ARG B 672 52.32 -2.56 34.31
N GLN B 673 51.51 -2.38 35.34
CA GLN B 673 51.84 -1.56 36.51
C GLN B 673 52.77 -2.24 37.51
N PRO B 674 52.55 -3.51 37.88
CA PRO B 674 53.39 -4.11 38.93
C PRO B 674 54.87 -4.12 38.61
N ALA B 675 55.24 -4.19 37.34
CA ALA B 675 56.66 -4.20 36.98
C ALA B 675 57.34 -2.90 37.41
N PHE B 676 56.77 -1.76 37.00
CA PHE B 676 57.33 -0.47 37.41
C PHE B 676 57.24 -0.30 38.92
N GLY B 677 56.13 -0.70 39.53
CA GLY B 677 56.01 -0.57 40.98
C GLY B 677 57.11 -1.31 41.72
N ILE B 678 57.32 -2.57 41.36
CA ILE B 678 58.33 -3.39 42.03
C ILE B 678 59.73 -2.83 41.77
N SER B 679 60.02 -2.45 40.53
CA SER B 679 61.35 -1.94 40.21
C SER B 679 61.64 -0.65 40.99
N PHE B 680 60.67 0.26 41.05
CA PHE B 680 60.92 1.52 41.74
C PHE B 680 61.01 1.32 43.26
N VAL B 681 60.22 0.39 43.81
CA VAL B 681 60.36 0.07 45.23
C VAL B 681 61.74 -0.49 45.51
N LEU B 682 62.22 -1.38 44.62
CA LEU B 682 63.57 -1.90 44.77
C LEU B 682 64.60 -0.78 44.78
N CYS B 683 64.52 0.13 43.81
CA CYS B 683 65.49 1.22 43.72
C CYS B 683 65.45 2.11 44.97
N ILE B 684 64.24 2.50 45.39
CA ILE B 684 64.10 3.39 46.53
C ILE B 684 64.62 2.73 47.80
N SER B 685 64.28 1.45 48.01
CA SER B 685 64.73 0.76 49.20
C SER B 685 66.23 0.55 49.20
N CYS B 686 66.82 0.28 48.04
CA CYS B 686 68.28 0.15 47.96
C CYS B 686 68.95 1.48 48.28
N ILE B 687 68.40 2.59 47.79
CA ILE B 687 68.96 3.90 48.10
C ILE B 687 68.76 4.23 49.58
N LEU B 688 67.70 3.70 50.19
CA LEU B 688 67.34 4.06 51.56
C LEU B 688 68.41 3.70 52.57
N VAL B 689 69.33 2.81 52.23
CA VAL B 689 70.42 2.46 53.14
C VAL B 689 71.76 2.74 52.48
N LEU B 715 72.10 -7.31 57.01
CA LEU B 715 71.60 -6.06 57.57
C LEU B 715 70.87 -5.24 56.51
N GLN B 716 71.64 -4.53 55.69
CA GLN B 716 71.05 -3.71 54.63
C GLN B 716 70.32 -4.57 53.61
N PHE B 717 70.92 -5.68 53.20
CA PHE B 717 70.28 -6.58 52.25
C PHE B 717 69.00 -7.16 52.83
N LEU B 718 69.04 -7.57 54.10
CA LEU B 718 67.83 -8.06 54.76
C LEU B 718 66.74 -6.99 54.76
N LEU B 719 67.11 -5.76 55.12
CA LEU B 719 66.13 -4.68 55.21
C LEU B 719 65.49 -4.40 53.85
N VAL B 720 66.30 -4.30 52.80
CA VAL B 720 65.74 -4.00 51.49
C VAL B 720 64.87 -5.15 51.01
N PHE B 721 65.30 -6.40 51.24
CA PHE B 721 64.52 -7.54 50.81
C PHE B 721 63.15 -7.57 51.49
N LEU B 722 63.12 -7.40 52.82
CA LEU B 722 61.83 -7.45 53.50
C LEU B 722 60.96 -6.25 53.15
N CYS B 723 61.57 -5.08 52.96
CA CYS B 723 60.79 -3.89 52.61
C CYS B 723 60.15 -4.04 51.24
N THR B 724 60.88 -4.60 50.26
CA THR B 724 60.34 -4.73 48.91
C THR B 724 59.49 -5.97 48.72
N PHE B 725 59.56 -6.95 49.63
CA PHE B 725 58.75 -8.16 49.48
C PHE B 725 57.27 -7.91 49.71
N MET B 726 56.92 -6.88 50.49
CA MET B 726 55.52 -6.68 50.86
C MET B 726 54.66 -6.27 49.67
N GLN B 727 55.25 -5.65 48.65
CA GLN B 727 54.48 -5.24 47.48
C GLN B 727 54.16 -6.42 46.57
N ILE B 728 55.02 -7.44 46.56
CA ILE B 728 54.73 -8.65 45.80
C ILE B 728 53.45 -9.30 46.31
N VAL B 729 53.19 -9.19 47.62
CA VAL B 729 51.99 -9.76 48.19
C VAL B 729 50.75 -9.11 47.60
N ILE B 730 50.71 -7.78 47.59
CA ILE B 730 49.53 -7.10 47.07
C ILE B 730 49.44 -7.31 45.56
N CYS B 731 50.57 -7.42 44.86
CA CYS B 731 50.53 -7.68 43.43
C CYS B 731 49.89 -9.03 43.13
N VAL B 732 50.31 -10.07 43.85
CA VAL B 732 49.75 -11.41 43.58
C VAL B 732 48.29 -11.47 44.01
N ILE B 733 47.93 -10.79 45.12
CA ILE B 733 46.52 -10.77 45.51
C ILE B 733 45.68 -10.08 44.45
N TRP B 734 46.17 -8.97 43.89
CA TRP B 734 45.44 -8.28 42.83
C TRP B 734 45.25 -9.22 41.64
N LEU B 735 46.36 -9.82 41.18
CA LEU B 735 46.33 -10.67 39.98
C LEU B 735 45.58 -11.97 40.21
N TYR B 736 45.31 -12.37 41.44
CA TYR B 736 44.47 -13.52 41.71
C TYR B 736 43.02 -13.16 41.93
N THR B 737 42.73 -11.94 42.37
CA THR B 737 41.35 -11.54 42.67
C THR B 737 40.66 -10.90 41.47
N ALA B 738 41.26 -9.87 40.87
CA ALA B 738 40.62 -9.13 39.79
C ALA B 738 41.67 -8.63 38.81
N PRO B 739 42.19 -9.50 37.95
CA PRO B 739 43.17 -9.07 36.95
C PRO B 739 42.57 -8.10 35.97
N PRO B 740 43.30 -7.07 35.57
CA PRO B 740 42.83 -6.18 34.51
C PRO B 740 42.81 -6.88 33.17
N SER B 741 41.98 -6.38 32.26
CA SER B 741 41.80 -7.00 30.96
C SER B 741 41.64 -5.91 29.90
N SER B 742 41.81 -6.31 28.65
CA SER B 742 41.64 -5.39 27.52
C SER B 742 40.15 -5.05 27.34
N TYR B 743 39.91 -3.93 26.67
CA TYR B 743 38.55 -3.42 26.52
C TYR B 743 38.46 -2.62 25.22
N ARG B 744 37.47 -2.95 24.40
CA ARG B 744 37.19 -2.22 23.16
C ARG B 744 36.03 -1.26 23.43
N ASN B 745 36.28 0.03 23.23
CA ASN B 745 35.29 1.06 23.49
C ASN B 745 34.65 1.50 22.18
N GLN B 746 33.35 1.25 22.04
CA GLN B 746 32.59 1.67 20.87
C GLN B 746 31.43 2.59 21.27
N GLU B 747 31.59 3.30 22.38
CA GLU B 747 30.56 4.17 22.90
C GLU B 747 30.94 5.65 22.90
N LEU B 748 32.18 6.00 22.60
CA LEU B 748 32.58 7.40 22.56
C LEU B 748 32.22 8.03 21.21
N GLU B 749 32.80 7.51 20.13
CA GLU B 749 32.43 7.89 18.77
C GLU B 749 31.92 6.67 18.03
N ASP B 750 30.86 6.85 17.25
CA ASP B 750 30.20 5.73 16.58
C ASP B 750 30.93 5.26 15.33
N GLU B 751 31.97 5.96 14.89
CA GLU B 751 32.76 5.51 13.74
C GLU B 751 34.19 5.14 14.10
N ILE B 752 34.56 5.18 15.39
CA ILE B 752 35.92 4.93 15.83
C ILE B 752 35.87 3.94 16.99
N ILE B 753 36.72 2.92 16.95
CA ILE B 753 36.83 1.93 18.01
C ILE B 753 38.09 2.22 18.81
N PHE B 754 37.93 2.48 20.09
CA PHE B 754 39.06 2.71 21.00
C PHE B 754 39.28 1.44 21.81
N ILE B 755 40.49 0.89 21.73
CA ILE B 755 40.85 -0.33 22.45
C ILE B 755 41.80 0.07 23.56
N THR B 756 41.30 0.09 24.80
CA THR B 756 42.09 0.45 25.96
C THR B 756 42.02 -0.65 27.01
N CYS B 757 42.57 -0.41 28.19
CA CYS B 757 42.56 -1.36 29.28
C CYS B 757 42.02 -0.71 30.55
N HIS B 758 41.19 -1.44 31.27
CA HIS B 758 40.67 -0.99 32.56
C HIS B 758 41.28 -1.83 33.67
N GLU B 759 41.67 -1.16 34.76
CA GLU B 759 42.38 -1.84 35.83
C GLU B 759 41.49 -2.76 36.64
N GLY B 760 40.21 -2.44 36.77
CA GLY B 760 39.32 -3.23 37.59
C GLY B 760 39.24 -2.72 39.00
N SER B 761 40.01 -3.31 39.91
CA SER B 761 40.07 -2.86 41.29
C SER B 761 41.03 -1.69 41.38
N LEU B 762 40.48 -0.47 41.43
CA LEU B 762 41.32 0.73 41.56
C LEU B 762 42.02 0.80 42.91
N MET B 763 41.51 0.07 43.92
CA MET B 763 42.13 0.12 45.24
C MET B 763 43.54 -0.44 45.21
N ALA B 764 43.78 -1.50 44.43
CA ALA B 764 45.12 -2.07 44.34
C ALA B 764 46.10 -1.10 43.71
N LEU B 765 45.69 -0.43 42.63
CA LEU B 765 46.54 0.56 42.00
C LEU B 765 46.83 1.73 42.94
N GLY B 766 45.80 2.18 43.66
CA GLY B 766 46.00 3.23 44.64
C GLY B 766 46.96 2.82 45.75
N PHE B 767 46.87 1.55 46.17
CA PHE B 767 47.76 1.05 47.21
C PHE B 767 49.20 0.99 46.71
N LEU B 768 49.40 0.56 45.46
CA LEU B 768 50.75 0.57 44.88
C LEU B 768 51.30 1.99 44.84
N ILE B 769 50.48 2.94 44.39
CA ILE B 769 50.90 4.34 44.33
C ILE B 769 51.26 4.84 45.72
N GLY B 770 50.42 4.53 46.72
CA GLY B 770 50.67 5.01 48.07
C GLY B 770 51.94 4.43 48.67
N TYR B 771 52.17 3.13 48.48
CA TYR B 771 53.37 2.52 49.02
C TYR B 771 54.63 3.09 48.36
N THR B 772 54.62 3.23 47.04
CA THR B 772 55.78 3.81 46.36
C THR B 772 56.03 5.24 46.82
N CYS B 773 54.96 6.05 46.92
CA CYS B 773 55.12 7.43 47.34
C CYS B 773 55.60 7.53 48.78
N LEU B 774 55.10 6.66 49.66
CA LEU B 774 55.53 6.69 51.06
C LEU B 774 57.00 6.32 51.19
N LEU B 775 57.45 5.30 50.46
CA LEU B 775 58.86 4.94 50.51
C LEU B 775 59.72 6.07 49.97
N ALA B 776 59.29 6.69 48.87
CA ALA B 776 60.01 7.84 48.34
C ALA B 776 60.05 8.98 49.36
N ALA B 777 58.95 9.19 50.08
CA ALA B 777 58.89 10.29 51.05
C ALA B 777 59.82 10.06 52.23
N ILE B 778 59.85 8.84 52.77
CA ILE B 778 60.76 8.59 53.89
C ILE B 778 62.20 8.67 53.44
N CYS B 779 62.50 8.16 52.24
CA CYS B 779 63.86 8.29 51.72
C CYS B 779 64.24 9.76 51.53
N PHE B 780 63.31 10.56 51.01
CA PHE B 780 63.58 11.98 50.81
C PHE B 780 63.82 12.69 52.13
N PHE B 781 63.01 12.38 53.16
CA PHE B 781 63.21 13.00 54.46
C PHE B 781 64.58 12.65 55.05
N PHE B 782 64.95 11.36 54.97
CA PHE B 782 66.24 10.94 55.53
C PHE B 782 67.40 11.59 54.79
N ALA B 783 67.30 11.70 53.46
CA ALA B 783 68.37 12.33 52.70
C ALA B 783 68.39 13.85 52.87
N PHE B 784 67.22 14.45 53.14
CA PHE B 784 67.14 15.90 53.28
C PHE B 784 67.66 16.36 54.63
N LYS B 785 67.49 15.53 55.66
CA LYS B 785 67.94 15.94 56.99
C LYS B 785 69.46 16.06 57.08
N SER B 786 70.19 15.49 56.12
CA SER B 786 71.65 15.47 56.15
C SER B 786 72.23 15.84 54.78
N ARG B 787 71.72 16.91 54.18
CA ARG B 787 72.27 17.36 52.89
C ARG B 787 73.72 17.82 53.03
N LYS B 788 74.04 18.54 54.10
CA LYS B 788 75.29 19.29 54.21
C LYS B 788 76.53 18.40 54.27
N LEU B 789 76.40 17.14 54.65
CA LEU B 789 77.57 16.29 54.84
C LEU B 789 78.14 15.85 53.50
N PRO B 790 79.39 16.20 53.19
CA PRO B 790 80.03 15.72 51.94
C PRO B 790 80.75 14.39 52.14
N GLU B 791 80.00 13.35 52.50
CA GLU B 791 80.60 12.06 52.78
C GLU B 791 81.29 11.48 51.55
N ASN B 792 80.61 11.50 50.40
CA ASN B 792 81.17 10.99 49.15
C ASN B 792 80.55 11.79 48.01
N PHE B 793 81.24 12.85 47.59
CA PHE B 793 80.84 13.67 46.45
C PHE B 793 79.44 14.24 46.62
N ASN B 794 79.05 14.51 47.87
CA ASN B 794 77.74 15.07 48.19
C ASN B 794 76.62 14.24 47.60
N GLU B 795 76.62 12.94 47.94
CA GLU B 795 75.59 12.05 47.40
C GLU B 795 74.20 12.40 47.92
N ALA B 796 74.11 12.98 49.12
CA ALA B 796 72.81 13.35 49.66
C ALA B 796 72.12 14.40 48.80
N LYS B 797 72.89 15.37 48.29
CA LYS B 797 72.31 16.40 47.44
C LYS B 797 71.71 15.78 46.18
N PHE B 798 72.43 14.86 45.55
CA PHE B 798 71.94 14.22 44.34
C PHE B 798 70.74 13.32 44.63
N ILE B 799 70.73 12.64 45.78
CA ILE B 799 69.58 11.81 46.14
C ILE B 799 68.34 12.67 46.30
N THR B 800 68.48 13.81 47.01
CA THR B 800 67.35 14.72 47.16
C THR B 800 66.90 15.28 45.82
N PHE B 801 67.86 15.61 44.95
CA PHE B 801 67.54 16.08 43.61
C PHE B 801 66.70 15.04 42.85
N SER B 802 67.14 13.78 42.91
CA SER B 802 66.42 12.71 42.21
C SER B 802 65.01 12.52 42.76
N MET B 803 64.87 12.54 44.09
CA MET B 803 63.54 12.40 44.68
C MET B 803 62.63 13.56 44.27
N LEU B 804 63.17 14.78 44.27
CA LEU B 804 62.37 15.93 43.84
C LEU B 804 61.96 15.80 42.38
N ILE B 805 62.87 15.33 41.53
CA ILE B 805 62.54 15.12 40.12
C ILE B 805 61.42 14.10 39.99
N PHE B 806 61.52 12.99 40.72
CA PHE B 806 60.48 11.96 40.67
C PHE B 806 59.12 12.55 41.07
N PHE B 807 59.09 13.26 42.20
CA PHE B 807 57.84 13.85 42.65
C PHE B 807 57.30 14.90 41.69
N ILE B 808 58.17 15.60 40.97
CA ILE B 808 57.70 16.63 40.05
C ILE B 808 57.12 16.01 38.78
N VAL B 809 57.79 14.99 38.23
CA VAL B 809 57.26 14.34 37.04
C VAL B 809 55.99 13.59 37.34
N TRP B 810 55.86 13.00 38.54
CA TRP B 810 54.63 12.30 38.87
C TRP B 810 53.58 13.22 39.52
N ILE B 811 53.77 14.53 39.40
CA ILE B 811 52.70 15.50 39.62
C ILE B 811 52.28 16.16 38.31
N SER B 812 53.23 16.38 37.40
CA SER B 812 52.92 16.95 36.09
C SER B 812 52.05 16.03 35.23
N PHE B 813 51.91 14.77 35.60
CA PHE B 813 51.14 13.80 34.83
C PHE B 813 49.64 13.85 35.13
N ILE B 814 49.23 14.52 36.21
CA ILE B 814 47.84 14.51 36.67
C ILE B 814 46.87 15.09 35.64
N PRO B 815 47.10 16.29 35.07
CA PRO B 815 46.14 16.79 34.08
C PRO B 815 46.06 15.94 32.83
N ALA B 816 47.20 15.37 32.40
CA ALA B 816 47.19 14.48 31.25
C ALA B 816 46.37 13.23 31.52
N TYR B 817 46.48 12.68 32.73
CA TYR B 817 45.66 11.53 33.08
C TYR B 817 44.20 11.91 33.21
N ALA B 818 43.91 13.14 33.63
CA ALA B 818 42.53 13.52 33.93
C ALA B 818 41.74 13.87 32.67
N SER B 819 42.31 14.70 31.80
CA SER B 819 41.54 15.24 30.68
C SER B 819 42.33 15.17 29.37
N THR B 820 42.98 14.04 29.13
CA THR B 820 43.63 13.77 27.85
C THR B 820 43.40 12.31 27.45
N TYR B 821 42.15 11.86 27.59
CA TYR B 821 41.83 10.46 27.35
C TYR B 821 42.07 10.10 25.88
N GLY B 822 42.39 8.81 25.66
CA GLY B 822 42.63 8.31 24.33
C GLY B 822 43.97 7.59 24.23
N LYS B 823 44.70 7.85 23.15
CA LYS B 823 46.04 7.29 22.96
C LYS B 823 47.13 8.20 23.50
N PHE B 824 46.76 9.32 24.13
CA PHE B 824 47.74 10.23 24.70
C PHE B 824 48.05 9.96 26.16
N VAL B 825 47.17 9.21 26.86
CA VAL B 825 47.43 8.86 28.24
C VAL B 825 48.59 7.86 28.33
N SER B 826 48.63 6.90 27.40
CA SER B 826 49.71 5.92 27.41
C SER B 826 51.06 6.54 27.10
N ALA B 827 51.08 7.62 26.31
CA ALA B 827 52.35 8.24 25.95
C ALA B 827 52.97 8.99 27.13
N VAL B 828 52.15 9.75 27.86
CA VAL B 828 52.68 10.50 28.99
C VAL B 828 53.18 9.56 30.08
N GLU B 829 52.57 8.38 30.20
CA GLU B 829 53.07 7.39 31.15
C GLU B 829 54.50 6.98 30.81
N VAL B 830 54.76 6.68 29.54
CA VAL B 830 56.10 6.31 29.11
C VAL B 830 57.06 7.47 29.32
N ILE B 831 56.62 8.70 29.00
CA ILE B 831 57.49 9.86 29.16
C ILE B 831 57.87 10.04 30.63
N ALA B 832 56.90 9.92 31.53
CA ALA B 832 57.18 10.09 32.95
C ALA B 832 58.10 8.99 33.46
N ILE B 833 57.87 7.74 33.04
CA ILE B 833 58.72 6.64 33.48
C ILE B 833 60.16 6.88 33.03
N LEU B 834 60.34 7.23 31.76
CA LEU B 834 61.69 7.46 31.24
C LEU B 834 62.35 8.64 31.93
N ALA B 835 61.61 9.72 32.17
CA ALA B 835 62.19 10.88 32.83
C ALA B 835 62.63 10.54 34.25
N ALA B 836 61.80 9.82 34.99
CA ALA B 836 62.15 9.45 36.36
C ALA B 836 63.38 8.55 36.39
N SER B 837 63.42 7.54 35.51
CA SER B 837 64.56 6.63 35.48
C SER B 837 65.85 7.36 35.11
N PHE B 838 65.77 8.23 34.10
CA PHE B 838 66.94 8.99 33.67
C PHE B 838 67.42 9.91 34.79
N GLY B 839 66.49 10.57 35.48
CA GLY B 839 66.87 11.42 36.59
C GLY B 839 67.57 10.65 37.70
N LEU B 840 67.02 9.49 38.06
CA LEU B 840 67.65 8.66 39.09
C LEU B 840 69.06 8.27 38.69
N LEU B 841 69.22 7.72 37.48
CA LEU B 841 70.53 7.25 37.06
C LEU B 841 71.54 8.40 36.98
N ALA B 842 71.14 9.53 36.38
CA ALA B 842 72.05 10.65 36.24
C ALA B 842 72.44 11.24 37.59
N CYS B 843 71.48 11.32 38.52
CA CYS B 843 71.80 11.84 39.85
C CYS B 843 72.76 10.92 40.58
N ILE B 844 72.58 9.61 40.46
CA ILE B 844 73.31 8.68 41.33
C ILE B 844 74.69 8.34 40.77
N PHE B 845 74.80 7.98 39.48
CA PHE B 845 76.01 7.32 39.01
C PHE B 845 76.91 8.17 38.13
N PHE B 846 76.40 9.10 37.36
CA PHE B 846 77.29 9.78 36.39
C PHE B 846 78.47 10.44 37.09
N ASN B 847 78.26 11.26 38.10
CA ASN B 847 79.39 11.99 38.67
C ASN B 847 80.54 11.05 39.02
N LYS B 848 80.21 9.96 39.74
CA LYS B 848 81.24 8.99 40.11
C LYS B 848 81.85 8.33 38.88
N ILE B 849 81.03 8.06 37.85
CA ILE B 849 81.57 7.44 36.65
C ILE B 849 82.48 8.42 35.91
N TYR B 850 82.21 9.72 36.03
CA TYR B 850 83.07 10.71 35.40
C TYR B 850 84.39 10.84 36.14
N ILE B 851 84.36 10.78 37.47
CA ILE B 851 85.59 10.85 38.24
C ILE B 851 86.43 9.57 38.05
N ILE B 852 85.77 8.42 38.03
CA ILE B 852 86.48 7.15 37.89
C ILE B 852 87.17 7.06 36.54
N LEU B 853 86.45 7.41 35.47
CA LEU B 853 86.99 7.32 34.12
C LEU B 853 87.72 8.61 33.72
C1 NAG C . -49.94 15.23 -7.52
C2 NAG C . -49.05 16.47 -7.61
C3 NAG C . -49.16 17.31 -6.34
C4 NAG C . -50.62 17.60 -6.00
C5 NAG C . -51.38 16.26 -5.94
C6 NAG C . -52.84 16.41 -5.59
C7 NAG C . -47.04 16.24 -9.02
C8 NAG C . -45.60 15.77 -9.03
N2 NAG C . -47.69 16.10 -7.84
O3 NAG C . -48.44 18.51 -6.55
O4 NAG C . -50.64 18.26 -4.76
O5 NAG C . -51.27 15.62 -7.18
O6 NAG C . -53.43 17.36 -6.45
O7 NAG C . -47.56 16.71 -10.01
CA CA D . -65.76 -0.35 -10.07
CA CA E . -9.40 7.71 -2.16
CA CA F . -39.21 -15.02 -9.67
CA CA G . -38.53 -16.11 2.26
N TRP H . -34.77 -7.88 -4.90
CA TRP H . -34.60 -9.29 -5.23
C TRP H . -34.15 -9.45 -6.67
O TRP H . -34.16 -8.50 -7.44
CB TRP H . -35.90 -10.07 -4.99
CG TRP H . -36.41 -10.03 -3.57
CD1 TRP H . -36.66 -8.92 -2.81
CD2 TRP H . -36.72 -11.17 -2.75
NE1 TRP H . -37.10 -9.30 -1.57
CE2 TRP H . -37.15 -10.66 -1.51
CE3 TRP H . -36.67 -12.54 -2.94
CZ2 TRP H . -37.54 -11.51 -0.47
CZ3 TRP H . -37.05 -13.37 -1.92
CH2 TRP H . -37.48 -12.86 -0.69
OXT TRP H . -33.76 -10.54 -7.10
P PO4 I . -43.59 -9.60 2.97
O1 PO4 I . -42.13 -9.02 2.96
O2 PO4 I . -43.63 -10.88 3.85
O3 PO4 I . -44.57 -8.52 3.53
O4 PO4 I . -44.01 -9.97 1.50
C10 A1ATP J . 52.33 33.95 28.37
C15 A1ATP J . 47.59 29.29 25.47
C20 A1ATP J . 47.17 27.31 23.80
C21 A1ATP J . 45.82 27.50 23.51
C22 A1ATP J . 45.16 26.65 22.64
C24 A1ATP J . 47.18 25.38 22.32
C01 A1ATP J . 48.81 34.68 26.16
C03 A1ATP J . 47.69 33.90 28.16
C04 A1ATP J . 47.76 33.08 29.44
C05 A1ATP J . 47.90 31.59 29.24
C06 A1ATP J . 49.08 31.12 28.38
C07 A1ATP J . 50.22 32.11 28.39
C08 A1ATP J . 50.06 33.39 27.81
C09 A1ATP J . 51.11 34.30 27.81
C11 A1ATP J . 52.50 32.71 28.94
C12 A1ATP J . 51.45 31.80 28.95
C14 A1ATP J . 48.47 29.45 26.68
C16 A1ATP J . 48.03 28.08 24.68
C19 A1ATP J . 47.84 26.23 23.20
C23 A1ATP J . 45.83 25.60 22.05
N02 A1ATP J . 48.82 33.70 27.24
N13 A1ATP J . 48.62 30.88 27.01
N17 A1ATP J . 49.31 27.57 24.70
S18 A1ATP J . 49.47 26.23 23.72
CA CA K . -1.03 -9.76 -3.90
C1 NAG L . -37.51 8.98 5.67
C2 NAG L . -38.89 9.64 5.62
C3 NAG L . -38.79 11.11 6.02
C4 NAG L . -38.14 11.21 7.39
C5 NAG L . -36.78 10.51 7.35
C6 NAG L . -36.05 10.52 8.67
C7 NAG L . -40.67 8.92 4.07
C8 NAG L . -41.12 8.92 2.63
N2 NAG L . -39.49 9.53 4.31
O3 NAG L . -40.07 11.66 6.00
O4 NAG L . -38.02 12.57 7.71
O5 NAG L . -36.96 9.17 6.95
O6 NAG L . -36.71 9.67 9.59
O7 NAG L . -41.36 8.42 4.95
C1 NAG M . -9.19 0.73 11.64
C2 NAG M . -8.82 1.45 12.96
C3 NAG M . -9.40 2.86 13.01
C4 NAG M . -9.03 3.63 11.75
C5 NAG M . -9.51 2.82 10.55
C6 NAG M . -9.21 3.50 9.22
C7 NAG M . -8.56 0.51 15.24
C8 NAG M . -9.27 -0.27 16.31
N2 NAG M . -9.28 0.72 14.12
O3 NAG M . -8.94 3.49 14.17
O4 NAG M . -9.66 4.89 11.83
O5 NAG M . -8.88 1.56 10.56
O6 NAG M . -7.84 3.78 9.14
O7 NAG M . -7.42 0.92 15.39
C1 NAG N . -12.64 -38.04 -31.15
C2 NAG N . -12.28 -38.68 -29.81
C3 NAG N . -10.78 -38.92 -29.70
C4 NAG N . -10.26 -39.67 -30.92
C5 NAG N . -10.68 -38.92 -32.18
C6 NAG N . -10.23 -39.59 -33.46
C7 NAG N . -12.42 -36.65 -28.35
C8 NAG N . -13.11 -36.12 -27.13
N2 NAG N . -12.76 -37.91 -28.69
O3 NAG N . -10.52 -39.61 -28.51
O4 NAG N . -8.86 -39.76 -30.80
O5 NAG N . -12.09 -38.82 -32.21
O6 NAG N . -10.71 -40.91 -33.51
O7 NAG N . -11.62 -35.96 -28.98
C1 NAG O . -1.59 -23.23 -31.21
C2 NAG O . -1.94 -24.47 -32.03
C3 NAG O . -0.99 -25.60 -31.66
C4 NAG O . 0.47 -25.17 -31.85
C5 NAG O . 0.71 -23.86 -31.09
C6 NAG O . 2.10 -23.30 -31.28
C7 NAG O . -4.22 -24.93 -32.85
C8 NAG O . -5.59 -25.38 -32.45
N2 NAG O . -3.31 -24.87 -31.86
O3 NAG O . -1.31 -26.69 -32.48
O4 NAG O . 1.28 -26.21 -31.36
O5 NAG O . -0.24 -22.88 -31.48
O6 NAG O . 2.14 -21.99 -30.75
O7 NAG O . -3.94 -24.64 -34.01
N TRP P . -17.95 -11.44 -28.94
CA TRP P . -18.86 -10.32 -29.10
C TRP P . -20.02 -10.42 -28.10
O TRP P . -20.18 -11.43 -27.43
CB TRP P . -19.40 -10.25 -30.53
CG TRP P . -18.36 -10.06 -31.59
CD1 TRP P . -17.23 -10.80 -31.79
CD2 TRP P . -18.35 -9.05 -32.60
NE1 TRP P . -16.52 -10.31 -32.86
CE2 TRP P . -17.19 -9.24 -33.38
CE3 TRP P . -19.21 -7.99 -32.93
CZ2 TRP P . -16.87 -8.42 -34.46
CZ3 TRP P . -18.90 -7.19 -34.01
CH2 TRP P . -17.73 -7.40 -34.76
OXT TRP P . -20.80 -9.49 -27.95
CA CA Q . -26.68 -34.48 -49.20
CA CA R . -26.96 -10.65 -34.62
CA CA S . -17.64 -4.14 -37.60
P PO4 T . -14.74 -11.98 -40.50
O1 PO4 T . -14.21 -11.75 -39.05
O2 PO4 T . -14.95 -10.58 -41.19
O3 PO4 T . -16.10 -12.76 -40.45
O4 PO4 T . -13.69 -12.82 -41.33
C10 A1ATP U . 54.45 4.30 40.97
C15 A1ATP U . 49.47 6.03 37.15
C20 A1ATP U . 49.20 8.01 38.86
C21 A1ATP U . 50.52 8.22 39.22
C22 A1ATP U . 50.85 9.21 40.13
C24 A1ATP U . 48.54 9.81 40.36
C01 A1ATP U . 52.21 1.04 39.50
C03 A1ATP U . 53.21 1.62 37.37
C04 A1ATP U . 52.80 2.33 36.11
C05 A1ATP U . 52.97 3.85 36.13
C06 A1ATP U . 52.27 4.58 37.27
C07 A1ATP U . 53.03 4.49 38.58
C08 A1ATP U . 53.18 3.25 39.21
C09 A1ATP U . 53.89 3.16 40.41
C11 A1ATP U . 54.30 5.52 40.35
C12 A1ATP U . 53.60 5.62 39.17
C14 A1ATP U . 49.98 4.96 38.10
C16 A1ATP U . 48.64 7.04 37.93
C19 A1ATP U . 48.20 8.81 39.45
C23 A1ATP U . 49.87 10.00 40.71
N02 A1ATP U . 52.60 2.12 38.61
N13 A1ATP U . 50.89 4.06 37.39
N17 A1ATP U . 47.27 7.14 37.84
S18 A1ATP U . 46.67 8.34 38.83
C1 NAG V . 7.70 -1.44 -13.17
C2 NAG V . 8.54 -0.15 -13.14
C3 NAG V . 9.23 0.05 -11.79
C4 NAG V . 8.27 -0.23 -10.63
C5 NAG V . 7.67 -1.62 -10.81
C6 NAG V . 6.78 -2.01 -9.64
C7 NAG V . 10.06 0.92 -14.76
C8 NAG V . 11.06 0.63 -15.85
N2 NAG V . 9.51 -0.17 -14.20
O3 NAG V . 9.74 1.36 -11.78
O4 NAG V . 9.02 -0.14 -9.44
O5 NAG V . 6.93 -1.64 -12.01
O6 NAG V . 6.21 -3.28 -9.86
O7 NAG V . 9.79 2.06 -14.42
#